data_4DWK
#
_entry.id   4DWK
#
_cell.length_a   261.511
_cell.length_b   261.511
_cell.length_c   91.721
_cell.angle_alpha   90.00
_cell.angle_beta   90.00
_cell.angle_gamma   120.00
#
_symmetry.space_group_name_H-M   'P 65'
#
loop_
_entity.id
_entity.type
_entity.pdbx_description
1 polymer 'Insulin-degrading enzyme'
2 non-polymer 'methyl N-(carboxymethyl)-N-(3-phenylpropyl)glycyl-L-histidinate'
3 non-polymer 'ZINC ION'
4 water water
#
_entity_poly.entity_id   1
_entity_poly.type   'polypeptide(L)'
_entity_poly.pdbx_seq_one_letter_code
;MHHHHHHAAGIPMNNPAIKRIGNHITKSPEDKREYRGLELANGIKVLLISDPTTDKSSAALDVHIGSLSDPPNIAGLSHF
LQHMLFLGTKKYPKENEYSQFLSEHAGSSNAFTSGEHTNYYFDVSHEHLEGALDRFAQFFLSPLFDESAKDREVNAVDSE
HEKNVMNDAWRLFQLEKATGNPKHPFSKFGTGNKYTLETRPNQEGIDVRQELLKFHSAYYSSNLMAVVVLGRESLDDLTN
LVVKLFSEVENKNVPLPEFPEHPFQEEHLKQLYKIVPIKDIRNLYVTFPIPDLQKYYKSNPGHYLGHLIGHEGPGSLLSE
LKSKGWVNTLVGGQKEGARGFMFFIINVDLTEEGLLHVEDIILHMFQYIQKLRAEGPQEWVFQELKDLNAVAFRFKDKER
PRGYTSKIAGILHYYPLEEVLTAEYLLEEFRPDLIEMVLDKLRPENVRVAIVSKSFEGKTDRTEEWYGTQYKQEAIPDEV
IKKWQNADLNGKFKLPTKNEFIPTNFEILPLEKEATPYPALIKDTAMSKLWFKQDDKFFLPKANLNFEFFSPFAYVDPLH
SNMAYLYLELLKDSLNEYAYAAELAGLSYDLQNTIYGMYLSVKGYNDKQPILLKKIIEKMATFEIDEKRFEIIKEAYMRS
LNNFRAEQPHQHAMYYLRLLMTEVAWTKDELKEALDDVTLPRLKAFIPQLLSRLHIEALLHGNITKQAALGIMQMVEDTL
IEHAHTKPLLPSQLVRYREVQLPDRGWFVYQQRNEVHNNSGIEIYYQTDMQSTSENMFLELFAQIISEPAFNTLRTKEQL
GYIVFSGPRRANGIQGLRFIIQSEKPPHYLESRVEAFLITMEKSIEDMTEEAFQKHIQALAIRRLDKPKKLSAESAKYWG
EIISQQYNFDRDNTEVAYLKTLTKEDIIKFYKEMLAVDAPRRHKVSVHVLAREMDSNPVVGEFPAQNDINLSQAPALPQP
EVIQNMTEFKRGLPLFPLVKPHINFMAAKL
;
_entity_poly.pdbx_strand_id   A,B
#
loop_
_chem_comp.id
_chem_comp.type
_chem_comp.name
_chem_comp.formula
MGK non-polymer 'methyl N-(carboxymethyl)-N-(3-phenylpropyl)glycyl-L-histidinate' 'C20 H26 N4 O5'
ZN non-polymer 'ZINC ION' 'Zn 2'
#
# COMPACT_ATOMS: atom_id res chain seq x y z
N MET A 13 -11.88 -30.83 -25.18
CA MET A 13 -11.88 -31.94 -24.17
C MET A 13 -10.78 -31.71 -23.08
N ASN A 14 -10.51 -32.76 -22.29
CA ASN A 14 -9.95 -32.62 -20.92
C ASN A 14 -8.78 -31.63 -20.62
N ASN A 15 -9.05 -30.70 -19.68
CA ASN A 15 -8.04 -29.88 -18.98
C ASN A 15 -7.24 -30.78 -18.02
N PRO A 16 -5.89 -30.65 -18.05
CA PRO A 16 -5.02 -31.40 -17.15
C PRO A 16 -5.26 -31.12 -15.66
N ALA A 17 -5.61 -29.87 -15.34
CA ALA A 17 -5.74 -29.33 -13.97
C ALA A 17 -7.02 -29.70 -13.22
N ILE A 18 -8.01 -30.16 -13.96
CA ILE A 18 -9.27 -30.51 -13.38
C ILE A 18 -9.39 -32.02 -13.41
N LYS A 19 -9.60 -32.67 -12.25
CA LYS A 19 -9.88 -34.13 -12.24
C LYS A 19 -11.27 -34.45 -12.80
N ARG A 20 -12.31 -33.71 -12.40
CA ARG A 20 -13.64 -33.84 -12.99
C ARG A 20 -14.52 -32.60 -12.73
N ILE A 21 -15.66 -32.56 -13.43
CA ILE A 21 -16.55 -31.41 -13.39
C ILE A 21 -18.01 -31.77 -13.35
N GLY A 22 -18.34 -33.04 -13.34
CA GLY A 22 -19.74 -33.42 -13.15
C GLY A 22 -20.12 -32.77 -11.82
N ASN A 23 -21.41 -32.81 -11.47
CA ASN A 23 -22.46 -32.98 -12.46
C ASN A 23 -23.45 -31.88 -12.66
N HIS A 24 -24.47 -31.81 -11.80
CA HIS A 24 -25.36 -30.65 -11.75
C HIS A 24 -25.80 -30.47 -10.31
N ILE A 25 -25.32 -29.40 -9.67
CA ILE A 25 -25.57 -29.16 -8.25
C ILE A 25 -27.05 -28.95 -8.02
N THR A 26 -27.65 -29.63 -7.04
CA THR A 26 -29.08 -29.52 -6.85
C THR A 26 -29.34 -28.32 -6.00
N LYS A 27 -30.02 -27.32 -6.56
CA LYS A 27 -30.36 -26.14 -5.80
C LYS A 27 -31.85 -25.96 -5.66
N SER A 28 -32.30 -25.10 -4.74
CA SER A 28 -33.75 -24.79 -4.65
C SER A 28 -34.21 -24.17 -5.92
N PRO A 29 -35.44 -24.47 -6.36
CA PRO A 29 -35.90 -23.88 -7.64
C PRO A 29 -36.07 -22.38 -7.51
N GLU A 30 -36.26 -21.89 -6.29
CA GLU A 30 -36.23 -20.46 -5.98
C GLU A 30 -34.85 -19.78 -6.16
N ASP A 31 -33.77 -20.55 -6.03
CA ASP A 31 -32.40 -20.04 -5.99
C ASP A 31 -31.94 -19.64 -7.38
N LYS A 32 -31.83 -18.34 -7.58
CA LYS A 32 -31.50 -17.78 -8.88
C LYS A 32 -29.99 -17.95 -9.19
N ARG A 33 -29.17 -18.27 -8.18
CA ARG A 33 -27.71 -18.39 -8.35
C ARG A 33 -27.30 -19.59 -9.26
N GLU A 34 -26.15 -19.48 -9.91
CA GLU A 34 -25.64 -20.54 -10.74
C GLU A 34 -24.43 -21.21 -10.09
N TYR A 35 -24.31 -22.53 -10.25
CA TYR A 35 -23.34 -23.32 -9.50
C TYR A 35 -22.56 -24.33 -10.29
N ARG A 36 -21.25 -24.31 -10.17
CA ARG A 36 -20.50 -25.45 -10.69
C ARG A 36 -19.62 -26.09 -9.62
N GLY A 37 -19.84 -27.40 -9.40
CA GLY A 37 -19.01 -28.23 -8.55
C GLY A 37 -17.86 -28.81 -9.39
N LEU A 38 -16.68 -28.97 -8.79
CA LEU A 38 -15.57 -29.61 -9.50
C LEU A 38 -14.39 -30.05 -8.61
N GLU A 39 -13.46 -30.83 -9.14
CA GLU A 39 -12.33 -31.34 -8.36
C GLU A 39 -11.05 -31.05 -9.09
N LEU A 40 -10.15 -30.36 -8.43
CA LEU A 40 -8.91 -30.04 -9.09
C LEU A 40 -8.01 -31.29 -9.31
N ALA A 41 -6.97 -31.18 -10.12
CA ALA A 41 -6.08 -32.35 -10.24
C ALA A 41 -5.31 -32.63 -8.93
N ASN A 42 -5.09 -31.59 -8.12
CA ASN A 42 -4.43 -31.81 -6.84
C ASN A 42 -5.33 -32.34 -5.74
N GLY A 43 -6.62 -32.53 -6.04
CA GLY A 43 -7.55 -33.13 -5.09
C GLY A 43 -8.43 -32.19 -4.29
N ILE A 44 -8.31 -30.88 -4.52
CA ILE A 44 -9.12 -29.85 -3.87
C ILE A 44 -10.51 -29.96 -4.45
N LYS A 45 -11.50 -30.07 -3.56
CA LYS A 45 -12.89 -30.09 -4.00
C LYS A 45 -13.31 -28.64 -4.04
N VAL A 46 -14.05 -28.26 -5.08
CA VAL A 46 -14.38 -26.86 -5.31
C VAL A 46 -15.83 -26.63 -5.77
N LEU A 47 -16.54 -25.70 -5.11
CA LEU A 47 -17.84 -25.21 -5.62
C LEU A 47 -17.70 -23.80 -6.15
N LEU A 48 -18.19 -23.53 -7.36
CA LEU A 48 -18.26 -22.13 -7.80
C LEU A 48 -19.66 -21.58 -7.75
N ILE A 49 -19.79 -20.35 -7.31
CA ILE A 49 -21.09 -19.74 -7.30
C ILE A 49 -21.05 -18.44 -8.08
N SER A 50 -21.85 -18.38 -9.14
CA SER A 50 -22.06 -17.15 -9.88
C SER A 50 -23.35 -16.54 -9.51
N ASP A 51 -23.29 -15.33 -8.97
CA ASP A 51 -24.48 -14.50 -8.78
C ASP A 51 -24.23 -13.11 -9.38
N PRO A 52 -24.72 -12.88 -10.62
CA PRO A 52 -24.41 -11.58 -11.25
C PRO A 52 -25.08 -10.38 -10.63
N THR A 53 -25.92 -10.57 -9.63
CA THR A 53 -26.45 -9.42 -8.86
C THR A 53 -25.63 -9.01 -7.61
N THR A 54 -24.67 -9.83 -7.18
CA THR A 54 -24.14 -9.64 -5.82
C THR A 54 -23.27 -8.40 -5.69
N ASP A 55 -23.33 -7.73 -4.54
CA ASP A 55 -22.50 -6.56 -4.36
C ASP A 55 -21.21 -6.91 -3.76
N LYS A 56 -21.19 -7.87 -2.87
CA LYS A 56 -19.90 -8.42 -2.43
C LYS A 56 -19.60 -9.79 -3.05
N SER A 57 -18.34 -10.06 -3.39
CA SER A 57 -17.94 -11.41 -3.71
C SER A 57 -17.31 -12.08 -2.47
N SER A 58 -17.14 -13.38 -2.51
CA SER A 58 -16.64 -14.07 -1.37
C SER A 58 -15.83 -15.32 -1.71
N ALA A 59 -14.92 -15.74 -0.84
CA ALA A 59 -14.31 -17.08 -1.02
C ALA A 59 -13.92 -17.63 0.31
N ALA A 60 -13.72 -18.94 0.32
CA ALA A 60 -13.41 -19.65 1.56
C ALA A 60 -12.64 -20.90 1.26
N LEU A 61 -11.74 -21.25 2.18
CA LEU A 61 -11.01 -22.47 2.08
C LEU A 61 -11.17 -23.15 3.43
N ASP A 62 -11.35 -24.46 3.39
CA ASP A 62 -11.45 -25.25 4.59
C ASP A 62 -10.46 -26.38 4.44
N VAL A 63 -9.61 -26.57 5.44
CA VAL A 63 -8.65 -27.65 5.39
C VAL A 63 -9.10 -28.58 6.44
N HIS A 64 -9.08 -29.85 6.08
CA HIS A 64 -9.55 -30.84 7.02
C HIS A 64 -8.48 -31.24 8.05
N ILE A 65 -7.72 -30.27 8.55
CA ILE A 65 -6.98 -30.54 9.73
C ILE A 65 -7.40 -29.55 10.79
N GLY A 66 -7.27 -29.91 12.06
CA GLY A 66 -7.53 -28.98 13.15
C GLY A 66 -6.88 -29.41 14.45
N SER A 67 -7.35 -28.87 15.57
CA SER A 67 -6.58 -28.96 16.80
C SER A 67 -6.39 -30.38 17.26
N LEU A 68 -7.22 -31.31 16.77
CA LEU A 68 -7.09 -32.70 17.19
C LEU A 68 -5.77 -33.29 16.69
N SER A 69 -5.22 -32.68 15.64
CA SER A 69 -3.94 -33.06 15.05
C SER A 69 -2.78 -32.24 15.58
N ASP A 70 -2.97 -31.58 16.71
CA ASP A 70 -1.87 -30.80 17.26
C ASP A 70 -0.75 -31.71 17.77
N PRO A 71 0.52 -31.30 17.59
CA PRO A 71 1.54 -32.07 18.27
C PRO A 71 1.18 -32.13 19.76
N PRO A 72 1.40 -33.30 20.40
CA PRO A 72 1.08 -33.45 21.85
C PRO A 72 1.87 -32.50 22.66
N ASN A 73 3.08 -32.19 22.25
CA ASN A 73 3.93 -31.33 23.05
C ASN A 73 3.85 -29.86 22.71
N ILE A 74 2.96 -29.44 21.80
CA ILE A 74 2.72 -28.00 21.46
C ILE A 74 1.21 -27.64 21.24
N ALA A 75 0.43 -27.71 22.32
CA ALA A 75 -1.00 -27.56 22.23
C ALA A 75 -1.39 -26.19 21.65
N GLY A 76 -2.30 -26.22 20.69
CA GLY A 76 -2.81 -25.01 20.07
C GLY A 76 -1.99 -24.58 18.84
N LEU A 77 -1.06 -25.42 18.39
CA LEU A 77 -0.28 -25.06 17.23
C LEU A 77 -1.15 -24.79 15.98
N SER A 78 -2.17 -25.59 15.71
CA SER A 78 -2.93 -25.28 14.51
C SER A 78 -3.79 -24.00 14.63
N HIS A 79 -4.36 -23.74 15.81
CA HIS A 79 -5.06 -22.45 16.05
C HIS A 79 -4.05 -21.34 15.83
N PHE A 80 -2.83 -21.55 16.27
CA PHE A 80 -1.80 -20.53 16.11
C PHE A 80 -1.42 -20.34 14.64
N LEU A 81 -1.37 -21.43 13.90
CA LEU A 81 -0.99 -21.33 12.51
C LEU A 81 -2.04 -20.48 11.81
N GLN A 82 -3.30 -20.67 12.19
CA GLN A 82 -4.41 -19.99 11.56
C GLN A 82 -4.25 -18.51 11.79
N HIS A 83 -3.83 -18.15 13.00
CA HIS A 83 -3.64 -16.75 13.29
C HIS A 83 -2.58 -16.18 12.32
N MET A 84 -1.61 -17.02 11.94
CA MET A 84 -0.38 -16.53 11.29
C MET A 84 -0.49 -16.35 9.79
N LEU A 85 -1.30 -17.15 9.10
CA LEU A 85 -1.36 -16.99 7.63
C LEU A 85 -1.76 -15.56 7.17
N PHE A 86 -2.41 -14.84 8.08
CA PHE A 86 -2.87 -13.49 7.81
C PHE A 86 -1.72 -12.46 7.76
N LEU A 87 -0.59 -12.84 8.32
CA LEU A 87 0.45 -11.88 8.56
C LEU A 87 1.60 -11.91 7.57
N GLY A 88 1.35 -12.35 6.33
CA GLY A 88 2.37 -12.25 5.29
C GLY A 88 2.70 -13.55 4.55
N THR A 89 2.82 -13.44 3.25
CA THR A 89 3.22 -14.58 2.47
C THR A 89 4.38 -14.09 1.58
N LYS A 90 4.95 -15.00 0.75
CA LYS A 90 6.15 -14.72 -0.05
C LYS A 90 5.85 -13.66 -1.09
N LYS A 91 4.73 -13.88 -1.79
CA LYS A 91 4.27 -13.07 -2.91
C LYS A 91 3.68 -11.69 -2.41
N TYR A 92 3.08 -11.66 -1.21
CA TYR A 92 2.59 -10.41 -0.58
C TYR A 92 3.10 -10.29 0.83
N PRO A 93 4.35 -9.79 0.98
CA PRO A 93 4.99 -9.94 2.29
C PRO A 93 4.63 -8.86 3.31
N LYS A 94 3.84 -7.84 2.95
CA LYS A 94 3.53 -6.84 3.97
C LYS A 94 2.73 -7.44 5.12
N GLU A 95 3.18 -7.29 6.36
CA GLU A 95 2.47 -7.94 7.48
C GLU A 95 0.95 -7.87 7.34
N ASN A 96 0.43 -6.73 6.89
CA ASN A 96 -1.01 -6.57 6.77
C ASN A 96 -1.57 -6.29 5.39
N GLU A 97 -0.81 -6.62 4.34
CA GLU A 97 -1.30 -6.45 2.97
C GLU A 97 -2.72 -6.96 2.75
N TYR A 98 -2.99 -8.15 3.26
CA TYR A 98 -4.25 -8.85 3.07
C TYR A 98 -5.37 -8.08 3.72
N SER A 99 -5.20 -7.83 5.01
CA SER A 99 -6.30 -7.19 5.68
C SER A 99 -6.51 -5.73 5.21
N GLN A 100 -5.44 -5.03 4.85
CA GLN A 100 -5.61 -3.69 4.29
C GLN A 100 -6.25 -3.68 2.89
N PHE A 101 -5.83 -4.61 2.05
CA PHE A 101 -6.51 -4.76 0.77
C PHE A 101 -8.03 -4.91 0.94
N LEU A 102 -8.43 -5.70 1.91
CA LEU A 102 -9.84 -5.93 2.16
C LEU A 102 -10.56 -4.63 2.61
N SER A 103 -9.96 -3.93 3.56
CA SER A 103 -10.54 -2.75 4.17
C SER A 103 -10.82 -1.66 3.15
N GLU A 104 -9.87 -1.47 2.22
CA GLU A 104 -9.93 -0.48 1.17
C GLU A 104 -10.77 -0.94 0.03
N HIS A 105 -11.34 -2.13 0.18
CA HIS A 105 -12.21 -2.62 -0.86
C HIS A 105 -13.49 -3.20 -0.31
N ALA A 106 -13.92 -2.70 0.83
CA ALA A 106 -15.17 -3.13 1.45
C ALA A 106 -15.22 -4.64 1.75
N GLY A 107 -14.08 -5.18 2.18
CA GLY A 107 -14.01 -6.57 2.57
C GLY A 107 -13.85 -6.74 4.06
N SER A 108 -13.94 -8.00 4.47
CA SER A 108 -13.72 -8.39 5.84
C SER A 108 -13.36 -9.86 5.73
N SER A 109 -12.83 -10.39 6.83
CA SER A 109 -12.34 -11.74 6.77
C SER A 109 -12.10 -12.29 8.16
N ASN A 110 -12.39 -13.58 8.36
CA ASN A 110 -12.00 -14.30 9.57
C ASN A 110 -11.66 -15.75 9.30
N ALA A 111 -11.29 -16.45 10.36
CA ALA A 111 -10.97 -17.88 10.32
C ALA A 111 -11.43 -18.47 11.62
N PHE A 112 -11.51 -19.81 11.69
CA PHE A 112 -11.69 -20.49 12.98
C PHE A 112 -11.04 -21.84 12.86
N THR A 113 -10.76 -22.48 14.01
CA THR A 113 -10.22 -23.83 14.03
C THR A 113 -11.07 -24.73 14.91
N SER A 114 -11.75 -25.75 14.37
CA SER A 114 -12.38 -26.79 15.22
C SER A 114 -11.36 -27.90 15.33
N GLY A 115 -11.68 -29.04 15.94
CA GLY A 115 -10.67 -30.10 16.06
C GLY A 115 -10.28 -30.78 14.74
N GLU A 116 -11.06 -30.57 13.69
CA GLU A 116 -10.77 -31.22 12.43
C GLU A 116 -10.71 -30.24 11.29
N HIS A 117 -11.00 -28.98 11.56
CA HIS A 117 -11.05 -28.02 10.45
C HIS A 117 -10.37 -26.76 10.75
N THR A 118 -9.67 -26.26 9.75
CA THR A 118 -9.30 -24.87 9.80
C THR A 118 -9.93 -24.20 8.59
N ASN A 119 -10.65 -23.10 8.85
CA ASN A 119 -11.60 -22.55 7.91
C ASN A 119 -11.40 -21.04 7.76
N TYR A 120 -11.22 -20.59 6.52
CA TYR A 120 -10.73 -19.24 6.20
C TYR A 120 -11.68 -18.63 5.21
N TYR A 121 -12.14 -17.42 5.51
CA TYR A 121 -13.12 -16.83 4.59
C TYR A 121 -12.93 -15.33 4.50
N PHE A 122 -13.25 -14.76 3.34
CA PHE A 122 -13.31 -13.32 3.24
C PHE A 122 -14.46 -12.90 2.35
N ASP A 123 -14.83 -11.61 2.43
CA ASP A 123 -15.57 -10.93 1.34
C ASP A 123 -14.93 -9.59 0.86
N VAL A 124 -15.20 -9.25 -0.38
CA VAL A 124 -14.64 -8.04 -0.93
C VAL A 124 -15.70 -7.47 -1.86
N SER A 125 -15.58 -6.19 -2.21
CA SER A 125 -16.41 -5.56 -3.25
C SER A 125 -16.39 -6.41 -4.51
N HIS A 126 -17.50 -6.52 -5.21
CA HIS A 126 -17.62 -7.55 -6.23
C HIS A 126 -16.57 -7.43 -7.30
N GLU A 127 -16.17 -6.18 -7.50
CA GLU A 127 -15.19 -5.75 -8.47
C GLU A 127 -13.76 -6.15 -8.20
N HIS A 128 -13.45 -6.73 -7.06
CA HIS A 128 -12.08 -6.99 -6.70
C HIS A 128 -11.92 -8.40 -6.18
N LEU A 129 -12.75 -9.32 -6.62
CA LEU A 129 -12.64 -10.69 -6.19
C LEU A 129 -11.24 -11.19 -6.35
N GLU A 130 -10.76 -11.10 -7.58
CA GLU A 130 -9.45 -11.59 -8.00
C GLU A 130 -8.27 -11.10 -7.14
N GLY A 131 -8.16 -9.79 -6.95
CA GLY A 131 -7.15 -9.21 -6.09
C GLY A 131 -7.22 -9.81 -4.71
N ALA A 132 -8.42 -9.84 -4.15
CA ALA A 132 -8.61 -10.50 -2.85
C ALA A 132 -8.16 -11.98 -2.87
N LEU A 133 -8.64 -12.72 -3.86
CA LEU A 133 -8.48 -14.16 -3.89
C LEU A 133 -7.00 -14.56 -4.06
N ASP A 134 -6.29 -13.73 -4.81
CA ASP A 134 -4.88 -13.94 -5.10
C ASP A 134 -4.05 -13.78 -3.79
N ARG A 135 -4.25 -12.69 -3.07
CA ARG A 135 -3.66 -12.56 -1.76
C ARG A 135 -4.09 -13.74 -0.90
N PHE A 136 -5.37 -14.08 -0.92
CA PHE A 136 -5.87 -15.20 -0.15
C PHE A 136 -5.16 -16.49 -0.51
N ALA A 137 -5.02 -16.83 -1.79
CA ALA A 137 -4.43 -18.13 -2.11
C ALA A 137 -3.03 -18.27 -1.45
N GLN A 138 -2.31 -17.18 -1.27
CA GLN A 138 -0.93 -17.36 -0.84
C GLN A 138 -0.84 -17.95 0.57
N PHE A 139 -1.88 -17.82 1.37
CA PHE A 139 -1.85 -18.39 2.71
C PHE A 139 -1.51 -19.84 2.60
N PHE A 140 -1.89 -20.43 1.47
CA PHE A 140 -1.86 -21.87 1.34
C PHE A 140 -0.70 -22.32 0.50
N LEU A 141 0.15 -21.35 0.19
CA LEU A 141 1.26 -21.59 -0.71
C LEU A 141 2.61 -21.31 -0.08
N SER A 142 2.83 -20.08 0.40
CA SER A 142 4.12 -19.72 1.00
C SER A 142 3.96 -18.63 2.09
N PRO A 143 3.25 -18.93 3.19
CA PRO A 143 3.20 -18.04 4.35
C PRO A 143 4.59 -17.68 4.87
N LEU A 144 4.87 -16.46 5.28
CA LEU A 144 6.22 -16.20 5.87
C LEU A 144 6.51 -16.74 7.29
N PHE A 145 5.50 -16.89 8.13
CA PHE A 145 5.68 -17.02 9.58
C PHE A 145 6.82 -16.19 10.12
N ASP A 146 6.75 -14.87 9.89
CA ASP A 146 7.82 -13.95 10.32
C ASP A 146 8.17 -14.14 11.79
N GLU A 147 9.47 -14.14 12.12
CA GLU A 147 9.88 -14.33 13.51
C GLU A 147 9.24 -13.26 14.39
N SER A 148 9.24 -12.02 13.91
CA SER A 148 8.79 -10.88 14.71
C SER A 148 7.23 -10.84 14.92
N ALA A 149 6.49 -11.26 13.87
CA ALA A 149 5.04 -11.44 13.91
C ALA A 149 4.70 -12.53 14.88
N LYS A 150 5.35 -13.68 14.77
CA LYS A 150 5.10 -14.78 15.69
C LYS A 150 5.22 -14.36 17.15
N ASP A 151 6.29 -13.65 17.47
CA ASP A 151 6.45 -13.12 18.84
C ASP A 151 5.30 -12.27 19.32
N ARG A 152 4.77 -11.41 18.44
CA ARG A 152 3.74 -10.53 18.83
C ARG A 152 2.46 -11.35 18.90
N GLU A 153 2.18 -12.08 17.84
CA GLU A 153 0.88 -12.69 17.69
C GLU A 153 0.49 -13.70 18.75
N VAL A 154 1.48 -14.39 19.32
CA VAL A 154 1.27 -15.34 20.41
C VAL A 154 0.49 -14.67 21.53
N ASN A 155 0.61 -13.35 21.65
CA ASN A 155 -0.15 -12.65 22.68
C ASN A 155 -1.62 -12.56 22.36
N ALA A 156 -1.92 -12.32 21.10
CA ALA A 156 -3.31 -12.28 20.70
C ALA A 156 -3.94 -13.63 21.09
N VAL A 157 -3.20 -14.73 20.92
CA VAL A 157 -3.79 -16.02 21.28
C VAL A 157 -3.91 -16.20 22.81
N ASP A 158 -2.88 -15.80 23.53
CA ASP A 158 -3.03 -15.76 24.97
C ASP A 158 -4.26 -14.98 25.47
N SER A 159 -4.52 -13.81 24.87
CA SER A 159 -5.76 -13.07 25.10
C SER A 159 -7.02 -13.84 24.71
N GLU A 160 -7.04 -14.42 23.49
CA GLU A 160 -8.20 -15.17 22.93
C GLU A 160 -8.53 -16.13 24.08
N HIS A 161 -7.51 -16.76 24.66
CA HIS A 161 -7.77 -17.69 25.74
C HIS A 161 -8.20 -17.07 27.06
N GLU A 162 -7.58 -15.99 27.53
CA GLU A 162 -7.96 -15.42 28.85
C GLU A 162 -9.42 -15.07 28.86
N LYS A 163 -9.87 -14.45 27.78
CA LYS A 163 -11.27 -14.14 27.54
C LYS A 163 -12.15 -15.34 27.91
N ASN A 164 -11.74 -16.53 27.45
CA ASN A 164 -12.45 -17.79 27.67
C ASN A 164 -12.20 -18.45 29.01
N VAL A 165 -11.17 -18.05 29.73
CA VAL A 165 -10.82 -18.76 30.95
C VAL A 165 -12.02 -18.84 31.91
N MET A 166 -12.69 -17.69 32.09
CA MET A 166 -13.64 -17.53 33.20
C MET A 166 -15.05 -17.68 32.72
N ASN A 167 -15.21 -18.10 31.46
CA ASN A 167 -16.52 -18.34 30.88
C ASN A 167 -16.97 -19.80 31.03
N ASP A 168 -18.19 -20.03 31.52
CA ASP A 168 -18.62 -21.40 31.91
C ASP A 168 -18.72 -22.45 30.79
N ALA A 169 -19.12 -22.01 29.59
CA ALA A 169 -19.18 -22.90 28.44
C ALA A 169 -17.79 -23.44 28.13
N TRP A 170 -16.81 -22.57 28.04
CA TRP A 170 -15.47 -23.01 27.66
C TRP A 170 -14.92 -23.97 28.71
N ARG A 171 -15.16 -23.68 30.00
CA ARG A 171 -14.66 -24.53 31.08
C ARG A 171 -15.28 -25.90 30.97
N LEU A 172 -16.61 -25.96 30.85
CA LEU A 172 -17.29 -27.25 30.68
C LEU A 172 -16.86 -27.99 29.43
N PHE A 173 -16.67 -27.26 28.35
CA PHE A 173 -16.21 -27.85 27.10
C PHE A 173 -14.88 -28.60 27.26
N GLN A 174 -13.91 -27.95 27.92
CA GLN A 174 -12.61 -28.59 28.22
C GLN A 174 -12.71 -29.70 29.26
N LEU A 175 -13.51 -29.49 30.31
CA LEU A 175 -13.70 -30.49 31.37
C LEU A 175 -14.15 -31.83 30.82
N GLU A 176 -15.11 -31.78 29.93
CA GLU A 176 -15.53 -32.96 29.26
C GLU A 176 -14.32 -33.66 28.67
N LYS A 177 -13.44 -32.93 28.00
CA LYS A 177 -12.30 -33.57 27.35
C LYS A 177 -11.32 -34.13 28.36
N ALA A 178 -11.23 -33.49 29.51
CA ALA A 178 -10.22 -33.87 30.46
C ALA A 178 -10.65 -35.06 31.33
N THR A 179 -11.89 -35.49 31.20
CA THR A 179 -12.40 -36.60 32.01
C THR A 179 -12.50 -37.93 31.22
N GLY A 180 -12.68 -37.83 29.90
CA GLY A 180 -12.50 -38.97 29.00
C GLY A 180 -11.06 -39.45 28.96
N ASN A 181 -10.81 -40.45 28.12
CA ASN A 181 -9.50 -41.08 28.03
C ASN A 181 -8.34 -40.08 27.83
N PRO A 182 -7.50 -39.88 28.86
CA PRO A 182 -6.48 -38.84 28.73
C PRO A 182 -5.52 -39.08 27.57
N LYS A 183 -5.29 -40.34 27.22
CA LYS A 183 -4.41 -40.74 26.09
C LYS A 183 -4.94 -40.42 24.70
N HIS A 184 -6.19 -39.98 24.63
CA HIS A 184 -6.93 -39.79 23.36
C HIS A 184 -6.83 -38.32 22.88
N PRO A 185 -6.72 -38.13 21.56
CA PRO A 185 -6.59 -36.74 21.11
C PRO A 185 -7.77 -35.83 21.51
N PHE A 186 -8.93 -36.40 21.80
CA PHE A 186 -10.07 -35.63 22.28
C PHE A 186 -9.67 -34.79 23.46
N SER A 187 -8.68 -35.24 24.23
CA SER A 187 -8.36 -34.57 25.49
C SER A 187 -7.41 -33.37 25.31
N LYS A 188 -7.08 -33.02 24.07
CA LYS A 188 -6.11 -31.97 23.82
C LYS A 188 -6.69 -30.58 24.07
N PHE A 189 -5.81 -29.61 24.28
CA PHE A 189 -6.25 -28.28 24.61
C PHE A 189 -6.13 -27.45 23.31
N GLY A 190 -7.29 -27.22 22.68
CA GLY A 190 -7.41 -26.57 21.37
C GLY A 190 -6.84 -25.17 21.17
N THR A 191 -7.25 -24.24 22.05
CA THR A 191 -6.92 -22.79 21.90
C THR A 191 -5.43 -22.63 21.93
N GLY A 192 -4.80 -23.17 22.97
CA GLY A 192 -3.40 -22.96 23.25
C GLY A 192 -3.30 -21.63 23.94
N ASN A 193 -2.25 -21.41 24.72
CA ASN A 193 -1.98 -20.05 25.22
C ASN A 193 -0.51 -19.66 25.06
N LYS A 194 -0.06 -18.65 25.81
CA LYS A 194 1.34 -18.18 25.70
C LYS A 194 2.31 -19.17 26.33
N TYR A 195 1.87 -19.77 27.43
CA TYR A 195 2.63 -20.77 28.07
C TYR A 195 2.93 -21.90 27.07
N THR A 196 1.89 -22.43 26.40
CA THR A 196 2.04 -23.63 25.54
C THR A 196 2.68 -23.37 24.18
N LEU A 197 2.63 -22.11 23.73
CA LEU A 197 3.09 -21.76 22.40
C LEU A 197 4.39 -20.95 22.40
N GLU A 198 4.80 -20.39 23.54
CA GLU A 198 6.10 -19.69 23.58
C GLU A 198 6.97 -20.16 24.75
N THR A 199 6.45 -20.11 25.97
CA THR A 199 7.23 -20.42 27.16
C THR A 199 7.75 -21.85 27.17
N ARG A 200 6.84 -22.82 27.14
CA ARG A 200 7.30 -24.20 27.23
C ARG A 200 7.98 -24.62 25.91
N PRO A 201 7.56 -24.05 24.78
CA PRO A 201 8.44 -24.42 23.66
C PRO A 201 9.91 -23.98 23.82
N ASN A 202 10.16 -22.83 24.47
CA ASN A 202 11.54 -22.34 24.61
C ASN A 202 12.30 -23.22 25.59
N GLN A 203 11.70 -23.41 26.76
CA GLN A 203 12.14 -24.36 27.75
C GLN A 203 12.58 -25.73 27.17
N GLU A 204 11.96 -26.14 26.07
CA GLU A 204 12.25 -27.47 25.52
C GLU A 204 12.93 -27.41 24.18
N GLY A 205 13.59 -26.29 23.90
CA GLY A 205 14.40 -26.14 22.68
C GLY A 205 13.73 -26.20 21.31
N ILE A 206 12.41 -26.05 21.30
CA ILE A 206 11.65 -25.99 20.06
C ILE A 206 11.78 -24.61 19.41
N ASP A 207 12.02 -24.57 18.12
CA ASP A 207 11.89 -23.32 17.41
C ASP A 207 10.52 -23.37 16.74
N VAL A 208 9.59 -22.60 17.31
CA VAL A 208 8.20 -22.61 16.84
C VAL A 208 8.05 -22.24 15.34
N ARG A 209 8.81 -21.26 14.83
CA ARG A 209 8.67 -20.91 13.42
C ARG A 209 8.86 -22.14 12.57
N GLN A 210 9.89 -22.95 12.88
CA GLN A 210 10.12 -24.27 12.24
C GLN A 210 8.88 -25.17 12.36
N GLU A 211 8.45 -25.38 13.59
CA GLU A 211 7.28 -26.16 13.89
C GLU A 211 6.01 -25.76 13.11
N LEU A 212 5.71 -24.45 13.01
CA LEU A 212 4.71 -23.95 12.05
C LEU A 212 5.03 -24.32 10.59
N LEU A 213 6.22 -23.95 10.11
CA LEU A 213 6.62 -24.43 8.79
C LEU A 213 6.43 -25.93 8.63
N LYS A 214 6.86 -26.75 9.61
CA LYS A 214 6.71 -28.23 9.51
C LYS A 214 5.26 -28.61 9.36
N PHE A 215 4.41 -28.04 10.24
CA PHE A 215 3.00 -28.36 10.30
C PHE A 215 2.23 -27.91 9.04
N HIS A 216 2.51 -26.70 8.55
CA HIS A 216 1.86 -26.22 7.36
C HIS A 216 2.10 -27.18 6.23
N SER A 217 3.38 -27.55 6.13
CA SER A 217 3.94 -28.36 5.08
C SER A 217 3.46 -29.80 5.19
N ALA A 218 3.31 -30.28 6.42
CA ALA A 218 2.87 -31.65 6.65
C ALA A 218 1.41 -31.76 6.20
N TYR A 219 0.57 -30.83 6.66
CA TYR A 219 -0.88 -31.00 6.60
C TYR A 219 -1.67 -30.10 5.71
N TYR A 220 -1.19 -28.91 5.40
CA TYR A 220 -1.97 -28.10 4.51
C TYR A 220 -1.77 -28.65 3.10
N SER A 221 -2.23 -29.88 2.88
CA SER A 221 -2.10 -30.60 1.61
C SER A 221 -3.34 -30.42 0.75
N SER A 222 -3.19 -30.24 -0.54
CA SER A 222 -4.37 -30.09 -1.40
C SER A 222 -5.49 -31.17 -1.25
N ASN A 223 -5.13 -32.46 -1.15
CA ASN A 223 -6.15 -33.53 -1.04
C ASN A 223 -7.09 -33.34 0.16
N LEU A 224 -6.73 -32.41 1.04
CA LEU A 224 -7.45 -32.16 2.26
C LEU A 224 -8.10 -30.79 2.32
N MET A 225 -8.23 -30.17 1.14
CA MET A 225 -8.79 -28.81 0.98
C MET A 225 -10.02 -28.76 0.12
N ALA A 226 -10.91 -27.85 0.51
CA ALA A 226 -12.13 -27.53 -0.21
C ALA A 226 -12.29 -25.99 -0.31
N VAL A 227 -12.55 -25.53 -1.54
CA VAL A 227 -12.73 -24.10 -1.85
C VAL A 227 -14.13 -23.82 -2.40
N VAL A 228 -14.66 -22.65 -2.02
CA VAL A 228 -15.88 -22.16 -2.59
C VAL A 228 -15.63 -20.73 -3.01
N VAL A 229 -16.14 -20.36 -4.18
CA VAL A 229 -15.99 -18.99 -4.64
C VAL A 229 -17.28 -18.46 -5.24
N LEU A 230 -17.66 -17.25 -4.82
CA LEU A 230 -18.89 -16.62 -5.21
C LEU A 230 -18.54 -15.23 -5.75
N GLY A 231 -18.99 -14.92 -6.96
CA GLY A 231 -18.65 -13.66 -7.64
C GLY A 231 -19.66 -13.43 -8.75
N ARG A 232 -19.67 -12.25 -9.34
CA ARG A 232 -20.54 -12.01 -10.48
C ARG A 232 -19.99 -12.67 -11.75
N GLU A 233 -18.72 -13.00 -11.77
CA GLU A 233 -18.14 -13.68 -12.96
C GLU A 233 -18.97 -14.89 -13.39
N SER A 234 -18.94 -15.20 -14.69
CA SER A 234 -19.57 -16.42 -15.20
C SER A 234 -18.97 -17.64 -14.48
N LEU A 235 -19.62 -18.81 -14.58
CA LEU A 235 -19.02 -20.06 -14.06
C LEU A 235 -17.66 -20.43 -14.72
N ASP A 236 -17.62 -20.35 -16.05
CA ASP A 236 -16.35 -20.46 -16.78
C ASP A 236 -15.26 -19.50 -16.25
N ASP A 237 -15.59 -18.21 -16.10
CA ASP A 237 -14.62 -17.27 -15.54
C ASP A 237 -14.13 -17.70 -14.14
N LEU A 238 -15.04 -18.08 -13.26
CA LEU A 238 -14.61 -18.57 -11.96
C LEU A 238 -13.70 -19.82 -12.08
N THR A 239 -14.08 -20.77 -12.92
CA THR A 239 -13.23 -21.94 -13.19
C THR A 239 -11.76 -21.59 -13.52
N ASN A 240 -11.54 -20.85 -14.62
CA ASN A 240 -10.20 -20.27 -14.89
C ASN A 240 -9.56 -19.62 -13.68
N LEU A 241 -10.25 -18.62 -13.11
CA LEU A 241 -9.81 -18.07 -11.84
C LEU A 241 -9.35 -19.11 -10.83
N VAL A 242 -10.18 -20.10 -10.47
CA VAL A 242 -9.82 -21.00 -9.38
C VAL A 242 -8.59 -21.81 -9.75
N VAL A 243 -8.65 -22.38 -10.95
CA VAL A 243 -7.56 -23.17 -11.49
C VAL A 243 -6.25 -22.39 -11.49
N LYS A 244 -6.24 -21.17 -12.03
CA LYS A 244 -5.07 -20.31 -11.98
C LYS A 244 -4.48 -20.30 -10.54
N LEU A 245 -5.27 -19.81 -9.57
CA LEU A 245 -4.72 -19.54 -8.24
C LEU A 245 -4.45 -20.76 -7.39
N PHE A 246 -5.11 -21.89 -7.68
CA PHE A 246 -5.09 -23.05 -6.77
C PHE A 246 -4.51 -24.36 -7.26
N SER A 247 -4.16 -24.44 -8.55
CA SER A 247 -3.63 -25.66 -9.11
C SER A 247 -2.27 -25.95 -8.54
N GLU A 248 -1.57 -24.90 -8.13
CA GLU A 248 -0.25 -25.14 -7.63
C GLU A 248 -0.15 -25.38 -6.14
N VAL A 249 -1.27 -25.52 -5.43
CA VAL A 249 -1.21 -26.02 -4.05
C VAL A 249 -0.78 -27.46 -4.11
N GLU A 250 0.22 -27.81 -3.34
CA GLU A 250 0.84 -29.09 -3.56
C GLU A 250 0.11 -30.28 -2.89
N ASN A 251 -0.04 -31.37 -3.63
CA ASN A 251 -0.59 -32.58 -3.04
C ASN A 251 0.41 -33.44 -2.29
N LYS A 252 0.33 -33.49 -0.97
CA LYS A 252 1.21 -34.39 -0.20
C LYS A 252 0.48 -35.67 0.26
N ASN A 253 -0.57 -36.05 -0.46
CA ASN A 253 -1.39 -37.19 -0.10
C ASN A 253 -1.66 -37.59 1.32
N VAL A 254 -2.09 -36.68 2.18
CA VAL A 254 -2.20 -36.96 3.62
C VAL A 254 -3.37 -37.83 4.02
N PRO A 255 -3.10 -38.98 4.67
CA PRO A 255 -4.28 -39.74 5.10
C PRO A 255 -5.12 -38.88 6.03
N LEU A 256 -6.41 -38.76 5.74
CA LEU A 256 -7.35 -38.01 6.59
C LEU A 256 -7.59 -38.66 7.94
N PRO A 257 -7.30 -37.96 9.06
CA PRO A 257 -7.33 -38.57 10.40
C PRO A 257 -8.69 -39.16 10.81
N GLU A 258 -8.70 -40.40 11.32
CA GLU A 258 -9.93 -41.01 11.92
C GLU A 258 -9.71 -41.27 13.40
N PHE A 259 -10.80 -41.42 14.14
CA PHE A 259 -10.75 -41.64 15.60
C PHE A 259 -11.80 -42.70 15.96
N PRO A 260 -11.55 -43.96 15.55
CA PRO A 260 -12.55 -45.00 15.62
C PRO A 260 -12.90 -45.35 17.08
N GLU A 261 -11.92 -45.20 17.98
CA GLU A 261 -12.15 -45.47 19.38
C GLU A 261 -12.69 -44.24 20.14
N HIS A 262 -13.81 -44.44 20.84
CA HIS A 262 -14.39 -43.35 21.64
C HIS A 262 -13.46 -42.84 22.76
N PRO A 263 -13.58 -41.56 23.12
CA PRO A 263 -12.80 -41.10 24.26
C PRO A 263 -13.44 -41.60 25.57
N PHE A 264 -14.66 -42.09 25.48
CA PHE A 264 -15.30 -42.51 26.68
C PHE A 264 -15.35 -44.03 26.56
N GLN A 265 -14.52 -44.65 27.37
CA GLN A 265 -14.48 -46.10 27.43
C GLN A 265 -15.23 -46.53 28.71
N GLU A 266 -15.16 -47.81 29.08
CA GLU A 266 -15.93 -48.29 30.24
C GLU A 266 -15.61 -47.51 31.51
N GLU A 267 -14.33 -47.31 31.84
CA GLU A 267 -13.96 -46.58 33.04
C GLU A 267 -14.46 -45.15 33.05
N HIS A 268 -14.85 -44.66 31.88
CA HIS A 268 -15.34 -43.28 31.79
C HIS A 268 -16.85 -43.22 31.84
N LEU A 269 -17.51 -44.36 31.71
CA LEU A 269 -18.95 -44.42 31.85
C LEU A 269 -19.38 -44.61 33.31
N LYS A 270 -20.67 -44.42 33.57
CA LYS A 270 -21.23 -44.47 34.93
C LYS A 270 -20.60 -43.50 35.95
N GLN A 271 -20.16 -42.36 35.45
CA GLN A 271 -19.48 -41.35 36.26
C GLN A 271 -20.39 -40.16 36.57
N LEU A 272 -20.19 -39.56 37.75
CA LEU A 272 -20.88 -38.37 38.19
C LEU A 272 -19.83 -37.32 38.43
N TYR A 273 -20.02 -36.11 37.92
CA TYR A 273 -19.05 -35.01 38.11
C TYR A 273 -19.82 -33.94 38.79
N LYS A 274 -19.26 -33.38 39.85
CA LYS A 274 -19.90 -32.26 40.50
C LYS A 274 -18.99 -31.13 40.23
N ILE A 275 -19.54 -30.03 39.75
CA ILE A 275 -18.70 -28.97 39.23
C ILE A 275 -19.11 -27.63 39.77
N VAL A 276 -18.13 -26.85 40.23
CA VAL A 276 -18.33 -25.47 40.68
C VAL A 276 -18.28 -24.55 39.44
N PRO A 277 -19.33 -23.77 39.18
CA PRO A 277 -19.38 -22.79 38.09
C PRO A 277 -18.91 -21.40 38.47
N ILE A 278 -18.54 -20.58 37.48
CA ILE A 278 -18.27 -19.14 37.73
C ILE A 278 -19.56 -18.35 37.98
N LYS A 279 -20.52 -18.42 37.05
CA LYS A 279 -21.82 -17.81 37.30
C LYS A 279 -22.64 -18.63 38.29
N ASP A 280 -23.62 -18.02 38.97
CA ASP A 280 -24.53 -18.79 39.84
C ASP A 280 -25.58 -19.36 38.94
N ILE A 281 -25.28 -20.57 38.45
CA ILE A 281 -26.15 -21.33 37.54
C ILE A 281 -26.28 -22.76 38.06
N ARG A 282 -27.36 -23.45 37.71
CA ARG A 282 -27.48 -24.86 38.11
C ARG A 282 -27.87 -25.69 36.94
N ASN A 283 -26.98 -26.41 36.27
CA ASN A 283 -27.53 -27.38 35.34
C ASN A 283 -27.00 -28.78 35.54
N LEU A 284 -27.73 -29.70 34.93
CA LEU A 284 -27.37 -31.11 34.80
C LEU A 284 -27.04 -31.46 33.36
N TYR A 285 -25.87 -32.08 33.14
CA TYR A 285 -25.49 -32.56 31.81
C TYR A 285 -25.49 -34.05 31.80
N VAL A 286 -26.40 -34.63 31.01
CA VAL A 286 -26.44 -36.07 30.79
C VAL A 286 -26.01 -36.35 29.35
N THR A 287 -25.16 -37.33 29.21
CA THR A 287 -24.45 -37.52 27.96
C THR A 287 -24.04 -39.01 27.83
N PHE A 288 -24.39 -39.61 26.69
CA PHE A 288 -24.04 -41.00 26.37
C PHE A 288 -23.13 -41.05 25.13
N PRO A 289 -22.07 -41.88 25.14
CA PRO A 289 -21.25 -41.99 23.94
C PRO A 289 -22.04 -42.73 22.90
N ILE A 290 -21.91 -42.32 21.66
CA ILE A 290 -22.60 -42.98 20.54
C ILE A 290 -21.61 -43.11 19.42
N PRO A 291 -21.86 -44.04 18.48
CA PRO A 291 -20.99 -44.09 17.30
C PRO A 291 -21.17 -42.86 16.38
N ASP A 292 -20.29 -42.70 15.39
CA ASP A 292 -20.41 -41.65 14.41
C ASP A 292 -21.60 -41.92 13.45
N LEU A 293 -22.55 -40.99 13.42
CA LEU A 293 -23.76 -41.08 12.61
C LEU A 293 -23.71 -40.28 11.29
N GLN A 294 -22.62 -39.56 11.05
CA GLN A 294 -22.52 -38.70 9.88
C GLN A 294 -22.92 -39.41 8.61
N LYS A 295 -22.40 -40.63 8.43
CA LYS A 295 -22.64 -41.36 7.19
C LYS A 295 -24.09 -41.67 6.99
N TYR A 296 -24.87 -41.69 8.08
CA TYR A 296 -26.33 -41.85 7.96
C TYR A 296 -27.03 -40.56 7.66
N TYR A 297 -26.44 -39.67 6.87
CA TYR A 297 -27.05 -38.38 6.71
C TYR A 297 -28.41 -38.41 6.00
N LYS A 298 -28.70 -39.44 5.23
CA LYS A 298 -29.95 -39.45 4.48
C LYS A 298 -31.11 -39.92 5.31
N SER A 299 -30.82 -40.51 6.47
CA SER A 299 -31.91 -40.98 7.36
C SER A 299 -31.90 -40.28 8.69
N ASN A 300 -30.71 -40.10 9.21
CA ASN A 300 -30.48 -39.17 10.25
C ASN A 300 -31.16 -39.48 11.57
N PRO A 301 -30.99 -40.72 12.03
CA PRO A 301 -31.53 -41.30 13.24
C PRO A 301 -31.20 -40.50 14.45
N GLY A 302 -30.03 -39.89 14.53
CA GLY A 302 -29.81 -38.93 15.60
C GLY A 302 -30.81 -37.76 15.72
N HIS A 303 -31.33 -37.28 14.59
CA HIS A 303 -32.08 -36.05 14.50
C HIS A 303 -33.46 -36.44 14.94
N TYR A 304 -33.89 -37.63 14.52
CA TYR A 304 -35.21 -38.18 14.86
C TYR A 304 -35.32 -38.26 16.38
N LEU A 305 -34.32 -38.86 17.02
CA LEU A 305 -34.37 -38.99 18.46
C LEU A 305 -34.19 -37.65 19.12
N GLY A 306 -33.47 -36.74 18.48
CA GLY A 306 -33.31 -35.41 19.02
C GLY A 306 -34.62 -34.69 18.99
N HIS A 307 -35.33 -34.79 17.87
CA HIS A 307 -36.60 -34.10 17.67
C HIS A 307 -37.57 -34.50 18.72
N LEU A 308 -37.39 -35.71 19.22
CA LEU A 308 -38.31 -36.32 20.15
C LEU A 308 -37.97 -36.01 21.64
N ILE A 309 -36.79 -36.47 22.06
CA ILE A 309 -36.36 -36.30 23.42
C ILE A 309 -36.31 -34.79 23.76
N GLY A 310 -35.86 -34.02 22.77
CA GLY A 310 -35.91 -32.56 22.84
C GLY A 310 -37.26 -31.85 22.67
N HIS A 311 -38.28 -32.54 22.18
CA HIS A 311 -39.60 -31.90 22.05
C HIS A 311 -40.01 -31.16 23.34
N GLU A 312 -40.71 -30.05 23.13
CA GLU A 312 -41.24 -29.22 24.19
C GLU A 312 -42.79 -29.09 24.17
N GLY A 313 -43.48 -29.86 23.35
CA GLY A 313 -44.94 -29.78 23.30
C GLY A 313 -45.62 -30.62 24.37
N PRO A 314 -46.98 -30.69 24.34
CA PRO A 314 -47.75 -31.50 25.27
C PRO A 314 -47.20 -32.92 25.28
N GLY A 315 -47.05 -33.50 26.47
CA GLY A 315 -46.65 -34.88 26.56
C GLY A 315 -45.16 -35.12 26.53
N SER A 316 -44.36 -34.05 26.43
CA SER A 316 -42.91 -34.19 26.25
C SER A 316 -42.17 -34.35 27.55
N LEU A 317 -41.03 -35.03 27.50
CA LEU A 317 -40.06 -35.05 28.62
C LEU A 317 -39.98 -33.71 29.33
N LEU A 318 -39.66 -32.64 28.59
CA LEU A 318 -39.50 -31.31 29.17
C LEU A 318 -40.73 -30.92 29.95
N SER A 319 -41.93 -31.10 29.41
CA SER A 319 -43.09 -30.55 30.15
C SER A 319 -43.52 -31.26 31.41
N GLU A 320 -43.24 -32.56 31.52
CA GLU A 320 -43.36 -33.17 32.84
C GLU A 320 -42.26 -32.65 33.76
N LEU A 321 -41.04 -32.50 33.26
CA LEU A 321 -39.95 -32.08 34.14
C LEU A 321 -40.17 -30.68 34.68
N LYS A 322 -41.03 -29.93 34.02
CA LYS A 322 -41.18 -28.55 34.33
C LYS A 322 -42.45 -28.33 35.16
N SER A 323 -43.44 -29.22 34.99
CA SER A 323 -44.67 -29.27 35.83
C SER A 323 -44.32 -29.67 37.25
N LYS A 324 -43.32 -30.53 37.37
CA LYS A 324 -42.87 -31.01 38.63
C LYS A 324 -41.95 -29.91 39.20
N GLY A 325 -41.88 -28.77 38.51
CA GLY A 325 -41.06 -27.61 38.93
C GLY A 325 -39.60 -27.94 39.15
N TRP A 326 -38.99 -28.69 38.23
CA TRP A 326 -37.64 -29.19 38.44
C TRP A 326 -36.64 -28.65 37.43
N VAL A 327 -37.02 -28.56 36.17
CA VAL A 327 -36.21 -27.91 35.17
C VAL A 327 -36.98 -26.77 34.55
N ASN A 328 -36.31 -25.99 33.72
CA ASN A 328 -36.99 -24.91 32.99
C ASN A 328 -36.90 -24.95 31.49
N THR A 329 -35.77 -25.48 31.02
CA THR A 329 -35.43 -25.49 29.60
C THR A 329 -34.68 -26.80 29.40
N LEU A 330 -34.78 -27.37 28.21
CA LEU A 330 -34.08 -28.63 27.94
C LEU A 330 -33.47 -28.64 26.54
N VAL A 331 -32.28 -29.17 26.39
CA VAL A 331 -31.82 -29.45 25.05
C VAL A 331 -31.34 -30.92 25.02
N GLY A 332 -31.75 -31.62 23.96
CA GLY A 332 -31.32 -33.01 23.73
C GLY A 332 -31.12 -33.30 22.25
N GLY A 333 -30.28 -34.26 21.94
CA GLY A 333 -30.03 -34.57 20.56
C GLY A 333 -28.61 -35.02 20.39
N GLN A 334 -28.18 -35.03 19.14
CA GLN A 334 -26.88 -35.56 18.79
C GLN A 334 -25.92 -34.41 18.75
N LYS A 335 -24.76 -34.60 19.36
CA LYS A 335 -23.69 -33.61 19.48
C LYS A 335 -22.52 -34.12 18.63
N GLU A 336 -21.77 -33.23 17.98
CA GLU A 336 -20.61 -33.67 17.20
C GLU A 336 -19.47 -34.16 18.06
N GLY A 337 -18.61 -34.98 17.46
CA GLY A 337 -17.37 -35.42 18.12
C GLY A 337 -16.26 -35.17 17.13
N ALA A 338 -15.86 -36.20 16.40
CA ALA A 338 -14.99 -36.09 15.24
C ALA A 338 -15.26 -37.36 14.44
N ARG A 339 -14.61 -37.54 13.28
CA ARG A 339 -14.76 -38.80 12.51
C ARG A 339 -14.50 -40.01 13.37
N GLY A 340 -15.54 -40.74 13.72
CA GLY A 340 -15.37 -41.93 14.53
C GLY A 340 -16.11 -41.94 15.86
N PHE A 341 -16.43 -40.76 16.41
CA PHE A 341 -17.23 -40.67 17.63
C PHE A 341 -18.18 -39.47 17.73
N MET A 342 -19.28 -39.67 18.45
CA MET A 342 -20.35 -38.67 18.62
C MET A 342 -20.93 -38.80 20.00
N PHE A 343 -21.86 -37.95 20.36
CA PHE A 343 -22.44 -38.03 21.66
C PHE A 343 -23.89 -37.83 21.46
N PHE A 344 -24.65 -38.30 22.43
CA PHE A 344 -26.04 -37.97 22.50
C PHE A 344 -26.21 -37.41 23.88
N ILE A 345 -26.90 -36.30 23.97
CA ILE A 345 -26.94 -35.60 25.24
C ILE A 345 -28.38 -35.23 25.63
N ILE A 346 -28.61 -35.01 26.93
CA ILE A 346 -29.83 -34.41 27.38
C ILE A 346 -29.41 -33.52 28.52
N ASN A 347 -29.59 -32.22 28.35
CA ASN A 347 -29.12 -31.24 29.32
C ASN A 347 -30.27 -30.36 29.68
N VAL A 348 -30.37 -30.05 30.97
CA VAL A 348 -31.47 -29.27 31.50
C VAL A 348 -30.85 -28.32 32.45
N ASP A 349 -31.49 -27.19 32.69
CA ASP A 349 -31.08 -26.34 33.81
C ASP A 349 -31.90 -26.84 35.02
N LEU A 350 -31.76 -26.29 36.22
CA LEU A 350 -32.37 -26.91 37.41
C LEU A 350 -32.92 -25.84 38.31
N THR A 351 -34.12 -26.05 38.81
CA THR A 351 -34.60 -25.18 39.84
C THR A 351 -33.90 -25.61 41.14
N GLU A 352 -34.10 -24.84 42.20
CA GLU A 352 -33.67 -25.26 43.53
C GLU A 352 -34.25 -26.63 43.90
N GLU A 353 -35.54 -26.84 43.63
CA GLU A 353 -36.14 -28.13 43.88
C GLU A 353 -35.41 -29.12 42.99
N GLY A 354 -35.21 -28.75 41.73
CA GLY A 354 -34.53 -29.61 40.76
C GLY A 354 -33.19 -30.13 41.21
N LEU A 355 -32.39 -29.26 41.81
CA LEU A 355 -31.02 -29.63 42.19
C LEU A 355 -31.10 -30.82 43.12
N LEU A 356 -32.19 -30.83 43.91
CA LEU A 356 -32.32 -31.84 44.94
C LEU A 356 -32.93 -33.10 44.38
N HIS A 357 -33.42 -33.04 43.15
CA HIS A 357 -34.05 -34.21 42.56
C HIS A 357 -33.40 -34.70 41.28
N VAL A 358 -32.09 -34.59 41.21
CA VAL A 358 -31.36 -35.02 40.05
C VAL A 358 -31.54 -36.51 39.77
N GLU A 359 -31.52 -37.34 40.81
CA GLU A 359 -31.70 -38.77 40.59
C GLU A 359 -33.03 -39.05 39.89
N ASP A 360 -34.06 -38.36 40.37
CA ASP A 360 -35.40 -38.47 39.83
C ASP A 360 -35.53 -37.93 38.41
N ILE A 361 -34.87 -36.80 38.15
CA ILE A 361 -34.88 -36.19 36.83
C ILE A 361 -34.38 -37.21 35.79
N ILE A 362 -33.24 -37.85 36.06
CA ILE A 362 -32.71 -38.87 35.16
C ILE A 362 -33.64 -40.09 34.99
N LEU A 363 -34.34 -40.49 36.05
CA LEU A 363 -35.27 -41.63 35.93
C LEU A 363 -36.28 -41.25 34.89
N HIS A 364 -36.81 -40.04 35.02
CA HIS A 364 -37.80 -39.53 34.07
C HIS A 364 -37.30 -39.58 32.62
N MET A 365 -36.12 -39.04 32.38
CA MET A 365 -35.42 -39.24 31.13
C MET A 365 -35.52 -40.69 30.64
N PHE A 366 -35.05 -41.65 31.44
CA PHE A 366 -35.07 -43.05 31.01
C PHE A 366 -36.45 -43.65 30.82
N GLN A 367 -37.44 -43.13 31.56
CA GLN A 367 -38.82 -43.53 31.35
C GLN A 367 -39.32 -43.08 29.99
N TYR A 368 -38.96 -41.85 29.61
CA TYR A 368 -39.26 -41.34 28.28
C TYR A 368 -38.51 -42.14 27.22
N ILE A 369 -37.20 -42.35 27.39
CA ILE A 369 -36.40 -43.14 26.41
C ILE A 369 -37.07 -44.50 26.22
N GLN A 370 -37.51 -45.07 27.36
CA GLN A 370 -38.21 -46.35 27.39
C GLN A 370 -39.50 -46.31 26.58
N LYS A 371 -40.24 -45.20 26.69
CA LYS A 371 -41.47 -45.01 25.96
C LYS A 371 -41.10 -45.06 24.48
N LEU A 372 -40.07 -44.34 24.09
CA LEU A 372 -39.76 -44.36 22.68
C LEU A 372 -39.54 -45.81 22.25
N ARG A 373 -38.86 -46.56 23.13
CA ARG A 373 -38.52 -47.97 22.86
C ARG A 373 -39.82 -48.78 22.72
N ALA A 374 -40.78 -48.46 23.59
CA ALA A 374 -42.07 -49.13 23.64
C ALA A 374 -42.94 -48.93 22.40
N GLU A 375 -42.95 -47.73 21.82
CA GLU A 375 -43.76 -47.41 20.65
C GLU A 375 -43.17 -47.89 19.35
N GLY A 376 -41.85 -48.04 19.32
CA GLY A 376 -41.10 -48.35 18.08
C GLY A 376 -40.94 -47.11 17.24
N PRO A 377 -40.10 -47.17 16.21
CA PRO A 377 -39.86 -46.04 15.28
C PRO A 377 -41.17 -45.62 14.64
N GLN A 378 -41.29 -44.39 14.15
CA GLN A 378 -42.58 -43.84 13.65
C GLN A 378 -42.43 -43.12 12.32
N GLU A 379 -42.89 -43.75 11.24
CA GLU A 379 -42.72 -43.17 9.95
C GLU A 379 -43.48 -41.85 9.75
N TRP A 380 -44.54 -41.64 10.50
CA TRP A 380 -45.27 -40.41 10.29
C TRP A 380 -44.43 -39.20 10.82
N VAL A 381 -43.56 -39.51 11.78
CA VAL A 381 -42.69 -38.51 12.38
C VAL A 381 -41.55 -38.19 11.42
N PHE A 382 -40.92 -39.25 10.94
CA PHE A 382 -40.00 -39.13 9.83
C PHE A 382 -40.59 -38.24 8.71
N GLN A 383 -41.83 -38.55 8.33
CA GLN A 383 -42.50 -37.82 7.26
C GLN A 383 -42.65 -36.35 7.57
N GLU A 384 -42.94 -36.03 8.82
CA GLU A 384 -43.06 -34.64 9.22
C GLU A 384 -41.69 -33.95 9.10
N LEU A 385 -40.68 -34.57 9.70
CA LEU A 385 -39.34 -34.02 9.72
C LEU A 385 -38.82 -33.74 8.31
N LYS A 386 -39.06 -34.70 7.42
CA LYS A 386 -38.68 -34.63 6.01
C LYS A 386 -39.38 -33.49 5.24
N ASP A 387 -40.72 -33.41 5.38
CA ASP A 387 -41.51 -32.34 4.79
C ASP A 387 -41.08 -31.00 5.29
N LEU A 388 -40.85 -30.93 6.59
CA LEU A 388 -40.44 -29.69 7.18
C LEU A 388 -39.15 -29.19 6.52
N ASN A 389 -38.18 -30.10 6.38
CA ASN A 389 -36.97 -29.80 5.65
C ASN A 389 -37.17 -29.50 4.16
N ALA A 390 -38.02 -30.24 3.45
CA ALA A 390 -38.26 -29.94 2.02
C ALA A 390 -38.63 -28.45 1.87
N VAL A 391 -39.48 -27.97 2.78
CA VAL A 391 -40.05 -26.67 2.71
C VAL A 391 -38.98 -25.66 3.09
N ALA A 392 -38.24 -25.94 4.17
CA ALA A 392 -37.10 -25.13 4.62
C ALA A 392 -36.17 -24.89 3.44
N PHE A 393 -35.85 -25.98 2.74
CA PHE A 393 -34.94 -25.89 1.63
C PHE A 393 -35.50 -25.04 0.47
N ARG A 394 -36.72 -25.37 0.05
CA ARG A 394 -37.36 -24.72 -1.08
C ARG A 394 -37.32 -23.24 -0.87
N PHE A 395 -37.60 -22.77 0.33
CA PHE A 395 -37.69 -21.33 0.52
C PHE A 395 -36.61 -20.79 1.43
N LYS A 396 -35.45 -21.44 1.50
CA LYS A 396 -34.40 -20.91 2.37
C LYS A 396 -34.03 -19.50 1.90
N ASP A 397 -33.87 -18.58 2.85
CA ASP A 397 -33.46 -17.21 2.57
C ASP A 397 -32.10 -17.20 1.92
N LYS A 398 -31.85 -16.27 1.00
CA LYS A 398 -30.49 -16.10 0.46
C LYS A 398 -29.49 -15.70 1.57
N GLU A 399 -28.44 -16.50 1.74
CA GLU A 399 -27.40 -16.22 2.77
C GLU A 399 -26.41 -15.10 2.32
N ARG A 400 -25.80 -14.39 3.27
CA ARG A 400 -24.71 -13.41 2.98
C ARG A 400 -23.53 -14.26 2.45
N PRO A 401 -22.88 -13.84 1.36
CA PRO A 401 -21.83 -14.61 0.73
C PRO A 401 -20.77 -15.20 1.68
N ARG A 402 -20.24 -14.38 2.60
CA ARG A 402 -19.23 -14.87 3.56
C ARG A 402 -19.69 -16.11 4.36
N GLY A 403 -20.91 -16.07 4.88
CA GLY A 403 -21.40 -17.22 5.60
C GLY A 403 -21.48 -18.42 4.69
N TYR A 404 -22.12 -18.20 3.55
CA TYR A 404 -22.39 -19.21 2.56
C TYR A 404 -21.13 -19.97 2.18
N THR A 405 -20.10 -19.23 1.77
CA THR A 405 -18.90 -19.86 1.26
C THR A 405 -18.26 -20.62 2.40
N SER A 406 -18.12 -19.98 3.55
CA SER A 406 -17.49 -20.63 4.69
C SER A 406 -18.10 -21.97 5.07
N LYS A 407 -19.43 -21.95 5.16
CA LYS A 407 -20.24 -23.09 5.45
C LYS A 407 -20.05 -24.22 4.42
N ILE A 408 -20.16 -23.89 3.14
CA ILE A 408 -20.16 -24.95 2.09
C ILE A 408 -18.78 -25.60 2.00
N ALA A 409 -17.76 -24.75 2.19
CA ALA A 409 -16.35 -25.11 2.27
C ALA A 409 -16.13 -26.22 3.31
N GLY A 410 -16.73 -26.04 4.48
CA GLY A 410 -16.79 -27.09 5.47
C GLY A 410 -17.43 -28.36 4.92
N ILE A 411 -18.59 -28.26 4.33
CA ILE A 411 -19.28 -29.49 4.06
C ILE A 411 -18.95 -30.13 2.73
N LEU A 412 -18.15 -29.48 1.89
CA LEU A 412 -17.66 -30.13 0.69
C LEU A 412 -16.90 -31.40 1.10
N HIS A 413 -16.40 -31.39 2.33
CA HIS A 413 -15.71 -32.51 2.91
C HIS A 413 -16.57 -33.73 3.21
N TYR A 414 -17.88 -33.67 3.11
CA TYR A 414 -18.73 -34.79 3.62
C TYR A 414 -19.70 -35.38 2.63
N TYR A 415 -20.02 -34.59 1.61
CA TYR A 415 -21.08 -34.88 0.67
C TYR A 415 -20.55 -34.87 -0.76
N PRO A 416 -21.13 -35.71 -1.63
CA PRO A 416 -20.84 -35.57 -3.06
C PRO A 416 -21.07 -34.11 -3.55
N LEU A 417 -20.35 -33.65 -4.58
CA LEU A 417 -20.51 -32.25 -5.03
C LEU A 417 -21.96 -31.93 -5.30
N GLU A 418 -22.61 -32.82 -6.04
CA GLU A 418 -23.98 -32.65 -6.51
C GLU A 418 -24.95 -32.41 -5.33
N GLU A 419 -24.60 -32.97 -4.17
CA GLU A 419 -25.40 -32.89 -2.98
C GLU A 419 -25.09 -31.78 -1.95
N VAL A 420 -24.01 -31.02 -2.11
CA VAL A 420 -23.60 -30.03 -1.06
C VAL A 420 -24.68 -29.07 -0.59
N LEU A 421 -25.54 -28.65 -1.50
CA LEU A 421 -26.54 -27.71 -1.15
C LEU A 421 -27.65 -28.40 -0.36
N THR A 422 -28.06 -29.58 -0.80
CA THR A 422 -29.22 -30.30 -0.21
C THR A 422 -28.90 -31.23 0.95
N ALA A 423 -27.66 -31.65 1.07
CA ALA A 423 -27.36 -32.77 1.95
C ALA A 423 -27.82 -32.55 3.37
N GLU A 424 -27.68 -31.33 3.89
CA GLU A 424 -28.03 -31.08 5.29
C GLU A 424 -29.51 -30.81 5.53
N TYR A 425 -30.27 -30.91 4.45
CA TYR A 425 -31.68 -30.60 4.47
C TYR A 425 -32.47 -31.84 4.14
N LEU A 426 -32.29 -32.37 2.95
CA LEU A 426 -33.24 -33.34 2.46
C LEU A 426 -33.05 -34.68 3.18
N LEU A 427 -34.17 -35.32 3.53
CA LEU A 427 -34.14 -36.66 4.14
C LEU A 427 -34.74 -37.60 3.12
N GLU A 428 -34.28 -38.84 3.12
CA GLU A 428 -34.53 -39.65 1.97
C GLU A 428 -34.96 -41.01 2.48
N GLU A 429 -34.18 -41.59 3.40
CA GLU A 429 -34.39 -42.94 3.87
C GLU A 429 -35.09 -42.99 5.21
N PHE A 430 -36.06 -43.88 5.37
CA PHE A 430 -36.63 -44.13 6.70
C PHE A 430 -35.99 -45.35 7.39
N ARG A 431 -35.36 -45.17 8.54
CA ARG A 431 -34.46 -46.22 9.04
C ARG A 431 -34.73 -46.70 10.43
N PRO A 432 -35.73 -47.61 10.52
CA PRO A 432 -36.15 -48.04 11.84
C PRO A 432 -35.01 -48.76 12.53
N ASP A 433 -34.16 -49.50 11.81
CA ASP A 433 -33.01 -50.13 12.44
C ASP A 433 -31.98 -49.19 13.10
N LEU A 434 -31.74 -48.04 12.48
CA LEU A 434 -30.74 -47.13 12.97
C LEU A 434 -31.35 -46.39 14.10
N ILE A 435 -32.62 -46.07 13.95
CA ILE A 435 -33.31 -45.43 15.03
C ILE A 435 -33.17 -46.33 16.23
N GLU A 436 -33.47 -47.60 16.05
CA GLU A 436 -33.46 -48.55 17.11
C GLU A 436 -32.07 -48.72 17.62
N MET A 437 -31.08 -48.75 16.73
CA MET A 437 -29.69 -48.96 17.19
C MET A 437 -29.13 -47.86 18.12
N VAL A 438 -29.35 -46.60 17.76
CA VAL A 438 -28.94 -45.45 18.56
C VAL A 438 -29.64 -45.46 19.89
N LEU A 439 -30.95 -45.62 19.86
CA LEU A 439 -31.76 -45.83 21.06
C LEU A 439 -31.19 -46.91 22.01
N ASP A 440 -30.69 -48.01 21.45
CA ASP A 440 -30.09 -49.04 22.29
C ASP A 440 -28.83 -48.61 23.09
N LYS A 441 -28.31 -47.44 22.79
CA LYS A 441 -27.13 -46.92 23.45
C LYS A 441 -27.51 -45.93 24.52
N LEU A 442 -28.77 -45.50 24.56
CA LEU A 442 -29.18 -44.54 25.52
C LEU A 442 -29.65 -45.31 26.73
N ARG A 443 -28.68 -45.87 27.44
CA ARG A 443 -28.95 -46.79 28.56
C ARG A 443 -28.18 -46.32 29.79
N PRO A 444 -28.71 -46.62 30.99
CA PRO A 444 -28.01 -46.20 32.22
C PRO A 444 -26.63 -46.78 32.30
N GLU A 445 -26.40 -47.96 31.74
CA GLU A 445 -25.08 -48.61 31.85
C GLU A 445 -23.99 -47.86 31.12
N ASN A 446 -24.34 -46.99 30.17
CA ASN A 446 -23.30 -46.05 29.75
C ASN A 446 -23.69 -44.58 29.72
N VAL A 447 -24.19 -44.14 30.87
CA VAL A 447 -24.46 -42.75 31.13
C VAL A 447 -23.31 -42.01 31.83
N ARG A 448 -23.23 -40.72 31.51
CA ARG A 448 -22.38 -39.78 32.23
C ARG A 448 -23.32 -38.72 32.72
N VAL A 449 -23.17 -38.37 34.01
CA VAL A 449 -23.95 -37.29 34.66
C VAL A 449 -23.00 -36.24 35.23
N ALA A 450 -23.21 -34.96 34.89
CA ALA A 450 -22.41 -33.85 35.45
C ALA A 450 -23.37 -32.82 35.99
N ILE A 451 -23.18 -32.43 37.27
CA ILE A 451 -23.95 -31.35 37.90
C ILE A 451 -23.07 -30.11 38.15
N VAL A 452 -23.57 -28.98 37.68
CA VAL A 452 -22.91 -27.71 37.86
C VAL A 452 -23.75 -26.97 38.88
N SER A 453 -23.13 -26.62 40.01
CA SER A 453 -23.83 -25.90 41.08
C SER A 453 -22.91 -25.24 42.07
N LYS A 454 -23.14 -23.98 42.38
CA LYS A 454 -22.36 -23.33 43.46
C LYS A 454 -22.37 -24.09 44.78
N SER A 455 -23.38 -24.93 45.04
CA SER A 455 -23.42 -25.73 46.30
C SER A 455 -22.23 -26.73 46.46
N PHE A 456 -21.31 -26.75 45.49
CA PHE A 456 -20.13 -27.60 45.56
C PHE A 456 -18.85 -26.83 45.94
N GLU A 457 -18.99 -25.53 46.20
CA GLU A 457 -17.94 -24.74 46.87
C GLU A 457 -17.40 -25.58 48.02
N GLY A 458 -16.12 -25.95 47.96
CA GLY A 458 -15.48 -26.60 49.10
C GLY A 458 -15.56 -28.12 49.10
N LYS A 459 -16.69 -28.69 48.67
CA LYS A 459 -16.89 -30.14 48.49
C LYS A 459 -16.09 -30.75 47.31
N THR A 460 -15.45 -29.91 46.51
CA THR A 460 -14.63 -30.28 45.34
C THR A 460 -13.26 -30.80 45.83
N ASP A 461 -12.62 -31.71 45.06
CA ASP A 461 -11.24 -32.17 45.28
C ASP A 461 -10.32 -32.31 44.03
N ARG A 462 -10.79 -31.85 42.88
CA ARG A 462 -9.96 -31.90 41.68
C ARG A 462 -9.96 -30.53 41.04
N THR A 463 -9.05 -30.34 40.07
CA THR A 463 -8.87 -29.07 39.40
C THR A 463 -8.46 -29.36 37.98
N GLU A 464 -9.26 -28.89 37.00
CA GLU A 464 -8.87 -28.98 35.60
C GLU A 464 -7.72 -28.02 35.35
N GLU A 465 -6.66 -28.59 34.81
CA GLU A 465 -5.42 -27.90 34.48
C GLU A 465 -5.63 -26.59 33.71
N TRP A 466 -6.26 -26.68 32.54
CA TRP A 466 -6.29 -25.56 31.60
C TRP A 466 -7.14 -24.35 31.99
N TYR A 467 -8.26 -24.56 32.70
CA TYR A 467 -9.18 -23.47 33.08
C TYR A 467 -9.23 -23.29 34.58
N GLY A 468 -8.72 -24.26 35.31
CA GLY A 468 -8.76 -24.19 36.77
C GLY A 468 -10.05 -24.67 37.39
N THR A 469 -10.95 -25.21 36.56
CA THR A 469 -12.26 -25.69 36.98
C THR A 469 -12.18 -26.63 38.17
N GLN A 470 -12.88 -26.32 39.25
CA GLN A 470 -12.83 -27.30 40.30
C GLN A 470 -14.06 -28.19 40.38
N TYR A 471 -13.80 -29.47 40.61
CA TYR A 471 -14.86 -30.44 40.57
C TYR A 471 -14.50 -31.74 41.34
N LYS A 472 -15.51 -32.60 41.51
CA LYS A 472 -15.37 -33.90 42.12
C LYS A 472 -15.90 -34.93 41.13
N GLN A 473 -15.37 -36.16 41.23
CA GLN A 473 -15.77 -37.29 40.38
C GLN A 473 -16.12 -38.47 41.25
N GLU A 474 -17.05 -39.32 40.78
CA GLU A 474 -17.64 -40.42 41.54
C GLU A 474 -18.26 -41.43 40.63
N ALA A 475 -18.13 -42.70 40.98
CA ALA A 475 -18.94 -43.74 40.38
C ALA A 475 -20.37 -43.60 40.91
N ILE A 476 -21.33 -43.60 40.01
CA ILE A 476 -22.72 -43.75 40.39
C ILE A 476 -22.97 -45.14 41.03
N PRO A 477 -23.50 -45.16 42.25
CA PRO A 477 -23.80 -46.40 42.98
C PRO A 477 -24.48 -47.46 42.11
N ASP A 478 -23.90 -48.68 42.04
CA ASP A 478 -24.47 -49.81 41.27
C ASP A 478 -26.00 -49.91 41.34
N GLU A 479 -26.53 -49.45 42.46
CA GLU A 479 -27.93 -49.63 42.72
C GLU A 479 -28.78 -48.36 42.42
N VAL A 480 -28.10 -47.26 42.16
CA VAL A 480 -28.75 -46.18 41.41
C VAL A 480 -28.91 -46.54 39.90
N ILE A 481 -27.90 -47.18 39.31
CA ILE A 481 -28.01 -47.57 37.91
C ILE A 481 -29.21 -48.49 37.76
N LYS A 482 -29.27 -49.53 38.63
CA LYS A 482 -30.33 -50.60 38.57
C LYS A 482 -31.72 -49.95 38.57
N LYS A 483 -31.95 -49.11 39.58
CA LYS A 483 -33.21 -48.36 39.68
C LYS A 483 -33.56 -47.65 38.34
N TRP A 484 -32.55 -47.04 37.69
CA TRP A 484 -32.70 -46.42 36.33
C TRP A 484 -32.95 -47.43 35.20
N GLN A 485 -32.16 -48.50 35.14
CA GLN A 485 -32.44 -49.63 34.25
C GLN A 485 -33.86 -50.18 34.33
N ASN A 486 -34.50 -50.16 35.49
CA ASN A 486 -35.87 -50.66 35.56
C ASN A 486 -36.92 -49.66 35.24
N ALA A 487 -36.52 -48.51 34.72
CA ALA A 487 -37.46 -47.44 34.40
C ALA A 487 -38.73 -48.00 33.79
N ASP A 488 -39.80 -47.79 34.53
CA ASP A 488 -41.17 -48.21 34.19
C ASP A 488 -41.68 -47.41 32.97
N LEU A 489 -42.87 -47.72 32.42
CA LEU A 489 -43.52 -46.66 31.62
C LEU A 489 -44.13 -45.64 32.59
N ASN A 490 -44.28 -44.40 32.11
CA ASN A 490 -44.89 -43.32 32.86
C ASN A 490 -45.83 -42.62 31.91
N GLY A 491 -47.06 -42.46 32.38
CA GLY A 491 -48.16 -42.07 31.55
C GLY A 491 -48.27 -40.58 31.38
N LYS A 492 -47.37 -39.80 31.94
CA LYS A 492 -47.39 -38.38 31.60
C LYS A 492 -46.73 -38.15 30.21
N PHE A 493 -46.11 -39.21 29.69
CA PHE A 493 -45.31 -39.13 28.48
C PHE A 493 -45.97 -39.70 27.23
N LYS A 494 -46.30 -38.82 26.29
CA LYS A 494 -46.87 -39.20 25.01
C LYS A 494 -46.01 -38.68 23.87
N LEU A 495 -45.93 -39.42 22.77
CA LEU A 495 -45.49 -38.83 21.49
C LEU A 495 -46.22 -37.51 21.13
N PRO A 496 -45.55 -36.63 20.35
CA PRO A 496 -46.26 -35.43 19.95
C PRO A 496 -47.28 -35.80 18.90
N THR A 497 -48.27 -34.98 18.73
CA THR A 497 -49.28 -35.36 17.75
C THR A 497 -48.97 -34.55 16.48
N LYS A 498 -49.80 -34.66 15.42
CA LYS A 498 -49.51 -33.99 14.12
C LYS A 498 -49.21 -32.50 14.33
N ASN A 499 -48.22 -31.98 13.59
CA ASN A 499 -47.94 -30.55 13.64
C ASN A 499 -48.88 -29.69 12.76
N GLU A 500 -49.88 -29.12 13.41
CA GLU A 500 -50.91 -28.37 12.76
C GLU A 500 -50.42 -27.07 12.13
N PHE A 501 -49.20 -26.65 12.51
CA PHE A 501 -48.67 -25.34 12.14
C PHE A 501 -47.85 -25.37 10.89
N ILE A 502 -47.57 -26.59 10.42
CA ILE A 502 -46.90 -26.83 9.16
C ILE A 502 -47.64 -26.10 8.04
N PRO A 503 -46.91 -25.29 7.23
CA PRO A 503 -47.64 -24.44 6.29
C PRO A 503 -47.99 -25.19 5.00
N THR A 504 -49.07 -24.80 4.38
CA THR A 504 -49.43 -25.41 3.14
C THR A 504 -49.95 -24.35 2.23
N ASN A 505 -49.94 -23.09 2.60
CA ASN A 505 -50.22 -22.11 1.59
C ASN A 505 -48.95 -21.35 1.27
N PHE A 506 -48.41 -21.55 0.07
CA PHE A 506 -47.13 -20.91 -0.29
C PHE A 506 -47.23 -19.88 -1.42
N GLU A 507 -48.42 -19.37 -1.65
CA GLU A 507 -48.68 -18.61 -2.86
C GLU A 507 -48.10 -17.25 -2.69
N ILE A 508 -47.27 -16.81 -3.64
CA ILE A 508 -46.80 -15.39 -3.65
C ILE A 508 -47.91 -14.45 -4.19
N LEU A 509 -48.44 -13.54 -3.37
CA LEU A 509 -49.55 -12.67 -3.79
C LEU A 509 -49.06 -11.77 -4.88
N PRO A 510 -49.91 -11.42 -5.87
CA PRO A 510 -49.30 -10.57 -6.93
C PRO A 510 -49.02 -9.15 -6.42
N LEU A 511 -48.10 -8.47 -7.07
CA LEU A 511 -47.68 -7.15 -6.65
C LEU A 511 -48.77 -6.11 -6.91
N GLU A 512 -49.17 -5.37 -5.88
CA GLU A 512 -50.30 -4.43 -5.99
C GLU A 512 -50.05 -3.25 -6.98
N LYS A 513 -51.13 -2.63 -7.46
CA LYS A 513 -51.01 -1.45 -8.35
C LYS A 513 -50.26 -0.26 -7.66
N GLU A 514 -50.73 0.13 -6.46
CA GLU A 514 -50.15 1.26 -5.67
C GLU A 514 -49.02 0.84 -4.65
N ALA A 515 -48.41 -0.33 -4.87
CA ALA A 515 -47.33 -0.85 -4.00
C ALA A 515 -46.08 0.00 -4.18
N THR A 516 -45.31 0.23 -3.12
CA THR A 516 -44.16 1.17 -3.16
C THR A 516 -42.79 0.58 -2.73
N PRO A 517 -41.65 1.23 -3.16
CA PRO A 517 -40.26 0.78 -2.89
C PRO A 517 -39.86 0.77 -1.41
N TYR A 518 -40.35 1.75 -0.63
CA TYR A 518 -40.19 1.82 0.82
C TYR A 518 -41.52 1.70 1.55
N PRO A 519 -41.49 1.48 2.88
CA PRO A 519 -42.73 1.29 3.61
C PRO A 519 -43.57 2.53 3.58
N ALA A 520 -44.88 2.38 3.50
CA ALA A 520 -45.76 3.53 3.47
C ALA A 520 -46.44 3.61 4.82
N LEU A 521 -46.74 4.82 5.26
CA LEU A 521 -47.49 5.02 6.47
C LEU A 521 -48.92 4.87 6.03
N ILE A 522 -49.55 3.75 6.33
CA ILE A 522 -50.89 3.54 5.83
C ILE A 522 -51.92 3.67 6.92
N LYS A 523 -51.51 3.95 8.15
CA LYS A 523 -52.46 4.19 9.24
C LYS A 523 -51.82 5.08 10.29
N ASP A 524 -52.50 6.19 10.60
CA ASP A 524 -51.92 7.19 11.50
C ASP A 524 -52.91 7.64 12.56
N THR A 525 -53.37 6.72 13.40
CA THR A 525 -54.33 7.06 14.43
C THR A 525 -53.67 7.18 15.82
N ALA A 526 -54.42 7.65 16.81
CA ALA A 526 -53.87 7.85 18.15
C ALA A 526 -53.43 6.51 18.77
N MET A 527 -54.24 5.47 18.54
CA MET A 527 -53.86 4.12 18.93
C MET A 527 -52.61 3.56 18.23
N SER A 528 -52.43 3.80 16.93
CA SER A 528 -51.34 3.15 16.16
C SER A 528 -50.90 3.75 14.83
N LYS A 529 -49.63 3.51 14.53
CA LYS A 529 -48.93 3.93 13.32
C LYS A 529 -48.48 2.68 12.55
N LEU A 530 -49.13 2.40 11.41
CA LEU A 530 -48.84 1.23 10.65
C LEU A 530 -48.01 1.59 9.41
N TRP A 531 -46.77 1.05 9.40
CA TRP A 531 -45.84 1.13 8.26
C TRP A 531 -45.89 -0.16 7.45
N PHE A 532 -46.03 -0.06 6.13
CA PHE A 532 -46.31 -1.28 5.36
C PHE A 532 -45.67 -1.27 4.00
N LYS A 533 -45.12 -2.45 3.66
CA LYS A 533 -44.50 -2.71 2.39
C LYS A 533 -44.66 -4.14 1.98
N GLN A 534 -45.33 -4.35 0.86
CA GLN A 534 -45.38 -5.68 0.23
C GLN A 534 -44.02 -5.95 -0.31
N ASP A 535 -43.56 -7.19 -0.22
CA ASP A 535 -42.23 -7.56 -0.70
C ASP A 535 -42.12 -7.44 -2.21
N ASP A 536 -41.25 -6.57 -2.72
CA ASP A 536 -41.08 -6.45 -4.18
C ASP A 536 -39.78 -7.12 -4.71
N LYS A 537 -39.17 -7.97 -3.90
CA LYS A 537 -37.78 -8.27 -3.96
C LYS A 537 -37.40 -9.76 -3.85
N PHE A 538 -37.92 -10.51 -2.86
CA PHE A 538 -37.47 -11.88 -2.55
C PHE A 538 -38.46 -12.99 -2.88
N PHE A 539 -39.73 -12.64 -3.00
CA PHE A 539 -40.77 -13.56 -3.43
C PHE A 539 -40.82 -14.95 -2.73
N LEU A 540 -40.66 -14.95 -1.42
CA LEU A 540 -40.84 -16.18 -0.67
C LEU A 540 -42.10 -16.02 0.13
N PRO A 541 -42.77 -17.14 0.47
CA PRO A 541 -44.03 -17.03 1.19
C PRO A 541 -43.82 -16.77 2.66
N LYS A 542 -43.14 -15.67 2.99
CA LYS A 542 -42.85 -15.31 4.40
C LYS A 542 -43.23 -13.88 4.66
N ALA A 543 -43.37 -13.53 5.93
CA ALA A 543 -43.52 -12.14 6.29
C ALA A 543 -42.88 -11.82 7.63
N ASN A 544 -42.63 -10.53 7.87
CA ASN A 544 -42.28 -10.02 9.21
C ASN A 544 -43.24 -8.98 9.66
N LEU A 545 -43.68 -9.16 10.89
CA LEU A 545 -44.66 -8.32 11.52
C LEU A 545 -44.01 -7.94 12.83
N ASN A 546 -43.69 -6.65 12.91
CA ASN A 546 -42.96 -6.03 13.97
C ASN A 546 -43.85 -5.04 14.69
N PHE A 547 -43.80 -4.96 16.03
CA PHE A 547 -44.58 -3.96 16.79
C PHE A 547 -43.88 -3.31 17.97
N GLU A 548 -43.74 -1.96 18.05
CA GLU A 548 -43.38 -1.35 19.36
C GLU A 548 -44.69 -1.04 20.05
N PHE A 549 -44.86 -1.57 21.25
CA PHE A 549 -45.92 -1.13 22.15
C PHE A 549 -45.33 -0.11 23.08
N PHE A 550 -45.81 1.13 23.05
CA PHE A 550 -45.35 2.14 24.01
C PHE A 550 -46.20 2.22 25.28
N SER A 551 -45.59 2.01 26.45
CA SER A 551 -46.21 2.40 27.69
C SER A 551 -45.18 2.97 28.64
N PRO A 552 -45.48 4.12 29.24
CA PRO A 552 -44.50 4.72 30.15
C PRO A 552 -44.30 3.86 31.41
N PHE A 553 -45.27 3.01 31.75
CA PHE A 553 -45.13 2.18 32.92
C PHE A 553 -44.14 1.06 32.81
N ALA A 554 -43.49 0.88 31.67
CA ALA A 554 -42.59 -0.26 31.49
C ALA A 554 -41.27 0.03 32.15
N TYR A 555 -40.98 1.32 32.26
CA TYR A 555 -39.68 1.75 32.69
C TYR A 555 -39.80 2.98 33.61
N VAL A 556 -41.00 3.21 34.13
CA VAL A 556 -41.21 4.32 35.08
C VAL A 556 -40.25 4.27 36.27
N ASP A 557 -39.87 3.07 36.66
CA ASP A 557 -39.01 2.88 37.78
C ASP A 557 -38.43 1.44 37.84
N PRO A 558 -37.36 1.22 38.62
CA PRO A 558 -36.79 -0.12 38.69
C PRO A 558 -37.82 -1.19 38.98
N LEU A 559 -38.73 -0.92 39.91
CA LEU A 559 -39.76 -1.92 40.22
C LEU A 559 -40.51 -2.33 38.95
N HIS A 560 -40.97 -1.35 38.18
CA HIS A 560 -41.82 -1.62 37.03
C HIS A 560 -41.05 -2.31 35.95
N SER A 561 -39.83 -1.85 35.74
CA SER A 561 -38.96 -2.47 34.80
C SER A 561 -38.95 -3.98 35.07
N ASN A 562 -38.75 -4.39 36.32
CA ASN A 562 -38.79 -5.82 36.67
C ASN A 562 -40.10 -6.50 36.34
N MET A 563 -41.16 -5.76 36.56
CA MET A 563 -42.47 -6.31 36.32
C MET A 563 -42.67 -6.55 34.83
N ALA A 564 -42.47 -5.50 34.02
CA ALA A 564 -42.48 -5.60 32.56
C ALA A 564 -41.73 -6.87 32.11
N TYR A 565 -40.53 -7.04 32.64
CA TYR A 565 -39.73 -8.20 32.34
C TYR A 565 -40.42 -9.51 32.73
N LEU A 566 -40.75 -9.67 34.01
CA LEU A 566 -41.26 -10.94 34.52
C LEU A 566 -42.54 -11.36 33.81
N TYR A 567 -43.38 -10.36 33.53
CA TYR A 567 -44.66 -10.58 32.93
C TYR A 567 -44.41 -11.27 31.62
N LEU A 568 -43.60 -10.59 30.81
CA LEU A 568 -43.26 -11.11 29.52
C LEU A 568 -42.62 -12.50 29.62
N GLU A 569 -41.68 -12.68 30.53
CA GLU A 569 -41.08 -13.99 30.69
C GLU A 569 -42.08 -15.07 31.03
N LEU A 570 -43.08 -14.76 31.87
CA LEU A 570 -44.05 -15.78 32.31
C LEU A 570 -45.02 -16.08 31.22
N LEU A 571 -45.29 -15.07 30.41
CA LEU A 571 -46.11 -15.23 29.25
C LEU A 571 -45.45 -16.15 28.23
N LYS A 572 -44.18 -15.87 27.91
CA LYS A 572 -43.42 -16.74 26.99
C LYS A 572 -43.33 -18.13 27.57
N ASP A 573 -43.00 -18.25 28.84
CA ASP A 573 -43.03 -19.56 29.46
C ASP A 573 -44.37 -20.25 29.32
N SER A 574 -45.43 -19.49 29.40
CA SER A 574 -46.76 -20.06 29.32
C SER A 574 -47.13 -20.55 27.92
N LEU A 575 -46.84 -19.76 26.87
CA LEU A 575 -47.10 -20.16 25.46
C LEU A 575 -46.16 -21.21 24.94
N ASN A 576 -45.02 -21.38 25.61
CA ASN A 576 -43.98 -22.23 25.09
C ASN A 576 -44.48 -23.52 24.51
N GLU A 577 -45.27 -24.27 25.28
CA GLU A 577 -45.77 -25.59 24.82
C GLU A 577 -46.49 -25.51 23.50
N TYR A 578 -47.16 -24.40 23.23
CA TYR A 578 -47.97 -24.31 22.07
C TYR A 578 -47.20 -23.63 20.99
N ALA A 579 -46.33 -22.72 21.39
CA ALA A 579 -45.56 -21.98 20.40
C ALA A 579 -44.57 -22.86 19.64
N TYR A 580 -44.15 -23.96 20.25
CA TYR A 580 -43.00 -24.73 19.79
C TYR A 580 -43.32 -25.36 18.45
N ALA A 581 -44.54 -25.91 18.33
CA ALA A 581 -45.04 -26.43 17.07
C ALA A 581 -44.71 -25.40 16.01
N ALA A 582 -45.09 -24.15 16.28
CA ALA A 582 -45.03 -23.12 15.28
C ALA A 582 -43.57 -22.91 14.90
N GLU A 583 -42.68 -22.85 15.89
CA GLU A 583 -41.28 -22.77 15.62
C GLU A 583 -40.73 -23.89 14.70
N LEU A 584 -40.82 -25.14 15.12
CA LEU A 584 -40.58 -26.21 14.16
C LEU A 584 -41.17 -25.97 12.75
N ALA A 585 -42.35 -25.38 12.67
CA ALA A 585 -42.97 -25.10 11.38
C ALA A 585 -42.49 -23.80 10.74
N GLY A 586 -41.36 -23.27 11.19
CA GLY A 586 -40.79 -22.08 10.54
C GLY A 586 -41.53 -20.78 10.81
N LEU A 587 -42.07 -20.67 12.01
CA LEU A 587 -42.90 -19.55 12.37
C LEU A 587 -42.53 -19.23 13.79
N SER A 588 -41.77 -18.17 14.02
CA SER A 588 -41.45 -17.90 15.40
C SER A 588 -41.71 -16.45 15.80
N TYR A 589 -41.76 -16.25 17.11
CA TYR A 589 -41.99 -14.97 17.64
C TYR A 589 -40.91 -14.65 18.64
N ASP A 590 -40.74 -13.38 18.89
CA ASP A 590 -39.77 -12.95 19.82
C ASP A 590 -40.42 -11.77 20.58
N LEU A 591 -40.39 -11.84 21.92
CA LEU A 591 -41.17 -10.91 22.77
C LEU A 591 -40.36 -10.49 23.99
N GLN A 592 -40.09 -9.20 24.10
CA GLN A 592 -39.28 -8.67 25.19
C GLN A 592 -39.67 -7.22 25.52
N ASN A 593 -39.41 -6.83 26.76
CA ASN A 593 -39.68 -5.49 27.26
C ASN A 593 -38.56 -4.57 26.88
N THR A 594 -38.85 -3.29 26.69
CA THR A 594 -37.81 -2.34 26.40
C THR A 594 -38.01 -1.18 27.36
N ILE A 595 -37.09 -0.23 27.29
CA ILE A 595 -37.15 0.97 28.11
C ILE A 595 -38.39 1.77 27.71
N TYR A 596 -38.96 1.44 26.55
CA TYR A 596 -40.05 2.22 26.01
C TYR A 596 -41.41 1.61 26.20
N GLY A 597 -41.47 0.45 26.87
CA GLY A 597 -42.62 -0.49 26.81
C GLY A 597 -42.03 -1.61 25.95
N MET A 598 -42.88 -2.46 25.38
CA MET A 598 -42.65 -3.79 24.77
C MET A 598 -42.44 -3.90 23.25
N TYR A 599 -41.78 -4.98 22.86
CA TYR A 599 -41.52 -5.31 21.49
C TYR A 599 -41.95 -6.72 21.16
N LEU A 600 -42.60 -6.87 20.01
CA LEU A 600 -43.09 -8.15 19.54
C LEU A 600 -42.73 -8.23 18.12
N SER A 601 -42.05 -9.29 17.73
CA SER A 601 -41.88 -9.60 16.31
C SER A 601 -42.29 -11.02 16.00
N VAL A 602 -43.01 -11.20 14.89
CA VAL A 602 -43.42 -12.52 14.39
C VAL A 602 -42.89 -12.60 12.96
N LYS A 603 -42.02 -13.58 12.68
CA LYS A 603 -41.34 -13.81 11.38
C LYS A 603 -41.67 -15.24 10.84
N GLY A 604 -41.59 -15.47 9.53
CA GLY A 604 -41.73 -16.84 9.01
C GLY A 604 -42.81 -17.01 7.94
N TYR A 605 -43.18 -18.27 7.66
CA TYR A 605 -44.19 -18.51 6.65
C TYR A 605 -45.41 -17.77 7.06
N ASN A 606 -45.94 -17.00 6.11
CA ASN A 606 -47.03 -16.12 6.40
C ASN A 606 -48.32 -16.91 6.53
N ASP A 607 -48.39 -18.10 5.91
CA ASP A 607 -49.60 -18.93 5.94
C ASP A 607 -50.35 -18.93 7.27
N LYS A 608 -49.69 -19.35 8.35
CA LYS A 608 -50.40 -19.47 9.61
C LYS A 608 -50.01 -18.39 10.61
N GLN A 609 -49.36 -17.34 10.15
CA GLN A 609 -48.85 -16.31 11.06
C GLN A 609 -49.95 -15.67 11.86
N PRO A 610 -51.08 -15.28 11.19
CA PRO A 610 -52.12 -14.52 11.89
C PRO A 610 -52.76 -15.32 13.01
N ILE A 611 -52.73 -16.66 12.91
CA ILE A 611 -53.11 -17.52 14.06
C ILE A 611 -52.18 -17.31 15.26
N LEU A 612 -50.88 -17.35 15.05
CA LEU A 612 -49.95 -17.22 16.17
C LEU A 612 -50.00 -15.85 16.83
N LEU A 613 -49.99 -14.79 16.00
CA LEU A 613 -50.14 -13.43 16.49
C LEU A 613 -51.34 -13.29 17.39
N LYS A 614 -52.52 -13.65 16.87
CA LYS A 614 -53.74 -13.64 17.64
C LYS A 614 -53.52 -14.35 18.94
N LYS A 615 -53.01 -15.59 18.92
CA LYS A 615 -52.82 -16.31 20.21
C LYS A 615 -51.93 -15.53 21.18
N ILE A 616 -50.83 -14.95 20.70
CA ILE A 616 -49.95 -14.11 21.53
C ILE A 616 -50.72 -12.96 22.22
N ILE A 617 -51.24 -12.00 21.44
CA ILE A 617 -52.00 -10.84 21.97
C ILE A 617 -53.13 -11.28 22.90
N GLU A 618 -54.00 -12.18 22.46
CA GLU A 618 -55.00 -12.71 23.36
C GLU A 618 -54.36 -13.12 24.72
N LYS A 619 -53.41 -14.05 24.73
CA LYS A 619 -52.78 -14.50 25.97
C LYS A 619 -52.25 -13.35 26.79
N MET A 620 -51.51 -12.47 26.14
CA MET A 620 -51.00 -11.25 26.75
C MET A 620 -52.08 -10.49 27.54
N ALA A 621 -53.29 -10.46 26.99
CA ALA A 621 -54.34 -9.54 27.49
C ALA A 621 -55.32 -10.22 28.39
N THR A 622 -55.09 -11.48 28.73
CA THR A 622 -56.02 -12.26 29.55
C THR A 622 -55.13 -13.16 30.36
N PHE A 623 -53.91 -12.70 30.54
CA PHE A 623 -52.89 -13.54 31.19
C PHE A 623 -53.23 -13.92 32.65
N GLU A 624 -52.99 -15.18 32.98
CA GLU A 624 -53.30 -15.72 34.29
C GLU A 624 -52.03 -16.42 34.81
N ILE A 625 -51.44 -15.87 35.86
CA ILE A 625 -50.11 -16.30 36.24
C ILE A 625 -50.10 -17.52 37.13
N ASP A 626 -49.46 -18.60 36.73
CA ASP A 626 -49.24 -19.69 37.70
C ASP A 626 -48.25 -19.21 38.79
N GLU A 627 -48.58 -19.48 40.05
CA GLU A 627 -47.77 -19.02 41.16
C GLU A 627 -46.43 -19.72 41.26
N LYS A 628 -46.40 -21.05 41.13
CA LYS A 628 -45.13 -21.81 41.18
C LYS A 628 -44.13 -21.28 40.12
N ARG A 629 -44.69 -20.94 38.96
CA ARG A 629 -43.96 -20.50 37.78
C ARG A 629 -43.33 -19.16 38.04
N PHE A 630 -44.13 -18.25 38.58
CA PHE A 630 -43.66 -16.96 39.06
C PHE A 630 -42.50 -17.09 40.04
N GLU A 631 -42.65 -17.93 41.05
CA GLU A 631 -41.65 -17.98 42.07
C GLU A 631 -40.29 -18.44 41.48
N ILE A 632 -40.34 -19.37 40.52
CA ILE A 632 -39.15 -19.98 39.88
C ILE A 632 -38.47 -19.00 38.92
N ILE A 633 -39.27 -18.44 38.03
CA ILE A 633 -38.78 -17.44 37.09
C ILE A 633 -38.08 -16.28 37.81
N LYS A 634 -38.69 -15.79 38.87
CA LYS A 634 -38.15 -14.70 39.68
C LYS A 634 -36.77 -15.05 40.28
N GLU A 635 -36.67 -16.24 40.87
CA GLU A 635 -35.45 -16.69 41.46
C GLU A 635 -34.38 -16.76 40.36
N ALA A 636 -34.76 -17.24 39.16
CA ALA A 636 -33.80 -17.30 38.03
C ALA A 636 -33.38 -15.90 37.59
N TYR A 637 -34.32 -14.97 37.62
CA TYR A 637 -34.05 -13.64 37.16
C TYR A 637 -33.08 -12.93 38.08
N MET A 638 -33.25 -13.16 39.38
CA MET A 638 -32.35 -12.66 40.41
C MET A 638 -30.94 -13.10 40.06
N ARG A 639 -30.79 -14.37 39.72
CA ARG A 639 -29.48 -14.90 39.43
C ARG A 639 -28.88 -14.26 38.20
N SER A 640 -29.69 -14.05 37.15
CA SER A 640 -29.15 -13.44 35.95
C SER A 640 -28.77 -11.94 36.18
N LEU A 641 -29.50 -11.25 37.05
CA LEU A 641 -28.98 -9.99 37.55
C LEU A 641 -27.58 -10.07 38.22
N ASN A 642 -27.42 -10.92 39.24
CA ASN A 642 -26.12 -11.08 39.83
C ASN A 642 -25.14 -11.44 38.77
N ASN A 643 -25.56 -12.37 37.90
CA ASN A 643 -24.62 -13.01 37.02
C ASN A 643 -23.94 -12.04 36.08
N PHE A 644 -24.42 -10.80 36.05
CA PHE A 644 -23.70 -9.77 35.37
C PHE A 644 -22.28 -9.52 35.90
N ARG A 645 -22.06 -9.73 37.22
CA ARG A 645 -20.73 -9.45 37.80
C ARG A 645 -19.67 -10.36 37.20
N ALA A 646 -20.13 -11.34 36.45
CA ALA A 646 -19.27 -12.29 35.78
C ALA A 646 -19.21 -12.11 34.27
N GLU A 647 -19.98 -11.22 33.67
CA GLU A 647 -19.72 -10.87 32.27
C GLU A 647 -18.32 -10.26 32.11
N GLN A 648 -17.88 -10.09 30.88
CA GLN A 648 -16.51 -9.67 30.63
C GLN A 648 -16.23 -8.16 30.81
N PRO A 649 -14.97 -7.78 31.16
CA PRO A 649 -14.62 -6.36 31.38
C PRO A 649 -15.09 -5.35 30.30
N HIS A 650 -14.95 -5.71 29.04
CA HIS A 650 -15.33 -4.79 28.01
C HIS A 650 -16.87 -4.65 27.94
N GLN A 651 -17.56 -5.72 28.31
CA GLN A 651 -19.01 -5.62 28.33
C GLN A 651 -19.46 -4.69 29.46
N HIS A 652 -18.66 -4.68 30.52
CA HIS A 652 -18.92 -3.86 31.67
C HIS A 652 -18.71 -2.40 31.23
N ALA A 653 -17.56 -2.17 30.59
CA ALA A 653 -17.21 -0.86 30.07
C ALA A 653 -18.35 -0.36 29.23
N MET A 654 -18.75 -1.16 28.23
CA MET A 654 -19.85 -0.79 27.36
C MET A 654 -21.10 -0.49 28.15
N TYR A 655 -21.45 -1.36 29.08
CA TYR A 655 -22.65 -1.18 29.92
C TYR A 655 -22.67 0.11 30.81
N TYR A 656 -21.63 0.34 31.61
CA TYR A 656 -21.49 1.65 32.26
C TYR A 656 -21.63 2.86 31.31
N LEU A 657 -21.05 2.78 30.12
CA LEU A 657 -21.13 3.95 29.26
C LEU A 657 -22.59 4.25 28.84
N ARG A 658 -23.33 3.20 28.54
CA ARG A 658 -24.75 3.28 28.25
C ARG A 658 -25.49 3.93 29.42
N LEU A 659 -25.27 3.46 30.64
CA LEU A 659 -25.83 4.08 31.84
C LEU A 659 -25.43 5.54 32.01
N LEU A 660 -24.22 5.89 31.61
CA LEU A 660 -23.72 7.23 31.86
C LEU A 660 -24.28 8.26 30.91
N MET A 661 -24.58 7.85 29.67
CA MET A 661 -24.97 8.79 28.64
C MET A 661 -26.46 8.85 28.26
N THR A 662 -27.31 8.00 28.85
CA THR A 662 -28.74 8.06 28.52
C THR A 662 -29.49 8.75 29.64
N GLU A 663 -30.28 9.75 29.26
CA GLU A 663 -31.11 10.45 30.19
C GLU A 663 -31.64 9.56 31.30
N VAL A 664 -32.32 8.46 30.96
CA VAL A 664 -32.90 7.61 32.01
C VAL A 664 -32.38 6.17 31.91
N ALA A 665 -31.90 5.58 33.00
CA ALA A 665 -31.50 4.15 32.94
C ALA A 665 -31.28 3.55 34.28
N TRP A 666 -31.89 2.42 34.54
CA TRP A 666 -31.83 1.84 35.87
C TRP A 666 -30.66 0.89 35.87
N THR A 667 -29.91 0.84 36.97
CA THR A 667 -28.74 -0.04 37.03
C THR A 667 -29.13 -1.45 37.43
N LYS A 668 -28.26 -2.41 37.09
CA LYS A 668 -28.44 -3.82 37.50
C LYS A 668 -28.66 -3.89 39.02
N ASP A 669 -27.88 -3.15 39.81
CA ASP A 669 -28.08 -3.07 41.28
C ASP A 669 -29.43 -2.53 41.73
N GLU A 670 -29.86 -1.43 41.15
CA GLU A 670 -31.21 -0.94 41.39
C GLU A 670 -32.32 -2.02 41.15
N LEU A 671 -32.21 -2.76 40.04
CA LEU A 671 -33.18 -3.77 39.66
C LEU A 671 -33.16 -4.92 40.63
N LYS A 672 -31.96 -5.25 41.09
CA LYS A 672 -31.74 -6.33 42.03
C LYS A 672 -32.47 -6.00 43.34
N GLU A 673 -32.23 -4.79 43.84
CA GLU A 673 -32.86 -4.32 45.08
C GLU A 673 -34.36 -4.39 45.00
N ALA A 674 -34.89 -3.68 44.02
CA ALA A 674 -36.32 -3.56 43.77
C ALA A 674 -37.00 -4.89 43.41
N LEU A 675 -36.22 -5.91 43.13
CA LEU A 675 -36.81 -7.18 42.82
C LEU A 675 -37.48 -7.83 44.01
N ASP A 676 -37.00 -7.61 45.22
CA ASP A 676 -37.66 -8.20 46.40
C ASP A 676 -39.11 -7.75 46.63
N ASP A 677 -39.41 -6.49 46.32
CA ASP A 677 -40.76 -5.97 46.49
C ASP A 677 -41.75 -6.38 45.39
N VAL A 678 -41.39 -7.35 44.56
CA VAL A 678 -42.27 -7.83 43.47
C VAL A 678 -42.99 -9.04 43.99
N THR A 679 -44.29 -8.91 44.27
CA THR A 679 -45.07 -10.04 44.76
C THR A 679 -46.17 -10.36 43.77
N LEU A 680 -46.70 -11.60 43.85
CA LEU A 680 -47.82 -11.98 43.01
C LEU A 680 -48.89 -10.87 42.96
N PRO A 681 -49.56 -10.55 44.09
CA PRO A 681 -50.51 -9.43 44.04
C PRO A 681 -50.03 -8.25 43.18
N ARG A 682 -48.82 -7.76 43.42
CA ARG A 682 -48.21 -6.60 42.73
C ARG A 682 -48.10 -6.71 41.20
N LEU A 683 -47.66 -7.87 40.69
CA LEU A 683 -47.62 -8.16 39.25
C LEU A 683 -49.01 -8.20 38.62
N LYS A 684 -49.92 -8.98 39.22
CA LYS A 684 -51.33 -9.07 38.80
C LYS A 684 -51.93 -7.72 38.57
N ALA A 685 -51.52 -6.76 39.40
CA ALA A 685 -52.00 -5.41 39.31
C ALA A 685 -51.37 -4.69 38.12
N PHE A 686 -50.06 -4.87 37.98
CA PHE A 686 -49.24 -4.20 37.00
C PHE A 686 -49.73 -4.40 35.56
N ILE A 687 -49.93 -5.67 35.20
CA ILE A 687 -50.33 -6.03 33.83
C ILE A 687 -51.53 -5.22 33.27
N PRO A 688 -52.65 -5.13 34.02
CA PRO A 688 -53.79 -4.40 33.46
C PRO A 688 -53.47 -2.95 33.31
N GLN A 689 -52.56 -2.47 34.16
CA GLN A 689 -52.16 -1.06 34.17
C GLN A 689 -51.40 -0.79 32.87
N LEU A 690 -50.30 -1.52 32.68
CA LEU A 690 -49.47 -1.47 31.47
C LEU A 690 -50.26 -1.44 30.19
N LEU A 691 -51.17 -2.40 30.04
CA LEU A 691 -52.00 -2.54 28.87
C LEU A 691 -53.15 -1.55 28.73
N SER A 692 -53.29 -0.56 29.63
CA SER A 692 -54.50 0.25 29.61
C SER A 692 -54.40 1.51 28.73
N ARG A 693 -53.24 2.16 28.70
CA ARG A 693 -52.94 3.09 27.58
C ARG A 693 -51.69 2.60 26.81
N LEU A 694 -51.78 2.46 25.49
CA LEU A 694 -50.62 2.16 24.64
C LEU A 694 -50.66 2.93 23.34
N HIS A 695 -49.49 3.01 22.72
CA HIS A 695 -49.41 3.37 21.32
C HIS A 695 -48.71 2.22 20.60
N ILE A 696 -49.14 1.91 19.37
CA ILE A 696 -48.45 0.86 18.61
C ILE A 696 -47.88 1.39 17.30
N GLU A 697 -46.59 1.18 17.10
CA GLU A 697 -45.99 1.44 15.82
C GLU A 697 -45.56 0.09 15.32
N ALA A 698 -45.85 -0.14 14.06
CA ALA A 698 -45.58 -1.43 13.46
C ALA A 698 -45.05 -1.29 12.02
N LEU A 699 -44.22 -2.27 11.67
CA LEU A 699 -43.80 -2.51 10.30
C LEU A 699 -44.35 -3.85 9.88
N LEU A 700 -45.28 -3.88 8.93
CA LEU A 700 -45.71 -5.15 8.36
C LEU A 700 -45.10 -5.24 6.96
N HIS A 701 -44.24 -6.25 6.75
CA HIS A 701 -43.32 -6.34 5.59
C HIS A 701 -43.18 -7.76 5.13
N GLY A 702 -43.53 -8.05 3.87
CA GLY A 702 -43.44 -9.43 3.33
C GLY A 702 -44.45 -9.87 2.26
N ASN A 703 -44.77 -11.15 2.23
CA ASN A 703 -45.80 -11.65 1.33
C ASN A 703 -47.21 -11.37 1.86
N ILE A 704 -47.60 -10.10 1.87
CA ILE A 704 -48.94 -9.66 2.35
C ILE A 704 -49.41 -8.37 1.72
N THR A 705 -50.73 -8.22 1.67
CA THR A 705 -51.33 -7.10 0.97
C THR A 705 -51.70 -6.00 1.96
N LYS A 706 -52.00 -4.82 1.42
CA LYS A 706 -52.41 -3.66 2.23
C LYS A 706 -53.62 -3.98 3.07
N GLN A 707 -54.63 -4.55 2.44
CA GLN A 707 -55.82 -4.96 3.13
C GLN A 707 -55.49 -5.99 4.23
N ALA A 708 -54.62 -6.97 3.93
CA ALA A 708 -54.21 -8.02 4.90
C ALA A 708 -53.56 -7.40 6.13
N ALA A 709 -52.71 -6.39 5.86
CA ALA A 709 -51.86 -5.74 6.85
C ALA A 709 -52.70 -4.84 7.81
N LEU A 710 -53.58 -4.05 7.17
CA LEU A 710 -54.53 -3.25 7.88
C LEU A 710 -55.34 -4.13 8.80
N GLY A 711 -55.71 -5.31 8.30
CA GLY A 711 -56.52 -6.22 9.09
C GLY A 711 -55.76 -6.76 10.28
N ILE A 712 -54.53 -7.17 10.01
CA ILE A 712 -53.67 -7.73 11.05
C ILE A 712 -53.49 -6.74 12.20
N MET A 713 -53.25 -5.50 11.81
CA MET A 713 -52.97 -4.45 12.76
C MET A 713 -54.17 -4.23 13.63
N GLN A 714 -55.32 -4.08 12.97
CA GLN A 714 -56.57 -3.85 13.66
C GLN A 714 -56.96 -5.06 14.54
N MET A 715 -56.66 -6.27 14.07
CA MET A 715 -56.92 -7.40 14.92
C MET A 715 -56.14 -7.31 16.22
N VAL A 716 -54.89 -6.86 16.13
CA VAL A 716 -54.12 -6.61 17.36
C VAL A 716 -54.84 -5.59 18.25
N GLU A 717 -55.08 -4.39 17.74
CA GLU A 717 -55.82 -3.39 18.49
C GLU A 717 -57.11 -3.94 19.14
N ASP A 718 -58.03 -4.44 18.30
CA ASP A 718 -59.31 -5.04 18.72
C ASP A 718 -59.19 -6.06 19.85
N THR A 719 -58.15 -6.91 19.81
CA THR A 719 -57.99 -7.94 20.82
C THR A 719 -57.64 -7.27 22.12
N LEU A 720 -56.81 -6.23 22.06
CA LEU A 720 -56.41 -5.50 23.26
C LEU A 720 -57.58 -4.76 23.88
N ILE A 721 -58.28 -3.92 23.09
CA ILE A 721 -59.50 -3.20 23.53
C ILE A 721 -60.48 -4.20 24.18
N GLU A 722 -60.74 -5.31 23.50
CA GLU A 722 -61.70 -6.28 24.00
C GLU A 722 -61.29 -6.82 25.34
N HIS A 723 -60.03 -7.13 25.54
CA HIS A 723 -59.69 -7.83 26.76
C HIS A 723 -58.96 -6.98 27.75
N ALA A 724 -58.37 -5.86 27.33
CA ALA A 724 -57.69 -4.99 28.30
C ALA A 724 -58.28 -3.56 28.37
N HIS A 725 -59.28 -3.26 27.55
CA HIS A 725 -59.95 -1.94 27.52
C HIS A 725 -58.94 -0.85 27.19
N THR A 726 -57.81 -1.28 26.66
CA THR A 726 -56.77 -0.40 26.16
C THR A 726 -57.29 0.79 25.39
N LYS A 727 -56.71 1.93 25.67
CA LYS A 727 -56.93 3.09 24.83
C LYS A 727 -55.64 3.88 24.60
N PRO A 728 -55.71 4.87 23.70
CA PRO A 728 -54.55 5.54 23.14
C PRO A 728 -53.71 6.34 24.14
N LEU A 729 -52.41 6.39 23.94
CA LEU A 729 -51.53 7.32 24.63
C LEU A 729 -51.57 8.74 24.02
N LEU A 730 -51.35 9.76 24.84
CA LEU A 730 -51.40 11.15 24.36
C LEU A 730 -50.10 11.45 23.59
N PRO A 731 -50.17 12.14 22.41
CA PRO A 731 -48.93 12.34 21.64
C PRO A 731 -47.75 12.80 22.50
N SER A 732 -48.05 13.71 23.42
CA SER A 732 -47.04 14.28 24.28
C SER A 732 -46.38 13.29 25.21
N GLN A 733 -46.98 12.14 25.47
CA GLN A 733 -46.40 11.22 26.45
C GLN A 733 -45.73 10.11 25.74
N LEU A 734 -45.40 10.34 24.47
CA LEU A 734 -44.50 9.47 23.68
C LEU A 734 -43.01 9.87 23.93
N VAL A 735 -42.58 9.73 25.20
CA VAL A 735 -41.19 10.05 25.65
C VAL A 735 -40.15 9.23 24.87
N ARG A 736 -39.24 9.96 24.22
CA ARG A 736 -38.00 9.42 23.74
C ARG A 736 -36.84 10.04 24.54
N TYR A 737 -35.85 9.23 24.92
CA TYR A 737 -34.82 9.69 25.86
C TYR A 737 -33.64 10.37 25.19
N ARG A 738 -32.96 11.26 25.90
CA ARG A 738 -31.89 12.07 25.29
C ARG A 738 -30.50 11.59 25.75
N GLU A 739 -29.47 11.93 24.97
CA GLU A 739 -28.12 11.69 25.39
C GLU A 739 -27.54 12.89 26.14
N VAL A 740 -26.77 12.63 27.18
CA VAL A 740 -26.04 13.67 27.93
C VAL A 740 -25.14 14.53 27.05
N GLN A 741 -25.16 15.85 27.25
CA GLN A 741 -24.40 16.72 26.36
C GLN A 741 -23.09 17.15 26.99
N LEU A 742 -21.98 16.53 26.56
CA LEU A 742 -20.64 16.81 27.09
C LEU A 742 -20.14 18.23 26.70
N PRO A 743 -19.51 18.97 27.67
CA PRO A 743 -18.96 20.30 27.42
C PRO A 743 -17.85 20.24 26.41
N ASP A 744 -17.74 21.25 25.57
CA ASP A 744 -16.50 21.54 24.86
C ASP A 744 -15.21 21.37 25.70
N ARG A 745 -14.30 20.53 25.23
CA ARG A 745 -13.00 20.35 25.87
C ARG A 745 -12.97 19.52 27.13
N GLY A 746 -14.12 19.06 27.62
CA GLY A 746 -14.10 18.19 28.78
C GLY A 746 -13.59 16.77 28.54
N TRP A 747 -13.18 16.16 29.64
CA TRP A 747 -12.82 14.76 29.67
C TRP A 747 -13.29 14.22 31.00
N PHE A 748 -14.18 13.24 30.99
CA PHE A 748 -14.56 12.62 32.24
C PHE A 748 -14.16 11.18 32.15
N VAL A 749 -13.89 10.58 33.30
CA VAL A 749 -13.50 9.18 33.41
C VAL A 749 -14.43 8.57 34.46
N TYR A 750 -14.89 7.35 34.25
CA TYR A 750 -15.58 6.61 35.28
C TYR A 750 -14.83 5.30 35.46
N GLN A 751 -14.56 4.95 36.71
CA GLN A 751 -13.74 3.80 37.08
C GLN A 751 -14.54 2.77 37.81
N GLN A 752 -14.26 1.50 37.52
CA GLN A 752 -14.88 0.39 38.22
C GLN A 752 -13.99 -0.82 38.15
N ARG A 753 -14.28 -1.79 39.01
CA ARG A 753 -13.50 -3.01 39.06
C ARG A 753 -14.37 -4.19 38.60
N ASN A 754 -13.85 -5.03 37.69
CA ASN A 754 -14.44 -6.34 37.44
C ASN A 754 -13.91 -7.31 38.47
N GLU A 755 -14.81 -7.93 39.19
CA GLU A 755 -14.39 -8.86 40.26
C GLU A 755 -13.98 -10.27 39.82
N VAL A 756 -14.59 -10.81 38.77
CA VAL A 756 -14.32 -12.14 38.27
C VAL A 756 -13.04 -12.25 37.37
N HIS A 757 -12.99 -11.41 36.34
CA HIS A 757 -12.02 -11.50 35.27
C HIS A 757 -10.72 -10.80 35.53
N ASN A 758 -9.61 -11.43 35.16
CA ASN A 758 -8.34 -10.81 35.44
C ASN A 758 -7.83 -10.01 34.27
N ASN A 759 -8.72 -9.47 33.47
CA ASN A 759 -8.31 -8.57 32.43
C ASN A 759 -8.91 -7.23 32.76
N SER A 760 -8.61 -6.19 32.01
CA SER A 760 -9.38 -4.94 32.13
C SER A 760 -10.11 -4.54 30.84
N GLY A 761 -11.01 -3.58 30.97
CA GLY A 761 -11.74 -3.12 29.80
C GLY A 761 -11.76 -1.61 29.72
N ILE A 762 -11.97 -1.09 28.53
CA ILE A 762 -12.03 0.35 28.37
C ILE A 762 -12.89 0.70 27.20
N GLU A 763 -13.86 1.60 27.40
CA GLU A 763 -14.50 2.24 26.25
C GLU A 763 -14.18 3.71 26.30
N ILE A 764 -13.77 4.27 25.18
CA ILE A 764 -13.52 5.70 25.08
C ILE A 764 -14.48 6.29 24.07
N TYR A 765 -15.21 7.33 24.46
CA TYR A 765 -16.15 7.92 23.54
C TYR A 765 -15.81 9.38 23.24
N TYR A 766 -15.48 9.67 21.99
CA TYR A 766 -15.37 11.05 21.48
C TYR A 766 -16.74 11.40 20.87
N GLN A 767 -17.55 12.16 21.60
CA GLN A 767 -18.88 12.50 21.16
C GLN A 767 -18.79 13.66 20.18
N THR A 768 -19.40 13.52 19.00
CA THR A 768 -19.34 14.59 18.06
C THR A 768 -20.55 15.51 18.00
N ASP A 769 -21.68 15.06 17.46
CA ASP A 769 -22.87 15.91 17.43
C ASP A 769 -24.16 15.13 17.19
N MET A 770 -25.20 15.82 16.77
CA MET A 770 -26.43 15.16 16.43
C MET A 770 -26.22 14.44 15.12
N GLN A 771 -27.02 13.42 14.85
CA GLN A 771 -26.97 12.85 13.52
C GLN A 771 -27.70 13.75 12.51
N SER A 772 -27.22 13.68 11.27
CA SER A 772 -27.47 14.68 10.27
C SER A 772 -26.80 14.07 9.05
N THR A 773 -27.23 14.38 7.84
CA THR A 773 -26.52 13.84 6.70
C THR A 773 -25.03 14.10 6.80
N SER A 774 -24.65 15.36 6.97
CA SER A 774 -23.22 15.72 6.92
C SER A 774 -22.42 15.19 8.12
N GLU A 775 -22.99 15.35 9.30
CA GLU A 775 -22.30 14.95 10.47
C GLU A 775 -22.12 13.43 10.42
N ASN A 776 -23.07 12.68 9.84
CA ASN A 776 -22.93 11.20 9.79
C ASN A 776 -21.81 10.71 8.93
N MET A 777 -21.69 11.33 7.76
CA MET A 777 -20.67 10.98 6.81
C MET A 777 -19.29 11.45 7.23
N PHE A 778 -19.17 12.60 7.91
CA PHE A 778 -17.89 12.96 8.46
C PHE A 778 -17.38 11.85 9.38
N LEU A 779 -18.22 11.40 10.31
CA LEU A 779 -17.80 10.38 11.28
C LEU A 779 -17.61 9.05 10.61
N GLU A 780 -18.48 8.70 9.65
CA GLU A 780 -18.37 7.39 9.02
C GLU A 780 -17.09 7.28 8.21
N LEU A 781 -16.72 8.35 7.51
CA LEU A 781 -15.57 8.29 6.63
C LEU A 781 -14.36 8.14 7.49
N PHE A 782 -14.30 8.95 8.54
CA PHE A 782 -13.16 8.88 9.39
C PHE A 782 -13.03 7.49 9.98
N ALA A 783 -14.17 6.86 10.31
CA ALA A 783 -14.20 5.52 10.91
C ALA A 783 -13.65 4.50 9.93
N GLN A 784 -14.02 4.62 8.66
CA GLN A 784 -13.55 3.68 7.62
C GLN A 784 -12.04 3.79 7.44
N ILE A 785 -11.57 5.02 7.45
CA ILE A 785 -10.16 5.30 7.27
C ILE A 785 -9.34 4.72 8.42
N ILE A 786 -9.78 4.88 9.64
CA ILE A 786 -9.01 4.37 10.76
C ILE A 786 -9.29 2.88 11.02
N SER A 787 -10.41 2.38 10.49
CA SER A 787 -10.89 1.05 10.85
C SER A 787 -9.79 -0.05 10.96
N GLU A 788 -9.04 -0.30 9.88
CA GLU A 788 -8.04 -1.34 10.01
C GLU A 788 -6.73 -0.82 10.64
N PRO A 789 -6.26 0.39 10.24
CA PRO A 789 -5.11 0.94 10.96
C PRO A 789 -5.21 0.81 12.48
N ALA A 790 -6.43 0.88 13.02
CA ALA A 790 -6.64 0.81 14.46
C ALA A 790 -6.36 -0.59 14.93
N PHE A 791 -7.00 -1.58 14.28
CA PHE A 791 -6.78 -2.98 14.60
C PHE A 791 -5.30 -3.34 14.44
N ASN A 792 -4.71 -2.90 13.33
CA ASN A 792 -3.35 -3.30 12.99
C ASN A 792 -2.33 -2.73 13.96
N THR A 793 -2.55 -1.48 14.38
CA THR A 793 -1.75 -0.84 15.43
C THR A 793 -1.99 -1.34 16.87
N LEU A 794 -3.22 -1.29 17.35
CA LEU A 794 -3.49 -1.55 18.73
C LEU A 794 -3.43 -3.02 19.05
N ARG A 795 -3.73 -3.87 18.08
CA ARG A 795 -3.58 -5.32 18.31
C ARG A 795 -2.33 -5.92 17.63
N THR A 796 -2.28 -5.90 16.30
CA THR A 796 -1.23 -6.62 15.59
C THR A 796 0.15 -6.17 15.98
N LYS A 797 0.41 -4.87 15.92
CA LYS A 797 1.70 -4.33 16.38
C LYS A 797 1.81 -4.32 17.88
N GLU A 798 0.99 -3.51 18.54
CA GLU A 798 1.13 -3.21 19.95
C GLU A 798 0.70 -4.32 20.86
N GLN A 799 -0.08 -5.24 20.30
CA GLN A 799 -0.68 -6.38 21.02
C GLN A 799 -1.24 -6.00 22.38
N LEU A 800 -2.21 -5.10 22.41
CA LEU A 800 -2.82 -4.67 23.65
C LEU A 800 -3.87 -5.65 24.13
N GLY A 801 -4.45 -6.41 23.21
CA GLY A 801 -5.32 -7.50 23.60
C GLY A 801 -5.97 -8.18 22.41
N TYR A 802 -6.85 -9.13 22.70
CA TYR A 802 -7.54 -9.83 21.62
C TYR A 802 -8.64 -8.90 21.09
N ILE A 803 -9.35 -8.26 22.03
CA ILE A 803 -10.49 -7.52 21.65
C ILE A 803 -10.03 -6.08 21.43
N VAL A 804 -10.00 -5.68 20.17
CA VAL A 804 -9.73 -4.30 19.77
C VAL A 804 -10.71 -3.85 18.70
N PHE A 805 -11.58 -2.91 19.09
CA PHE A 805 -12.67 -2.43 18.26
C PHE A 805 -12.61 -0.91 18.15
N SER A 806 -12.96 -0.38 16.99
CA SER A 806 -13.22 1.05 16.87
C SER A 806 -14.41 1.21 15.97
N GLY A 807 -15.02 2.38 16.00
CA GLY A 807 -16.11 2.63 15.10
C GLY A 807 -17.11 3.67 15.56
N PRO A 808 -18.10 3.92 14.71
CA PRO A 808 -19.07 4.92 15.10
C PRO A 808 -19.87 4.39 16.27
N ARG A 809 -20.31 5.32 17.11
CA ARG A 809 -21.32 5.05 18.15
C ARG A 809 -22.53 5.95 17.94
N ARG A 810 -23.70 5.33 17.83
CA ARG A 810 -24.94 6.02 17.55
C ARG A 810 -25.91 5.64 18.65
N ALA A 811 -26.37 6.60 19.45
CA ALA A 811 -27.40 6.40 20.47
C ALA A 811 -28.29 7.64 20.62
N ASN A 812 -29.57 7.38 20.93
CA ASN A 812 -30.58 8.41 21.09
C ASN A 812 -30.33 9.65 20.19
N GLY A 813 -30.02 9.44 18.92
CA GLY A 813 -29.87 10.55 17.97
C GLY A 813 -28.53 11.31 17.96
N ILE A 814 -27.71 11.04 18.97
CA ILE A 814 -26.39 11.60 18.99
C ILE A 814 -25.38 10.52 18.48
N GLN A 815 -24.17 10.98 18.11
CA GLN A 815 -23.08 10.09 17.67
C GLN A 815 -21.67 10.46 18.11
N GLY A 816 -20.75 9.56 17.78
CA GLY A 816 -19.33 9.75 18.03
C GLY A 816 -18.49 8.53 17.67
N LEU A 817 -17.20 8.62 17.98
CA LEU A 817 -16.21 7.57 17.76
C LEU A 817 -15.97 6.88 19.05
N ARG A 818 -15.79 5.58 19.00
CA ARG A 818 -15.45 4.88 20.24
C ARG A 818 -14.32 3.91 20.03
N PHE A 819 -13.55 3.67 21.08
CA PHE A 819 -12.66 2.53 21.05
C PHE A 819 -13.10 1.60 22.16
N ILE A 820 -13.11 0.31 21.89
CA ILE A 820 -13.29 -0.66 22.99
C ILE A 820 -12.10 -1.59 22.97
N ILE A 821 -11.42 -1.76 24.10
CA ILE A 821 -10.29 -2.71 24.20
C ILE A 821 -10.37 -3.54 25.48
N GLN A 822 -10.03 -4.82 25.42
CA GLN A 822 -9.87 -5.62 26.64
C GLN A 822 -8.41 -6.03 26.70
N SER A 823 -7.74 -5.74 27.81
CA SER A 823 -6.30 -5.92 27.88
C SER A 823 -5.86 -6.46 29.23
N GLU A 824 -4.56 -6.74 29.30
CA GLU A 824 -3.90 -7.13 30.54
C GLU A 824 -3.30 -5.86 31.19
N LYS A 825 -2.83 -4.95 30.33
CA LYS A 825 -2.29 -3.61 30.69
C LYS A 825 -3.44 -2.77 31.24
N PRO A 826 -3.16 -1.79 32.16
CA PRO A 826 -4.18 -0.92 32.79
C PRO A 826 -4.71 0.18 31.86
N PRO A 827 -5.97 0.64 32.11
CA PRO A 827 -6.67 1.60 31.26
C PRO A 827 -5.92 2.90 31.10
N HIS A 828 -5.34 3.43 32.19
CA HIS A 828 -4.45 4.64 32.15
C HIS A 828 -3.54 4.53 30.89
N TYR A 829 -3.03 3.30 30.65
CA TYR A 829 -2.09 2.98 29.57
C TYR A 829 -2.79 2.81 28.21
N LEU A 830 -3.90 2.08 28.22
CA LEU A 830 -4.71 1.87 27.03
C LEU A 830 -5.07 3.23 26.42
N GLU A 831 -5.62 4.11 27.27
CA GLU A 831 -5.89 5.52 26.97
C GLU A 831 -4.77 6.18 26.21
N SER A 832 -3.58 6.06 26.79
CA SER A 832 -2.37 6.59 26.24
C SER A 832 -2.16 6.11 24.81
N ARG A 833 -2.37 4.83 24.55
CA ARG A 833 -2.07 4.34 23.21
C ARG A 833 -3.09 4.74 22.13
N VAL A 834 -4.36 4.80 22.51
CA VAL A 834 -5.39 5.30 21.63
C VAL A 834 -5.09 6.74 21.17
N GLU A 835 -4.68 7.57 22.14
CA GLU A 835 -4.31 8.94 21.84
C GLU A 835 -3.09 9.00 20.91
N ALA A 836 -2.11 8.14 21.18
CA ALA A 836 -0.96 8.02 20.33
C ALA A 836 -1.41 7.68 18.92
N PHE A 837 -2.30 6.68 18.82
CA PHE A 837 -2.76 6.15 17.54
C PHE A 837 -3.47 7.23 16.74
N LEU A 838 -4.28 7.99 17.47
CA LEU A 838 -5.08 9.07 16.91
C LEU A 838 -4.25 10.11 16.15
N ILE A 839 -3.03 10.41 16.61
CA ILE A 839 -2.14 11.35 15.91
C ILE A 839 -1.52 10.77 14.63
N THR A 840 -1.11 9.50 14.72
CA THR A 840 -0.72 8.72 13.57
C THR A 840 -1.75 8.87 12.45
N MET A 841 -3.02 8.98 12.81
CA MET A 841 -4.09 9.04 11.80
C MET A 841 -4.24 10.40 11.12
N GLU A 842 -4.06 11.49 11.85
CA GLU A 842 -4.09 12.83 11.24
C GLU A 842 -2.93 12.91 10.25
N LYS A 843 -1.76 12.49 10.73
CA LYS A 843 -0.57 12.31 9.88
C LYS A 843 -0.88 11.53 8.58
N SER A 844 -1.44 10.33 8.68
CA SER A 844 -1.52 9.50 7.51
C SER A 844 -2.61 9.97 6.55
N ILE A 845 -3.57 10.74 7.04
CA ILE A 845 -4.60 11.36 6.19
C ILE A 845 -3.97 12.55 5.43
N GLU A 846 -3.08 13.28 6.11
CA GLU A 846 -2.23 14.28 5.45
C GLU A 846 -1.37 13.63 4.37
N ASP A 847 -0.69 12.56 4.71
CA ASP A 847 0.16 11.93 3.74
C ASP A 847 -0.50 11.19 2.58
N MET A 848 -1.77 10.79 2.68
CA MET A 848 -2.36 9.88 1.67
C MET A 848 -2.78 10.54 0.36
N THR A 849 -2.63 9.80 -0.73
CA THR A 849 -2.97 10.27 -2.08
C THR A 849 -4.47 10.54 -2.22
N GLU A 850 -4.85 11.42 -3.16
CA GLU A 850 -6.25 11.71 -3.40
C GLU A 850 -6.92 10.44 -3.80
N GLU A 851 -6.20 9.62 -4.54
CA GLU A 851 -6.75 8.38 -4.96
C GLU A 851 -6.94 7.41 -3.77
N ALA A 852 -6.03 7.38 -2.80
CA ALA A 852 -6.23 6.54 -1.61
C ALA A 852 -7.45 7.03 -0.87
N PHE A 853 -7.57 8.34 -0.75
CA PHE A 853 -8.76 8.95 -0.14
C PHE A 853 -10.05 8.55 -0.86
N GLN A 854 -10.06 8.57 -2.18
CA GLN A 854 -11.26 8.22 -2.93
C GLN A 854 -11.68 6.76 -2.78
N LYS A 855 -10.69 5.88 -2.58
CA LYS A 855 -10.89 4.43 -2.47
C LYS A 855 -11.66 4.13 -1.21
N HIS A 856 -11.33 4.90 -0.18
CA HIS A 856 -12.01 4.82 1.08
C HIS A 856 -13.48 5.22 0.95
N ILE A 857 -13.74 6.35 0.26
CA ILE A 857 -15.10 6.75 -0.07
C ILE A 857 -15.80 5.60 -0.78
N GLN A 858 -15.14 5.07 -1.80
CA GLN A 858 -15.73 4.03 -2.62
C GLN A 858 -15.99 2.79 -1.75
N ALA A 859 -15.04 2.45 -0.85
CA ALA A 859 -15.23 1.33 0.09
C ALA A 859 -16.44 1.54 1.02
N LEU A 860 -16.56 2.72 1.67
CA LEU A 860 -17.78 3.06 2.45
C LEU A 860 -19.09 2.97 1.64
N ALA A 861 -19.09 3.65 0.49
CA ALA A 861 -20.20 3.65 -0.41
C ALA A 861 -20.67 2.23 -0.65
N ILE A 862 -19.71 1.32 -0.88
CA ILE A 862 -20.10 -0.04 -1.19
C ILE A 862 -20.68 -0.68 0.04
N ARG A 863 -20.05 -0.50 1.22
CA ARG A 863 -20.66 -1.14 2.39
C ARG A 863 -22.08 -0.59 2.64
N ARG A 864 -22.22 0.72 2.53
CA ARG A 864 -23.49 1.35 2.71
C ARG A 864 -24.55 0.93 1.70
N LEU A 865 -24.15 0.69 0.46
CA LEU A 865 -25.16 0.44 -0.56
C LEU A 865 -25.48 -1.03 -0.74
N ASP A 866 -24.79 -1.94 -0.04
CA ASP A 866 -24.93 -3.40 -0.20
C ASP A 866 -26.37 -3.73 -0.06
N LYS A 867 -26.95 -4.43 -1.00
CA LYS A 867 -28.39 -4.68 -0.91
C LYS A 867 -28.69 -5.86 -0.01
N PRO A 868 -29.79 -5.78 0.77
CA PRO A 868 -30.26 -6.91 1.59
C PRO A 868 -30.42 -8.18 0.75
N LYS A 869 -30.19 -9.35 1.33
CA LYS A 869 -30.25 -10.57 0.54
C LYS A 869 -31.55 -11.30 0.89
N LYS A 870 -32.08 -10.99 2.09
CA LYS A 870 -33.24 -11.67 2.64
C LYS A 870 -34.25 -10.66 3.27
N LEU A 871 -35.54 -11.00 3.19
CA LEU A 871 -36.57 -10.22 3.86
C LEU A 871 -36.10 -9.63 5.20
N SER A 872 -35.73 -10.46 6.16
CA SER A 872 -35.46 -9.86 7.49
C SER A 872 -34.33 -8.82 7.54
N ALA A 873 -33.36 -8.93 6.63
CA ALA A 873 -32.37 -7.88 6.48
C ALA A 873 -33.01 -6.52 6.07
N GLU A 874 -33.84 -6.53 5.02
CA GLU A 874 -34.50 -5.30 4.59
C GLU A 874 -35.38 -4.78 5.74
N SER A 875 -36.15 -5.67 6.39
CA SER A 875 -36.96 -5.22 7.51
C SER A 875 -36.12 -4.48 8.57
N ALA A 876 -35.05 -5.13 9.02
CA ALA A 876 -34.16 -4.55 10.00
C ALA A 876 -33.80 -3.08 9.68
N LYS A 877 -33.48 -2.83 8.42
CA LYS A 877 -33.01 -1.53 7.99
C LYS A 877 -34.09 -0.50 8.22
N TYR A 878 -35.33 -0.86 7.82
CA TYR A 878 -36.50 0.01 8.00
C TYR A 878 -36.87 0.20 9.48
N TRP A 879 -36.87 -0.91 10.21
CA TRP A 879 -37.17 -0.91 11.61
C TRP A 879 -36.20 -0.01 12.39
N GLY A 880 -35.02 0.23 11.81
CA GLY A 880 -34.05 1.08 12.47
C GLY A 880 -34.48 2.51 12.26
N GLU A 881 -34.98 2.82 11.04
CA GLU A 881 -35.47 4.15 10.73
C GLU A 881 -36.64 4.42 11.61
N ILE A 882 -37.43 3.38 11.87
CA ILE A 882 -38.66 3.56 12.64
C ILE A 882 -38.40 3.65 14.15
N ILE A 883 -37.66 2.73 14.72
CA ILE A 883 -37.46 2.74 16.16
C ILE A 883 -36.73 4.01 16.53
N SER A 884 -35.93 4.54 15.60
CA SER A 884 -35.16 5.76 15.89
C SER A 884 -35.89 7.04 15.49
N GLN A 885 -37.11 6.91 14.97
CA GLN A 885 -37.96 8.05 14.54
C GLN A 885 -37.28 9.02 13.62
N GLN A 886 -36.37 8.50 12.81
CA GLN A 886 -35.75 9.31 11.82
C GLN A 886 -36.45 9.11 10.50
N TYR A 887 -37.03 7.92 10.31
CA TYR A 887 -37.90 7.59 9.18
C TYR A 887 -37.28 8.00 7.83
N ASN A 888 -35.96 7.87 7.73
CA ASN A 888 -35.23 8.19 6.50
C ASN A 888 -34.96 6.95 5.60
N PHE A 889 -36.00 6.41 4.99
CA PHE A 889 -35.88 5.17 4.23
C PHE A 889 -34.97 5.28 3.02
N ASP A 890 -34.71 6.49 2.56
CA ASP A 890 -33.84 6.59 1.43
C ASP A 890 -32.43 7.04 1.83
N ARG A 891 -32.10 6.82 3.10
CA ARG A 891 -30.89 7.38 3.69
C ARG A 891 -29.62 6.96 2.94
N ASP A 892 -29.54 5.68 2.57
CA ASP A 892 -28.40 5.19 1.82
C ASP A 892 -28.10 5.92 0.53
N ASN A 893 -29.08 6.27 -0.32
CA ASN A 893 -28.66 7.04 -1.52
C ASN A 893 -28.34 8.49 -1.17
N THR A 894 -29.16 9.06 -0.30
CA THR A 894 -28.89 10.41 0.11
C THR A 894 -27.47 10.51 0.65
N GLU A 895 -27.21 9.82 1.76
CA GLU A 895 -25.94 9.92 2.48
C GLU A 895 -24.71 9.60 1.63
N VAL A 896 -24.84 8.58 0.79
CA VAL A 896 -23.76 8.23 -0.16
C VAL A 896 -23.51 9.35 -1.19
N ALA A 897 -24.56 9.89 -1.80
CA ALA A 897 -24.45 11.02 -2.75
C ALA A 897 -23.66 12.14 -2.11
N TYR A 898 -23.95 12.43 -0.85
CA TYR A 898 -23.22 13.44 -0.12
C TYR A 898 -21.71 13.09 0.16
N LEU A 899 -21.47 11.81 0.48
CA LEU A 899 -20.14 11.30 0.82
C LEU A 899 -19.21 11.62 -0.33
N LYS A 900 -19.62 11.35 -1.57
CA LYS A 900 -18.71 11.45 -2.71
C LYS A 900 -18.17 12.87 -2.85
N THR A 901 -18.97 13.82 -2.36
CA THR A 901 -18.68 15.26 -2.25
C THR A 901 -17.53 15.62 -1.38
N LEU A 902 -17.24 14.80 -0.37
CA LEU A 902 -16.24 15.12 0.66
C LEU A 902 -14.82 15.06 0.15
N THR A 903 -13.98 15.96 0.67
CA THR A 903 -12.56 16.05 0.32
C THR A 903 -11.68 15.78 1.52
N LYS A 904 -10.40 15.54 1.28
CA LYS A 904 -9.42 15.39 2.36
C LYS A 904 -9.44 16.59 3.35
N GLU A 905 -9.49 17.80 2.81
CA GLU A 905 -9.49 18.98 3.65
C GLU A 905 -10.65 18.92 4.67
N ASP A 906 -11.85 18.49 4.23
CA ASP A 906 -13.02 18.30 5.11
C ASP A 906 -12.78 17.34 6.23
N ILE A 907 -12.00 16.30 5.98
CA ILE A 907 -11.79 15.36 7.04
C ILE A 907 -10.67 15.84 7.97
N ILE A 908 -9.62 16.43 7.41
CA ILE A 908 -8.59 16.99 8.27
C ILE A 908 -9.24 17.98 9.25
N LYS A 909 -10.13 18.83 8.73
CA LYS A 909 -10.72 19.90 9.54
C LYS A 909 -11.81 19.38 10.46
N PHE A 910 -12.52 18.36 10.01
CA PHE A 910 -13.43 17.68 10.94
C PHE A 910 -12.68 17.11 12.14
N TYR A 911 -11.54 16.47 11.91
CA TYR A 911 -10.77 15.85 12.98
C TYR A 911 -10.23 16.87 14.00
N LYS A 912 -9.94 18.06 13.47
CA LYS A 912 -9.27 19.14 14.18
C LYS A 912 -10.24 19.88 15.07
N GLU A 913 -11.47 20.03 14.59
CA GLU A 913 -12.64 20.53 15.32
C GLU A 913 -13.14 19.65 16.49
N MET A 914 -13.22 18.34 16.25
CA MET A 914 -13.98 17.47 17.16
C MET A 914 -13.15 16.39 17.86
N LEU A 915 -11.98 16.06 17.29
CA LEU A 915 -11.29 14.85 17.70
C LEU A 915 -9.86 15.05 18.20
N ALA A 916 -9.10 15.98 17.59
CA ALA A 916 -7.70 16.13 17.95
C ALA A 916 -7.59 16.32 19.44
N VAL A 917 -6.47 15.93 20.02
CA VAL A 917 -6.27 16.20 21.47
C VAL A 917 -6.55 17.66 21.96
N ASP A 918 -6.17 18.63 21.16
CA ASP A 918 -6.43 20.02 21.46
C ASP A 918 -7.58 20.50 20.58
N ALA A 919 -8.50 19.60 20.25
CA ALA A 919 -9.68 20.00 19.47
C ALA A 919 -10.53 20.92 20.28
N PRO A 920 -10.95 22.05 19.66
CA PRO A 920 -11.77 23.08 20.33
C PRO A 920 -13.05 22.52 20.93
N ARG A 921 -13.56 21.43 20.35
CA ARG A 921 -14.83 20.81 20.73
C ARG A 921 -14.73 19.34 20.97
N ARG A 922 -13.56 18.88 21.42
CA ARG A 922 -13.42 17.49 21.80
C ARG A 922 -14.31 17.21 22.99
N HIS A 923 -14.95 16.05 23.02
CA HIS A 923 -15.88 15.72 24.09
C HIS A 923 -15.60 14.29 24.45
N LYS A 924 -14.88 14.05 25.52
CA LYS A 924 -14.38 12.72 25.77
C LYS A 924 -14.91 12.11 27.06
N VAL A 925 -15.39 10.88 26.96
CA VAL A 925 -15.72 10.11 28.14
C VAL A 925 -15.05 8.79 28.06
N SER A 926 -14.40 8.43 29.15
CA SER A 926 -13.78 7.13 29.21
C SER A 926 -14.41 6.33 30.33
N VAL A 927 -14.54 5.03 30.09
CA VAL A 927 -14.94 4.08 31.11
C VAL A 927 -13.78 3.12 31.27
N HIS A 928 -13.27 3.05 32.50
CA HIS A 928 -12.13 2.22 32.82
C HIS A 928 -12.63 1.04 33.64
N VAL A 929 -12.43 -0.18 33.16
CA VAL A 929 -12.79 -1.31 33.98
C VAL A 929 -11.55 -2.07 34.42
N LEU A 930 -11.20 -1.92 35.69
CA LEU A 930 -10.04 -2.62 36.28
C LEU A 930 -10.18 -4.15 36.49
N ALA A 931 -9.07 -4.85 36.39
CA ALA A 931 -9.03 -6.30 36.52
C ALA A 931 -9.13 -6.73 37.96
N ARG A 932 -9.61 -7.95 38.19
CA ARG A 932 -9.62 -8.58 39.51
C ARG A 932 -8.45 -8.28 40.45
N GLU A 933 -7.25 -8.11 39.92
CA GLU A 933 -6.11 -7.89 40.80
C GLU A 933 -5.54 -6.44 40.93
N MET A 934 -5.83 -5.50 40.00
CA MET A 934 -5.25 -4.12 40.04
C MET A 934 -5.74 -3.28 41.23
N ASN A 950 9.62 -0.59 19.44
CA ASN A 950 9.50 0.73 20.08
C ASN A 950 8.50 1.65 19.33
N LEU A 951 7.69 2.34 20.15
CA LEU A 951 6.32 2.76 19.81
C LEU A 951 6.18 4.25 19.49
N SER A 952 5.13 4.58 18.72
CA SER A 952 4.73 5.98 18.45
C SER A 952 4.50 6.80 19.74
N GLN A 953 4.52 8.10 19.59
CA GLN A 953 4.59 9.02 20.69
C GLN A 953 3.19 9.39 21.20
N ALA A 954 2.92 9.13 22.49
CA ALA A 954 1.60 9.48 23.07
C ALA A 954 1.57 10.96 23.46
N PRO A 955 0.49 11.67 23.13
CA PRO A 955 0.43 13.07 23.50
C PRO A 955 0.22 13.20 25.02
N ALA A 956 0.49 14.38 25.58
CA ALA A 956 0.33 14.56 27.01
C ALA A 956 -1.13 14.99 27.32
N LEU A 957 -1.76 14.37 28.33
CA LEU A 957 -3.21 14.53 28.52
C LEU A 957 -3.62 15.51 29.62
N PRO A 958 -4.82 16.11 29.53
CA PRO A 958 -5.34 16.87 30.65
C PRO A 958 -5.64 15.98 31.86
N GLN A 959 -5.76 16.61 33.03
CA GLN A 959 -6.36 15.99 34.20
C GLN A 959 -7.84 15.67 33.90
N PRO A 960 -8.26 14.38 33.97
CA PRO A 960 -9.68 14.09 33.71
C PRO A 960 -10.52 14.54 34.90
N GLU A 961 -11.82 14.77 34.72
CA GLU A 961 -12.66 14.84 35.90
C GLU A 961 -13.21 13.44 36.30
N VAL A 962 -12.86 12.94 37.48
CA VAL A 962 -13.34 11.61 37.83
C VAL A 962 -14.81 11.63 38.26
N ILE A 963 -15.66 10.85 37.59
CA ILE A 963 -17.07 10.72 37.99
C ILE A 963 -17.28 9.90 39.31
N GLN A 964 -17.67 10.57 40.39
CA GLN A 964 -18.02 9.83 41.60
C GLN A 964 -19.43 9.19 41.54
N ASN A 965 -20.40 9.89 40.95
CA ASN A 965 -21.81 9.49 41.05
C ASN A 965 -22.55 9.68 39.71
N MET A 966 -23.19 8.63 39.23
CA MET A 966 -23.74 8.65 37.89
C MET A 966 -24.83 9.68 37.74
N THR A 967 -25.77 9.72 38.69
CA THR A 967 -26.82 10.75 38.72
C THR A 967 -26.32 12.21 38.74
N GLU A 968 -25.29 12.49 39.55
CA GLU A 968 -24.77 13.86 39.66
C GLU A 968 -24.15 14.32 38.34
N PHE A 969 -23.28 13.48 37.81
CA PHE A 969 -22.83 13.62 36.45
C PHE A 969 -23.95 14.01 35.49
N LYS A 970 -25.04 13.24 35.44
CA LYS A 970 -26.19 13.52 34.54
C LYS A 970 -26.96 14.82 34.81
N ARG A 971 -27.27 15.03 36.10
CA ARG A 971 -27.88 16.28 36.60
C ARG A 971 -27.12 17.53 36.19
N GLY A 972 -25.81 17.47 36.19
CA GLY A 972 -25.02 18.67 35.97
C GLY A 972 -24.57 18.94 34.55
N LEU A 973 -25.25 18.39 33.55
CA LEU A 973 -24.91 18.68 32.15
C LEU A 973 -26.16 18.94 31.37
N PRO A 974 -26.06 19.57 30.17
CA PRO A 974 -27.27 19.70 29.38
C PRO A 974 -27.65 18.36 28.73
N LEU A 975 -28.87 18.27 28.17
CA LEU A 975 -29.28 17.11 27.37
C LEU A 975 -29.40 17.60 25.93
N PHE A 976 -29.17 16.72 24.94
CA PHE A 976 -29.16 17.13 23.53
C PHE A 976 -30.59 17.28 23.11
N PRO A 977 -30.88 17.90 21.94
CA PRO A 977 -32.24 17.76 21.43
C PRO A 977 -32.39 16.36 20.91
N LEU A 978 -33.56 16.06 20.33
CA LEU A 978 -33.87 14.79 19.62
C LEU A 978 -33.92 15.09 18.12
N VAL A 979 -33.70 14.08 17.26
CA VAL A 979 -33.66 14.33 15.80
C VAL A 979 -35.03 14.65 15.19
N LYS A 980 -35.07 15.57 14.21
CA LYS A 980 -36.28 15.77 13.41
C LYS A 980 -36.46 14.65 12.34
N PRO A 981 -37.71 14.16 12.18
CA PRO A 981 -38.05 13.14 11.16
C PRO A 981 -38.01 13.59 9.69
N HIS A 982 -38.10 12.64 8.75
CA HIS A 982 -38.32 12.96 7.32
C HIS A 982 -39.84 13.08 6.96
N ASN B 15 -9.12 37.62 -2.45
CA ASN B 15 -8.55 38.64 -3.36
C ASN B 15 -8.87 38.28 -4.83
N PRO B 16 -9.24 39.29 -5.68
CA PRO B 16 -9.93 38.95 -6.95
C PRO B 16 -9.02 38.47 -8.09
N ALA B 17 -7.69 38.54 -7.87
CA ALA B 17 -6.67 38.11 -8.84
C ALA B 17 -6.35 36.62 -8.72
N ILE B 18 -6.75 36.00 -7.60
CA ILE B 18 -6.55 34.56 -7.33
C ILE B 18 -7.82 33.79 -7.54
N LYS B 19 -7.90 33.08 -8.64
CA LYS B 19 -9.09 32.33 -9.01
C LYS B 19 -9.47 31.23 -8.01
N ARG B 20 -8.50 30.72 -7.24
CA ARG B 20 -8.66 29.49 -6.44
C ARG B 20 -7.41 29.12 -5.61
N ILE B 21 -7.61 28.47 -4.46
CA ILE B 21 -6.48 28.07 -3.62
C ILE B 21 -6.49 26.58 -3.38
N GLY B 22 -5.39 25.94 -3.74
CA GLY B 22 -5.24 24.50 -3.61
C GLY B 22 -5.20 24.14 -2.15
N ASN B 23 -5.85 23.03 -1.83
CA ASN B 23 -5.93 22.56 -0.44
C ASN B 23 -4.58 22.05 -0.01
N HIS B 24 -4.51 21.42 1.16
CA HIS B 24 -3.34 20.66 1.49
C HIS B 24 -2.70 20.02 0.21
N ILE B 25 -1.43 20.36 -0.08
CA ILE B 25 -0.67 19.74 -1.21
C ILE B 25 0.06 18.47 -0.72
N THR B 26 -0.44 17.29 -1.08
CA THR B 26 0.07 16.03 -0.53
C THR B 26 1.59 15.94 -0.73
N LYS B 27 2.34 15.79 0.37
CA LYS B 27 3.80 15.74 0.29
C LYS B 27 4.36 14.54 1.04
N SER B 28 5.66 14.34 0.90
CA SER B 28 6.26 13.18 1.51
C SER B 28 6.22 13.32 3.02
N PRO B 29 6.04 12.20 3.75
CA PRO B 29 5.98 12.31 5.21
C PRO B 29 7.22 13.05 5.76
N GLU B 30 8.38 12.85 5.10
CA GLU B 30 9.71 13.37 5.55
C GLU B 30 9.97 14.83 5.17
N ASP B 31 9.35 15.26 4.07
CA ASP B 31 9.63 16.55 3.45
C ASP B 31 9.08 17.64 4.35
N LYS B 32 9.99 18.51 4.78
CA LYS B 32 9.74 19.50 5.83
C LYS B 32 9.41 20.88 5.24
N ARG B 33 9.56 21.01 3.93
CA ARG B 33 9.10 22.19 3.24
C ARG B 33 7.59 22.22 3.23
N GLU B 34 7.10 23.42 2.92
CA GLU B 34 5.68 23.70 2.93
C GLU B 34 5.23 24.23 1.58
N TYR B 35 4.01 23.92 1.23
CA TYR B 35 3.53 24.08 -0.11
C TYR B 35 2.14 24.72 -0.15
N ARG B 36 1.88 25.52 -1.18
CA ARG B 36 0.54 25.98 -1.47
C ARG B 36 0.39 26.07 -2.95
N GLY B 37 -0.64 25.40 -3.47
CA GLY B 37 -0.96 25.53 -4.89
C GLY B 37 -1.97 26.63 -5.06
N LEU B 38 -2.09 27.16 -6.26
CA LEU B 38 -3.14 28.13 -6.57
C LEU B 38 -3.25 28.35 -8.07
N GLU B 39 -4.42 28.79 -8.51
CA GLU B 39 -4.66 29.15 -9.90
C GLU B 39 -5.01 30.60 -9.89
N LEU B 40 -4.33 31.40 -10.69
CA LEU B 40 -4.66 32.82 -10.80
C LEU B 40 -5.89 33.05 -11.68
N ALA B 41 -6.42 34.27 -11.63
CA ALA B 41 -7.62 34.64 -12.39
C ALA B 41 -7.35 34.55 -13.90
N ASN B 42 -6.10 34.86 -14.30
CA ASN B 42 -5.68 34.72 -15.69
C ASN B 42 -5.41 33.26 -16.13
N GLY B 43 -5.40 32.31 -15.21
CA GLY B 43 -5.33 30.90 -15.62
C GLY B 43 -3.99 30.24 -15.36
N ILE B 44 -2.97 31.04 -15.06
CA ILE B 44 -1.68 30.51 -14.62
C ILE B 44 -1.91 29.60 -13.39
N LYS B 45 -1.47 28.33 -13.50
CA LYS B 45 -1.42 27.40 -12.33
C LYS B 45 -0.07 27.56 -11.62
N VAL B 46 -0.10 27.73 -10.29
CA VAL B 46 1.09 28.11 -9.53
C VAL B 46 1.31 27.14 -8.39
N LEU B 47 2.57 26.76 -8.18
CA LEU B 47 3.00 26.10 -6.92
C LEU B 47 3.91 27.01 -6.15
N LEU B 48 3.69 27.08 -4.85
CA LEU B 48 4.57 27.85 -3.97
C LEU B 48 5.22 26.92 -2.95
N ILE B 49 6.51 27.08 -2.76
CA ILE B 49 7.29 26.24 -1.87
C ILE B 49 8.06 27.13 -0.94
N SER B 50 7.66 27.06 0.32
CA SER B 50 8.29 27.82 1.37
C SER B 50 9.27 26.93 2.13
N ASP B 51 10.54 27.30 2.11
CA ASP B 51 11.59 26.56 2.75
C ASP B 51 12.52 27.57 3.43
N PRO B 52 12.31 27.79 4.75
CA PRO B 52 13.09 28.79 5.45
C PRO B 52 14.60 28.50 5.54
N THR B 53 15.02 27.29 5.19
CA THR B 53 16.45 26.93 5.36
C THR B 53 17.28 27.08 4.04
N THR B 54 16.63 27.33 2.91
CA THR B 54 17.35 27.26 1.64
C THR B 54 18.32 28.42 1.41
N ASP B 55 19.45 28.17 0.78
CA ASP B 55 20.38 29.30 0.54
C ASP B 55 20.11 29.89 -0.83
N LYS B 56 19.55 29.07 -1.72
CA LYS B 56 19.14 29.54 -3.02
C LYS B 56 17.65 29.53 -3.16
N SER B 57 17.11 30.63 -3.66
CA SER B 57 15.70 30.68 -4.04
C SER B 57 15.57 30.39 -5.56
N SER B 58 14.38 30.12 -6.04
CA SER B 58 14.28 29.63 -7.41
C SER B 58 12.89 29.91 -8.02
N ALA B 59 12.85 30.10 -9.34
CA ALA B 59 11.57 30.07 -10.06
C ALA B 59 11.71 29.39 -11.37
N ALA B 60 10.61 28.81 -11.82
CA ALA B 60 10.49 28.30 -13.19
C ALA B 60 9.09 28.66 -13.67
N LEU B 61 8.95 28.75 -14.99
CA LEU B 61 7.67 28.94 -15.62
C LEU B 61 7.73 28.05 -16.83
N ASP B 62 6.65 27.29 -17.05
CA ASP B 62 6.58 26.42 -18.18
C ASP B 62 5.40 26.78 -19.03
N VAL B 63 5.62 27.10 -20.30
CA VAL B 63 4.53 27.41 -21.23
C VAL B 63 4.22 26.16 -21.99
N HIS B 64 2.99 25.71 -21.98
CA HIS B 64 2.61 24.54 -22.78
C HIS B 64 2.50 24.74 -24.32
N ILE B 65 3.48 25.45 -24.87
CA ILE B 65 3.76 25.50 -26.32
C ILE B 65 5.25 25.15 -26.56
N GLY B 66 5.50 24.50 -27.70
CA GLY B 66 6.82 23.97 -28.02
C GLY B 66 7.07 23.96 -29.51
N SER B 67 8.00 23.14 -29.97
CA SER B 67 8.40 23.29 -31.35
C SER B 67 7.41 22.62 -32.32
N LEU B 68 6.68 21.63 -31.81
CA LEU B 68 5.53 21.07 -32.53
C LEU B 68 4.51 22.13 -33.05
N SER B 69 4.61 23.40 -32.60
CA SER B 69 3.74 24.49 -33.11
C SER B 69 4.48 25.55 -33.93
N ASP B 70 5.75 25.31 -34.25
CA ASP B 70 6.49 26.22 -35.13
C ASP B 70 5.73 26.35 -36.43
N PRO B 71 5.55 27.57 -36.96
CA PRO B 71 5.03 27.70 -38.35
C PRO B 71 5.84 26.78 -39.26
N PRO B 72 5.17 26.06 -40.19
CA PRO B 72 5.80 25.10 -41.13
C PRO B 72 6.94 25.67 -41.95
N ASN B 73 6.86 26.93 -42.32
CA ASN B 73 7.86 27.60 -43.12
C ASN B 73 8.89 28.39 -42.28
N ILE B 74 8.85 28.30 -40.96
CA ILE B 74 9.97 28.77 -40.14
C ILE B 74 10.39 27.71 -39.06
N ALA B 75 11.01 26.62 -39.51
CA ALA B 75 11.45 25.61 -38.60
C ALA B 75 12.24 26.28 -37.49
N GLY B 76 11.93 25.95 -36.24
CA GLY B 76 12.76 26.35 -35.12
C GLY B 76 12.35 27.62 -34.43
N LEU B 77 11.21 28.22 -34.82
CA LEU B 77 10.82 29.53 -34.30
C LEU B 77 10.69 29.51 -32.80
N SER B 78 10.07 28.47 -32.25
CA SER B 78 10.07 28.40 -30.77
C SER B 78 11.39 28.16 -30.03
N HIS B 79 12.34 27.33 -30.53
CA HIS B 79 13.67 27.27 -29.86
C HIS B 79 14.20 28.70 -29.87
N PHE B 80 14.10 29.32 -31.04
CA PHE B 80 14.66 30.64 -31.24
C PHE B 80 14.07 31.67 -30.31
N LEU B 81 12.76 31.65 -30.14
CA LEU B 81 12.13 32.65 -29.29
C LEU B 81 12.66 32.47 -27.84
N GLN B 82 12.73 31.21 -27.43
CA GLN B 82 13.38 30.78 -26.21
C GLN B 82 14.80 31.35 -25.97
N HIS B 83 15.66 31.46 -26.99
CA HIS B 83 16.98 32.11 -26.78
C HIS B 83 16.76 33.60 -26.61
N MET B 84 15.96 34.17 -27.49
CA MET B 84 15.76 35.61 -27.49
C MET B 84 15.18 36.20 -26.20
N LEU B 85 14.31 35.49 -25.50
CA LEU B 85 13.67 36.09 -24.33
C LEU B 85 14.64 36.56 -23.24
N PHE B 86 15.90 36.11 -23.31
CA PHE B 86 16.94 36.43 -22.31
C PHE B 86 17.62 37.76 -22.64
N LEU B 87 17.41 38.23 -23.86
CA LEU B 87 18.17 39.31 -24.39
C LEU B 87 17.46 40.64 -24.27
N GLY B 88 16.63 40.81 -23.25
CA GLY B 88 16.13 42.16 -22.93
C GLY B 88 14.64 42.40 -23.06
N THR B 89 14.14 43.36 -22.30
CA THR B 89 12.70 43.61 -22.22
C THR B 89 12.40 45.12 -22.11
N LYS B 90 11.12 45.50 -22.03
CA LYS B 90 10.73 46.91 -21.80
C LYS B 90 11.27 47.44 -20.46
N LYS B 91 10.84 46.84 -19.37
CA LYS B 91 11.30 47.27 -18.09
C LYS B 91 12.83 47.18 -17.98
N TYR B 92 13.43 46.15 -18.58
CA TYR B 92 14.89 45.92 -18.45
C TYR B 92 15.55 45.76 -19.81
N PRO B 93 15.86 46.90 -20.45
CA PRO B 93 16.36 46.90 -21.85
C PRO B 93 17.84 46.49 -22.07
N LYS B 94 18.65 46.52 -21.00
CA LYS B 94 20.09 46.18 -21.10
C LYS B 94 20.17 44.71 -21.49
N GLU B 95 20.77 44.45 -22.65
CA GLU B 95 20.67 43.10 -23.24
C GLU B 95 20.99 41.99 -22.23
N ASN B 96 22.16 42.09 -21.59
CA ASN B 96 22.62 41.11 -20.62
C ASN B 96 22.19 41.38 -19.18
N GLU B 97 21.10 42.09 -18.97
CA GLU B 97 20.75 42.57 -17.63
C GLU B 97 20.35 41.41 -16.74
N TYR B 98 19.43 40.59 -17.26
CA TYR B 98 19.00 39.35 -16.61
C TYR B 98 20.22 38.47 -16.28
N SER B 99 21.01 38.08 -17.29
CA SER B 99 22.09 37.16 -16.98
C SER B 99 23.15 37.81 -16.01
N GLN B 100 23.30 39.13 -16.03
CA GLN B 100 24.23 39.81 -15.12
C GLN B 100 23.73 39.94 -13.70
N PHE B 101 22.45 40.21 -13.57
CA PHE B 101 21.84 40.20 -12.27
C PHE B 101 22.04 38.84 -11.59
N LEU B 102 21.78 37.74 -12.28
CA LEU B 102 21.98 36.47 -11.63
C LEU B 102 23.45 36.25 -11.30
N SER B 103 24.33 36.53 -12.26
CA SER B 103 25.78 36.29 -12.03
C SER B 103 26.27 37.02 -10.80
N GLU B 104 25.80 38.26 -10.66
CA GLU B 104 26.19 39.14 -9.59
C GLU B 104 25.59 38.76 -8.23
N HIS B 105 24.61 37.85 -8.23
CA HIS B 105 23.92 37.43 -7.01
C HIS B 105 23.83 35.93 -6.81
N ALA B 106 24.90 35.22 -7.20
CA ALA B 106 24.99 33.78 -6.97
C ALA B 106 23.90 32.95 -7.70
N GLY B 107 23.49 33.43 -8.87
CA GLY B 107 22.39 32.80 -9.59
C GLY B 107 22.83 32.13 -10.87
N SER B 108 21.94 31.36 -11.47
CA SER B 108 22.23 30.73 -12.71
C SER B 108 20.86 30.52 -13.35
N SER B 109 20.84 30.45 -14.68
CA SER B 109 19.57 30.36 -15.39
C SER B 109 19.70 29.58 -16.70
N ASN B 110 18.63 28.91 -17.09
CA ASN B 110 18.65 28.22 -18.35
C ASN B 110 17.23 27.93 -18.82
N ALA B 111 17.11 27.30 -19.98
CA ALA B 111 15.80 27.05 -20.56
C ALA B 111 15.90 25.88 -21.51
N PHE B 112 14.78 25.26 -21.84
CA PHE B 112 14.75 24.29 -22.94
C PHE B 112 13.40 24.33 -23.69
N THR B 113 13.38 23.88 -24.94
CA THR B 113 12.17 23.82 -25.75
C THR B 113 11.96 22.35 -26.15
N SER B 114 10.81 21.77 -25.83
CA SER B 114 10.46 20.43 -26.34
C SER B 114 9.31 20.57 -27.32
N GLY B 115 8.67 19.45 -27.66
CA GLY B 115 7.54 19.44 -28.60
C GLY B 115 6.40 20.38 -28.14
N GLU B 116 6.07 20.31 -26.85
CA GLU B 116 4.90 20.99 -26.34
C GLU B 116 5.19 21.88 -25.13
N HIS B 117 6.47 22.08 -24.79
CA HIS B 117 6.77 22.92 -23.65
C HIS B 117 7.95 23.82 -23.91
N THR B 118 7.91 25.00 -23.32
CA THR B 118 9.08 25.79 -23.20
C THR B 118 9.19 26.16 -21.76
N ASN B 119 10.30 25.75 -21.17
CA ASN B 119 10.54 25.81 -19.75
C ASN B 119 11.66 26.80 -19.52
N TYR B 120 11.47 27.70 -18.56
CA TYR B 120 12.48 28.69 -18.20
C TYR B 120 12.64 28.63 -16.71
N TYR B 121 13.88 28.61 -16.26
CA TYR B 121 14.11 28.51 -14.84
C TYR B 121 15.39 29.25 -14.40
N PHE B 122 15.40 29.65 -13.13
CA PHE B 122 16.57 30.29 -12.57
C PHE B 122 16.68 29.94 -11.10
N ASP B 123 17.90 30.06 -10.57
CA ASP B 123 18.11 30.19 -9.15
C ASP B 123 18.93 31.46 -8.83
N VAL B 124 18.96 31.83 -7.56
CA VAL B 124 19.48 33.07 -7.11
C VAL B 124 19.57 32.98 -5.59
N SER B 125 20.49 33.75 -5.04
CA SER B 125 20.68 33.87 -3.61
C SER B 125 19.34 34.17 -2.91
N HIS B 126 18.98 33.37 -1.90
CA HIS B 126 17.64 33.45 -1.27
C HIS B 126 17.16 34.89 -0.96
N GLU B 127 18.10 35.83 -0.89
CA GLU B 127 17.81 37.22 -0.59
C GLU B 127 17.38 38.12 -1.76
N HIS B 128 17.50 37.64 -2.99
CA HIS B 128 17.22 38.45 -4.15
C HIS B 128 16.18 37.81 -5.06
N LEU B 129 15.34 36.98 -4.43
CA LEU B 129 14.20 36.37 -5.10
C LEU B 129 13.36 37.41 -5.80
N GLU B 130 12.99 38.50 -5.11
CA GLU B 130 12.13 39.47 -5.78
C GLU B 130 12.77 40.18 -7.01
N GLY B 131 14.06 40.47 -6.89
CA GLY B 131 14.75 41.17 -7.96
C GLY B 131 14.76 40.32 -9.20
N ALA B 132 15.16 39.06 -9.03
CA ALA B 132 15.32 38.11 -10.15
C ALA B 132 13.98 37.81 -10.73
N LEU B 133 12.99 37.62 -9.86
CA LEU B 133 11.65 37.19 -10.29
C LEU B 133 11.02 38.20 -11.25
N ASP B 134 11.24 39.48 -10.92
CA ASP B 134 10.71 40.59 -11.67
C ASP B 134 11.34 40.63 -13.06
N ARG B 135 12.66 40.50 -13.10
CA ARG B 135 13.36 40.55 -14.36
C ARG B 135 12.91 39.40 -15.29
N PHE B 136 12.46 38.31 -14.65
CA PHE B 136 12.10 37.06 -15.30
C PHE B 136 10.68 37.17 -15.77
N ALA B 137 9.83 37.81 -14.97
CA ALA B 137 8.40 37.93 -15.31
C ALA B 137 8.22 38.78 -16.58
N GLN B 138 9.07 39.80 -16.74
CA GLN B 138 9.14 40.62 -17.97
C GLN B 138 9.25 39.84 -19.29
N PHE B 139 9.98 38.70 -19.26
CA PHE B 139 10.16 37.78 -20.40
C PHE B 139 8.80 37.45 -20.97
N PHE B 140 7.80 37.47 -20.11
CA PHE B 140 6.48 37.04 -20.52
C PHE B 140 5.58 38.21 -20.72
N LEU B 141 6.12 39.42 -20.65
CA LEU B 141 5.27 40.61 -20.65
C LEU B 141 5.52 41.48 -21.82
N SER B 142 6.80 41.71 -22.12
CA SER B 142 7.20 42.54 -23.25
C SER B 142 8.70 42.30 -23.57
N PRO B 143 8.99 41.18 -24.23
CA PRO B 143 10.34 41.00 -24.75
C PRO B 143 10.65 42.07 -25.80
N LEU B 144 11.92 42.41 -26.01
CA LEU B 144 12.25 43.34 -27.08
C LEU B 144 12.29 42.72 -28.45
N PHE B 145 12.67 41.46 -28.50
CA PHE B 145 13.17 40.89 -29.75
C PHE B 145 13.98 41.87 -30.59
N ASP B 146 14.99 42.48 -29.95
CA ASP B 146 15.90 43.42 -30.63
C ASP B 146 16.37 42.94 -32.00
N GLU B 147 16.33 43.84 -32.97
CA GLU B 147 16.85 43.61 -34.33
C GLU B 147 18.30 43.05 -34.32
N SER B 148 19.23 43.81 -33.76
CA SER B 148 20.61 43.43 -33.86
C SER B 148 20.93 42.26 -32.92
N ALA B 149 20.14 42.10 -31.85
CA ALA B 149 20.26 40.93 -31.00
C ALA B 149 19.82 39.67 -31.75
N LYS B 150 18.77 39.78 -32.56
CA LYS B 150 18.31 38.62 -33.31
C LYS B 150 19.29 38.21 -34.41
N ASP B 151 19.97 39.18 -35.04
CA ASP B 151 20.93 38.87 -36.12
C ASP B 151 22.15 38.21 -35.54
N ARG B 152 22.33 38.35 -34.24
CA ARG B 152 23.46 37.78 -33.58
C ARG B 152 23.11 36.40 -33.11
N GLU B 153 22.06 36.31 -32.32
CA GLU B 153 21.69 35.09 -31.58
C GLU B 153 21.27 33.88 -32.46
N VAL B 154 20.84 34.16 -33.68
CA VAL B 154 20.57 33.11 -34.65
C VAL B 154 21.83 32.25 -34.81
N ASN B 155 23.01 32.86 -34.70
CA ASN B 155 24.27 32.12 -34.81
C ASN B 155 24.47 31.13 -33.69
N ALA B 156 24.10 31.51 -32.46
CA ALA B 156 24.15 30.56 -31.34
C ALA B 156 23.27 29.32 -31.59
N VAL B 157 22.11 29.56 -32.19
CA VAL B 157 21.20 28.48 -32.53
C VAL B 157 21.84 27.63 -33.65
N ASP B 158 22.21 28.26 -34.78
CA ASP B 158 22.93 27.58 -35.87
C ASP B 158 24.04 26.70 -35.31
N SER B 159 24.78 27.28 -34.37
CA SER B 159 25.75 26.57 -33.58
C SER B 159 25.22 25.38 -32.73
N GLU B 160 24.04 25.51 -32.04
CA GLU B 160 23.50 24.38 -31.17
C GLU B 160 23.37 23.27 -32.23
N HIS B 161 22.87 23.60 -33.41
CA HIS B 161 22.52 22.57 -34.35
C HIS B 161 23.78 21.92 -34.91
N GLU B 162 24.77 22.75 -35.19
CA GLU B 162 26.02 22.28 -35.82
C GLU B 162 26.70 21.29 -34.87
N LYS B 163 26.68 21.57 -33.57
CA LYS B 163 27.11 20.62 -32.57
C LYS B 163 26.36 19.26 -32.71
N ASN B 164 25.05 19.29 -32.89
CA ASN B 164 24.23 18.09 -32.81
C ASN B 164 24.26 17.28 -34.08
N VAL B 165 24.75 17.90 -35.16
CA VAL B 165 24.63 17.32 -36.51
C VAL B 165 25.32 15.95 -36.56
N MET B 166 26.56 15.94 -36.14
CA MET B 166 27.34 14.71 -36.19
C MET B 166 27.15 13.84 -34.91
N ASN B 167 26.25 14.25 -34.00
CA ASN B 167 25.82 13.38 -32.92
C ASN B 167 24.87 12.26 -33.33
N ASP B 168 25.23 11.03 -33.03
CA ASP B 168 24.35 9.91 -33.36
C ASP B 168 22.91 9.89 -32.80
N ALA B 169 22.73 10.29 -31.55
CA ALA B 169 21.42 10.28 -30.92
C ALA B 169 20.45 11.27 -31.61
N TRP B 170 20.95 12.43 -32.03
CA TRP B 170 20.10 13.47 -32.68
C TRP B 170 19.73 13.10 -34.11
N ARG B 171 20.71 12.61 -34.87
CA ARG B 171 20.45 12.07 -36.19
C ARG B 171 19.24 11.09 -36.18
N LEU B 172 19.36 10.06 -35.35
CA LEU B 172 18.31 9.06 -35.08
C LEU B 172 16.97 9.63 -34.63
N PHE B 173 17.05 10.58 -33.70
CA PHE B 173 15.90 11.26 -33.17
C PHE B 173 15.21 11.93 -34.32
N GLN B 174 15.96 12.68 -35.13
CA GLN B 174 15.34 13.29 -36.29
C GLN B 174 15.06 12.33 -37.41
N LEU B 175 15.76 11.20 -37.47
CA LEU B 175 15.45 10.24 -38.52
C LEU B 175 14.06 9.60 -38.33
N GLU B 176 13.68 9.35 -37.07
CA GLU B 176 12.34 8.82 -36.78
C GLU B 176 11.29 9.84 -37.26
N LYS B 177 11.45 11.10 -36.88
CA LYS B 177 10.54 12.15 -37.32
C LYS B 177 10.32 12.17 -38.85
N ALA B 178 11.39 11.93 -39.62
CA ALA B 178 11.32 11.96 -41.09
C ALA B 178 10.72 10.71 -41.75
N THR B 179 10.37 9.68 -40.99
CA THR B 179 9.93 8.46 -41.65
C THR B 179 8.52 8.10 -41.23
N GLY B 180 7.91 8.99 -40.46
CA GLY B 180 6.48 8.92 -40.19
C GLY B 180 5.80 9.83 -41.20
N ASN B 181 4.51 10.07 -41.00
CA ASN B 181 3.73 10.91 -41.90
C ASN B 181 4.38 12.31 -42.02
N PRO B 182 4.82 12.71 -43.24
CA PRO B 182 5.44 14.05 -43.35
C PRO B 182 4.45 15.19 -43.21
N LYS B 183 3.16 14.92 -43.33
CA LYS B 183 2.15 15.95 -43.12
C LYS B 183 1.93 16.25 -41.64
N HIS B 184 2.35 15.34 -40.75
CA HIS B 184 2.14 15.43 -39.28
C HIS B 184 3.18 16.34 -38.63
N PRO B 185 2.73 17.25 -37.74
CA PRO B 185 3.76 18.16 -37.19
C PRO B 185 4.90 17.47 -36.36
N PHE B 186 4.85 16.15 -36.19
CA PHE B 186 5.90 15.42 -35.52
C PHE B 186 7.13 15.51 -36.37
N SER B 187 6.90 15.71 -37.66
CA SER B 187 7.98 15.64 -38.66
C SER B 187 8.87 16.88 -38.71
N LYS B 188 8.51 17.90 -37.93
CA LYS B 188 9.19 19.19 -37.95
C LYS B 188 10.60 19.11 -37.41
N PHE B 189 11.47 19.99 -37.91
CA PHE B 189 12.83 20.13 -37.41
C PHE B 189 12.76 21.16 -36.30
N GLY B 190 12.92 20.74 -35.05
CA GLY B 190 12.72 21.60 -33.89
C GLY B 190 13.81 22.61 -33.62
N THR B 191 15.07 22.19 -33.75
CA THR B 191 16.18 23.09 -33.37
C THR B 191 16.17 24.37 -34.20
N GLY B 192 15.89 24.26 -35.50
CA GLY B 192 16.14 25.39 -36.41
C GLY B 192 17.63 25.68 -36.63
N ASN B 193 17.91 26.54 -37.60
CA ASN B 193 19.28 26.99 -37.89
C ASN B 193 19.36 28.24 -38.81
N LYS B 194 20.57 28.73 -39.08
CA LYS B 194 20.70 29.97 -39.81
C LYS B 194 19.81 29.98 -41.06
N TYR B 195 19.69 28.82 -41.70
CA TYR B 195 18.97 28.78 -42.95
C TYR B 195 17.48 28.98 -42.64
N THR B 196 16.94 28.12 -41.78
CA THR B 196 15.49 28.06 -41.54
C THR B 196 15.00 29.32 -40.86
N LEU B 197 15.94 30.02 -40.21
CA LEU B 197 15.64 31.09 -39.28
C LEU B 197 16.05 32.48 -39.77
N GLU B 198 16.95 32.56 -40.76
CA GLU B 198 17.36 33.84 -41.36
C GLU B 198 17.30 33.74 -42.90
N THR B 199 18.21 32.97 -43.49
CA THR B 199 18.37 32.90 -44.96
C THR B 199 17.07 32.61 -45.69
N ARG B 200 16.44 31.47 -45.39
CA ARG B 200 15.22 31.09 -46.11
C ARG B 200 14.16 32.18 -45.94
N PRO B 201 13.85 32.60 -44.68
CA PRO B 201 12.93 33.72 -44.45
C PRO B 201 13.26 35.01 -45.24
N ASN B 202 14.52 35.44 -45.32
CA ASN B 202 14.82 36.67 -46.08
C ASN B 202 14.52 36.52 -47.54
N GLN B 203 14.73 35.31 -48.05
CA GLN B 203 14.45 34.99 -49.42
C GLN B 203 12.95 35.02 -49.66
N GLU B 204 12.18 34.48 -48.71
CA GLU B 204 10.75 34.36 -48.84
C GLU B 204 10.05 35.67 -48.48
N GLY B 205 10.79 36.71 -48.07
CA GLY B 205 10.21 38.00 -47.73
C GLY B 205 9.60 38.15 -46.34
N ILE B 206 9.62 37.05 -45.57
CA ILE B 206 9.20 37.05 -44.16
C ILE B 206 10.11 37.94 -43.28
N ASP B 207 9.53 38.63 -42.29
CA ASP B 207 10.29 39.45 -41.32
C ASP B 207 10.37 38.72 -39.99
N VAL B 208 11.50 38.06 -39.75
CA VAL B 208 11.55 37.11 -38.62
C VAL B 208 11.25 37.77 -37.27
N ARG B 209 11.61 39.03 -37.12
CA ARG B 209 11.32 39.69 -35.90
C ARG B 209 9.82 39.77 -35.66
N GLN B 210 9.00 40.16 -36.64
CA GLN B 210 7.58 40.17 -36.23
C GLN B 210 7.09 38.77 -36.02
N GLU B 211 7.59 37.85 -36.83
CA GLU B 211 7.28 36.47 -36.65
C GLU B 211 7.51 36.02 -35.20
N LEU B 212 8.65 36.37 -34.62
CA LEU B 212 8.87 36.14 -33.19
C LEU B 212 7.74 36.73 -32.33
N LEU B 213 7.54 38.06 -32.45
CA LEU B 213 6.48 38.83 -31.75
C LEU B 213 5.07 38.30 -32.01
N LYS B 214 4.79 37.96 -33.26
CA LYS B 214 3.48 37.42 -33.58
C LYS B 214 3.34 36.10 -32.85
N PHE B 215 4.42 35.31 -32.83
CA PHE B 215 4.35 34.01 -32.18
C PHE B 215 4.16 34.20 -30.69
N HIS B 216 5.02 34.99 -30.08
CA HIS B 216 4.97 35.21 -28.66
C HIS B 216 3.59 35.67 -28.27
N SER B 217 3.14 36.68 -29.03
CA SER B 217 1.89 37.30 -28.77
C SER B 217 0.77 36.28 -28.83
N ALA B 218 0.81 35.41 -29.83
CA ALA B 218 -0.27 34.46 -30.08
C ALA B 218 -0.38 33.28 -29.10
N TYR B 219 0.74 32.95 -28.44
CA TYR B 219 0.88 31.64 -27.77
C TYR B 219 1.41 31.71 -26.36
N TYR B 220 2.15 32.76 -26.05
CA TYR B 220 2.60 32.90 -24.70
C TYR B 220 1.46 33.50 -23.92
N SER B 221 0.45 32.69 -23.70
CA SER B 221 -0.72 33.13 -22.99
C SER B 221 -0.81 32.53 -21.59
N SER B 222 -1.32 33.31 -20.65
CA SER B 222 -1.39 32.87 -19.27
C SER B 222 -2.19 31.57 -19.12
N ASN B 223 -3.26 31.37 -19.88
CA ASN B 223 -4.02 30.14 -19.65
C ASN B 223 -3.14 28.94 -19.92
N LEU B 224 -2.02 29.13 -20.63
CA LEU B 224 -1.12 28.04 -21.00
C LEU B 224 0.15 27.89 -20.16
N MET B 225 0.27 28.68 -19.09
CA MET B 225 1.48 28.69 -18.26
C MET B 225 1.27 28.08 -16.86
N ALA B 226 2.35 27.54 -16.31
CA ALA B 226 2.40 27.17 -14.89
C ALA B 226 3.68 27.72 -14.35
N VAL B 227 3.61 28.20 -13.10
CA VAL B 227 4.76 28.88 -12.48
C VAL B 227 5.00 28.22 -11.14
N VAL B 228 6.27 28.02 -10.81
CA VAL B 228 6.65 27.50 -9.51
C VAL B 228 7.70 28.38 -8.89
N VAL B 229 7.46 28.70 -7.63
CA VAL B 229 8.31 29.62 -6.88
C VAL B 229 8.68 29.07 -5.47
N LEU B 230 9.97 29.04 -5.18
CA LEU B 230 10.49 28.50 -3.95
C LEU B 230 11.41 29.53 -3.31
N GLY B 231 11.24 29.72 -2.00
CA GLY B 231 12.04 30.69 -1.24
C GLY B 231 11.86 30.52 0.25
N ARG B 232 12.55 31.36 1.02
CA ARG B 232 12.39 31.35 2.49
C ARG B 232 11.09 32.03 2.97
N GLU B 233 10.71 33.13 2.31
CA GLU B 233 9.48 33.85 2.60
C GLU B 233 8.31 32.91 2.84
N SER B 234 7.45 33.24 3.79
CA SER B 234 6.26 32.43 4.09
C SER B 234 5.33 32.27 2.87
N LEU B 235 4.46 31.26 2.91
CA LEU B 235 3.51 31.01 1.80
C LEU B 235 2.71 32.27 1.41
N ASP B 236 2.35 33.07 2.42
CA ASP B 236 1.55 34.26 2.18
C ASP B 236 2.30 35.31 1.39
N ASP B 237 3.52 35.64 1.78
CA ASP B 237 4.36 36.54 0.99
C ASP B 237 4.60 36.03 -0.43
N LEU B 238 5.00 34.76 -0.54
CA LEU B 238 5.22 34.16 -1.84
C LEU B 238 3.94 34.27 -2.66
N THR B 239 2.79 34.17 -2.02
CA THR B 239 1.53 34.40 -2.74
C THR B 239 1.45 35.83 -3.28
N ASN B 240 1.69 36.81 -2.40
CA ASN B 240 1.61 38.21 -2.81
C ASN B 240 2.54 38.48 -3.97
N LEU B 241 3.79 38.02 -3.80
CA LEU B 241 4.86 38.23 -4.75
C LEU B 241 4.51 37.66 -6.10
N VAL B 242 3.93 36.45 -6.14
CA VAL B 242 3.52 35.91 -7.44
C VAL B 242 2.46 36.80 -8.07
N VAL B 243 1.36 37.03 -7.33
CA VAL B 243 0.25 37.87 -7.82
C VAL B 243 0.68 39.26 -8.30
N LYS B 244 1.61 39.86 -7.58
CA LYS B 244 2.18 41.11 -8.00
C LYS B 244 2.72 40.95 -9.41
N LEU B 245 3.41 39.84 -9.68
CA LEU B 245 4.24 39.77 -10.88
C LEU B 245 3.65 39.07 -12.08
N PHE B 246 2.55 38.35 -11.90
CA PHE B 246 2.02 37.49 -12.97
C PHE B 246 0.54 37.71 -13.30
N SER B 247 -0.19 38.47 -12.46
CA SER B 247 -1.62 38.77 -12.72
C SER B 247 -1.69 39.53 -14.02
N GLU B 248 -0.72 40.41 -14.24
CA GLU B 248 -0.63 41.19 -15.48
C GLU B 248 -0.35 40.37 -16.76
N VAL B 249 0.05 39.09 -16.69
CA VAL B 249 0.21 38.27 -17.93
C VAL B 249 -1.11 38.14 -18.60
N GLU B 250 -1.10 38.39 -19.90
CA GLU B 250 -2.36 38.40 -20.64
C GLU B 250 -2.95 37.00 -20.96
N ASN B 251 -4.25 36.81 -20.71
CA ASN B 251 -4.92 35.54 -21.09
C ASN B 251 -5.56 35.62 -22.49
N LYS B 252 -5.02 34.88 -23.43
CA LYS B 252 -5.46 34.99 -24.80
C LYS B 252 -6.41 33.85 -25.08
N ASN B 253 -6.80 33.14 -24.04
CA ASN B 253 -7.53 31.89 -24.17
C ASN B 253 -7.05 31.00 -25.25
N VAL B 254 -5.81 30.54 -25.19
CA VAL B 254 -5.32 29.71 -26.29
C VAL B 254 -5.74 28.26 -26.11
N PRO B 255 -6.37 27.68 -27.15
CA PRO B 255 -6.68 26.24 -27.10
C PRO B 255 -5.40 25.38 -27.08
N LEU B 256 -5.38 24.37 -26.21
CA LEU B 256 -4.19 23.59 -26.00
C LEU B 256 -4.09 22.63 -27.15
N PRO B 257 -2.96 22.63 -27.92
CA PRO B 257 -2.85 21.71 -29.08
C PRO B 257 -3.02 20.21 -28.73
N GLU B 258 -3.75 19.45 -29.54
CA GLU B 258 -3.96 18.04 -29.31
C GLU B 258 -3.45 17.38 -30.60
N PHE B 259 -2.76 16.22 -30.55
CA PHE B 259 -2.31 15.53 -31.80
C PHE B 259 -2.83 14.14 -31.85
N PRO B 260 -4.18 13.95 -32.01
CA PRO B 260 -4.83 12.63 -31.83
C PRO B 260 -4.36 11.57 -32.84
N GLU B 261 -3.98 11.99 -34.05
CA GLU B 261 -3.56 11.08 -35.11
C GLU B 261 -2.08 10.67 -34.94
N HIS B 262 -1.82 9.37 -34.86
CA HIS B 262 -0.45 8.92 -34.65
C HIS B 262 0.38 9.35 -35.87
N PRO B 263 1.60 9.85 -35.68
CA PRO B 263 2.42 10.14 -36.86
C PRO B 263 2.83 8.90 -37.64
N PHE B 264 2.69 7.72 -37.01
CA PHE B 264 2.81 6.47 -37.76
C PHE B 264 1.44 5.89 -38.07
N GLN B 265 1.08 5.91 -39.34
CA GLN B 265 -0.14 5.29 -39.85
C GLN B 265 0.25 3.93 -40.41
N GLU B 266 -0.68 3.23 -41.06
CA GLU B 266 -0.37 1.90 -41.64
C GLU B 266 0.86 1.84 -42.56
N GLU B 267 0.94 2.73 -43.54
CA GLU B 267 2.08 2.69 -44.46
C GLU B 267 3.46 2.80 -43.73
N HIS B 268 3.44 3.40 -42.54
CA HIS B 268 4.65 3.57 -41.75
C HIS B 268 4.90 2.41 -40.78
N LEU B 269 4.18 1.31 -40.92
CA LEU B 269 4.44 0.17 -40.05
C LEU B 269 4.95 -0.98 -40.92
N LYS B 270 5.49 -2.03 -40.28
CA LYS B 270 6.09 -3.17 -40.96
C LYS B 270 7.24 -2.68 -41.83
N GLN B 271 8.00 -1.71 -41.32
CA GLN B 271 9.06 -1.07 -42.09
C GLN B 271 10.36 -1.31 -41.40
N LEU B 272 11.40 -1.55 -42.19
CA LEU B 272 12.74 -1.84 -41.68
C LEU B 272 13.69 -0.77 -42.23
N TYR B 273 14.50 -0.21 -41.35
CA TYR B 273 15.37 0.91 -41.68
C TYR B 273 16.84 0.57 -41.41
N LYS B 274 17.67 0.74 -42.45
CA LYS B 274 19.09 0.45 -42.33
C LYS B 274 19.80 1.78 -42.36
N ILE B 275 20.53 2.07 -41.27
CA ILE B 275 21.11 3.39 -40.99
C ILE B 275 22.63 3.34 -40.72
N VAL B 276 23.35 4.31 -41.27
CA VAL B 276 24.79 4.40 -41.07
C VAL B 276 25.12 5.32 -39.87
N PRO B 277 25.77 4.79 -38.81
CA PRO B 277 26.06 5.72 -37.69
C PRO B 277 27.28 6.57 -38.01
N ILE B 278 27.54 7.64 -37.24
CA ILE B 278 28.85 8.33 -37.33
C ILE B 278 29.91 7.51 -36.58
N LYS B 279 29.74 7.36 -35.27
CA LYS B 279 30.43 6.35 -34.44
C LYS B 279 30.34 4.91 -34.96
N ASP B 280 31.26 4.05 -34.51
CA ASP B 280 31.15 2.61 -34.79
C ASP B 280 30.30 1.97 -33.69
N ILE B 281 28.98 2.03 -33.91
CA ILE B 281 27.97 1.43 -33.03
C ILE B 281 27.09 0.44 -33.82
N ARG B 282 26.57 -0.56 -33.12
CA ARG B 282 25.60 -1.51 -33.68
C ARG B 282 24.34 -1.45 -32.82
N ASN B 283 23.20 -1.00 -33.33
CA ASN B 283 21.99 -1.01 -32.49
C ASN B 283 20.79 -1.41 -33.25
N LEU B 284 19.84 -1.98 -32.51
CA LEU B 284 18.55 -2.30 -33.04
C LEU B 284 17.46 -1.61 -32.21
N TYR B 285 16.61 -0.84 -32.91
CA TYR B 285 15.55 -0.08 -32.30
C TYR B 285 14.27 -0.66 -32.78
N VAL B 286 13.53 -1.32 -31.89
CA VAL B 286 12.21 -1.85 -32.23
C VAL B 286 11.21 -0.96 -31.57
N THR B 287 10.16 -0.62 -32.29
CA THR B 287 9.33 0.48 -31.84
C THR B 287 7.89 0.25 -32.32
N PHE B 288 6.91 0.40 -31.43
CA PHE B 288 5.50 0.17 -31.77
C PHE B 288 4.79 1.43 -31.42
N PRO B 289 3.97 2.01 -32.35
CA PRO B 289 3.08 3.11 -32.01
C PRO B 289 2.04 2.63 -31.03
N ILE B 290 1.60 3.51 -30.12
CA ILE B 290 0.54 3.22 -29.13
C ILE B 290 -0.27 4.50 -28.89
N PRO B 291 -1.53 4.41 -28.38
CA PRO B 291 -2.31 5.59 -27.97
C PRO B 291 -1.67 6.40 -26.85
N ASP B 292 -2.22 7.56 -26.54
CA ASP B 292 -1.62 8.32 -25.47
C ASP B 292 -1.96 7.78 -24.06
N LEU B 293 -0.98 7.15 -23.40
CA LEU B 293 -1.25 6.60 -22.06
C LEU B 293 -1.29 7.61 -20.89
N GLN B 294 -0.98 8.88 -21.13
CA GLN B 294 -0.86 9.83 -20.02
C GLN B 294 -2.06 9.77 -19.09
N LYS B 295 -3.25 9.66 -19.64
CA LYS B 295 -4.43 9.72 -18.80
C LYS B 295 -4.61 8.55 -17.83
N TYR B 296 -3.90 7.44 -18.03
CA TYR B 296 -4.00 6.27 -17.13
C TYR B 296 -2.94 6.26 -16.04
N TYR B 297 -2.29 7.39 -15.85
CA TYR B 297 -1.14 7.50 -14.96
C TYR B 297 -1.28 6.78 -13.60
N LYS B 298 -2.52 6.70 -13.08
CA LYS B 298 -2.83 6.06 -11.77
C LYS B 298 -2.58 4.58 -11.85
N SER B 299 -2.88 3.96 -12.98
CA SER B 299 -2.55 2.56 -13.07
C SER B 299 -1.26 2.27 -13.90
N ASN B 300 -0.89 3.20 -14.78
CA ASN B 300 0.35 3.14 -15.51
C ASN B 300 0.59 1.82 -16.21
N PRO B 301 -0.32 1.39 -17.08
CA PRO B 301 0.00 0.11 -17.68
C PRO B 301 1.42 0.12 -18.30
N GLY B 302 1.80 1.23 -18.94
CA GLY B 302 3.05 1.27 -19.71
C GLY B 302 4.28 1.00 -18.87
N HIS B 303 4.24 1.53 -17.65
CA HIS B 303 5.31 1.35 -16.71
C HIS B 303 5.37 -0.11 -16.33
N TYR B 304 4.21 -0.76 -16.18
CA TYR B 304 4.16 -2.18 -15.76
C TYR B 304 4.80 -3.05 -16.87
N LEU B 305 4.42 -2.82 -18.10
CA LEU B 305 4.99 -3.65 -19.16
C LEU B 305 6.47 -3.30 -19.40
N GLY B 306 6.83 -2.06 -19.13
CA GLY B 306 8.20 -1.66 -19.33
C GLY B 306 9.03 -2.38 -18.30
N HIS B 307 8.61 -2.28 -17.04
CA HIS B 307 9.31 -2.95 -15.97
C HIS B 307 9.62 -4.41 -16.33
N LEU B 308 8.67 -5.09 -16.93
CA LEU B 308 8.85 -6.47 -17.25
C LEU B 308 9.75 -6.69 -18.48
N ILE B 309 9.30 -6.15 -19.62
CA ILE B 309 10.08 -6.23 -20.83
C ILE B 309 11.52 -5.72 -20.62
N GLY B 310 11.73 -4.75 -19.73
CA GLY B 310 13.07 -4.18 -19.50
C GLY B 310 13.90 -4.85 -18.43
N HIS B 311 13.30 -5.82 -17.74
CA HIS B 311 13.90 -6.47 -16.60
C HIS B 311 15.23 -7.14 -16.97
N GLU B 312 16.17 -7.14 -16.02
CA GLU B 312 17.50 -7.71 -16.27
C GLU B 312 17.88 -8.96 -15.47
N GLY B 313 16.96 -9.49 -14.66
CA GLY B 313 17.26 -10.60 -13.76
C GLY B 313 17.03 -11.95 -14.39
N PRO B 314 17.21 -13.02 -13.60
CA PRO B 314 17.09 -14.36 -14.16
C PRO B 314 15.75 -14.53 -14.86
N GLY B 315 15.80 -15.05 -16.08
CA GLY B 315 14.58 -15.43 -16.73
C GLY B 315 14.09 -14.31 -17.60
N SER B 316 14.78 -13.17 -17.57
CA SER B 316 14.37 -12.05 -18.44
C SER B 316 14.76 -12.19 -19.90
N LEU B 317 14.06 -11.46 -20.78
CA LEU B 317 14.44 -11.34 -22.19
C LEU B 317 15.91 -10.96 -22.40
N LEU B 318 16.40 -9.97 -21.66
CA LEU B 318 17.80 -9.57 -21.80
C LEU B 318 18.65 -10.78 -21.55
N SER B 319 18.44 -11.44 -20.41
CA SER B 319 19.19 -12.63 -20.05
C SER B 319 19.42 -13.61 -21.16
N GLU B 320 18.36 -13.98 -21.83
CA GLU B 320 18.49 -14.95 -22.89
C GLU B 320 19.27 -14.36 -24.03
N LEU B 321 18.94 -13.13 -24.43
CA LEU B 321 19.61 -12.51 -25.57
C LEU B 321 21.10 -12.30 -25.30
N LYS B 322 21.43 -12.17 -24.03
CA LYS B 322 22.80 -12.03 -23.61
C LYS B 322 23.53 -13.40 -23.61
N SER B 323 22.85 -14.46 -23.15
CA SER B 323 23.40 -15.82 -23.17
C SER B 323 23.63 -16.25 -24.59
N LYS B 324 22.80 -15.76 -25.47
CA LYS B 324 22.94 -16.17 -26.81
C LYS B 324 24.11 -15.38 -27.41
N GLY B 325 24.74 -14.51 -26.60
CA GLY B 325 25.80 -13.62 -27.08
C GLY B 325 25.39 -12.66 -28.20
N TRP B 326 24.16 -12.16 -28.16
CA TRP B 326 23.62 -11.32 -29.22
C TRP B 326 23.49 -9.83 -28.87
N VAL B 327 23.29 -9.51 -27.61
CA VAL B 327 23.17 -8.14 -27.12
C VAL B 327 23.87 -8.06 -25.77
N ASN B 328 24.32 -6.85 -25.39
CA ASN B 328 24.83 -6.60 -24.05
C ASN B 328 23.88 -5.87 -23.14
N THR B 329 23.17 -4.88 -23.68
CA THR B 329 22.24 -4.02 -22.92
C THR B 329 20.90 -3.94 -23.68
N LEU B 330 19.84 -3.61 -22.95
CA LEU B 330 18.46 -3.48 -23.52
C LEU B 330 17.70 -2.38 -22.77
N VAL B 331 16.93 -1.55 -23.47
CA VAL B 331 15.95 -0.70 -22.76
C VAL B 331 14.58 -0.90 -23.38
N GLY B 332 13.57 -0.94 -22.54
CA GLY B 332 12.21 -1.19 -23.05
C GLY B 332 11.19 -0.45 -22.23
N GLY B 333 10.08 -0.02 -22.82
CA GLY B 333 9.06 0.68 -22.04
C GLY B 333 8.38 1.74 -22.87
N GLN B 334 7.69 2.67 -22.22
CA GLN B 334 6.92 3.63 -23.01
C GLN B 334 7.77 4.85 -23.19
N LYS B 335 7.62 5.56 -24.30
CA LYS B 335 8.29 6.85 -24.47
C LYS B 335 7.31 7.88 -25.01
N GLU B 336 7.43 9.12 -24.59
CA GLU B 336 6.37 10.07 -24.84
C GLU B 336 6.45 10.68 -26.23
N GLY B 337 5.31 11.08 -26.77
CA GLY B 337 5.30 11.75 -28.05
C GLY B 337 4.70 13.12 -27.88
N ALA B 338 3.37 13.16 -27.79
CA ALA B 338 2.65 14.37 -27.41
C ALA B 338 1.25 14.03 -26.88
N ARG B 339 0.43 15.06 -26.61
CA ARG B 339 -1.00 14.86 -26.35
C ARG B 339 -1.58 14.06 -27.51
N GLY B 340 -1.97 12.83 -27.24
CA GLY B 340 -2.57 12.07 -28.31
C GLY B 340 -1.79 10.89 -28.82
N PHE B 341 -0.48 10.83 -28.61
CA PHE B 341 0.29 9.68 -29.09
C PHE B 341 1.61 9.42 -28.35
N MET B 342 1.95 8.15 -28.32
CA MET B 342 3.09 7.61 -27.60
C MET B 342 3.68 6.41 -28.34
N PHE B 343 4.82 5.94 -27.83
CA PHE B 343 5.49 4.80 -28.41
C PHE B 343 5.81 3.84 -27.31
N PHE B 344 5.86 2.57 -27.67
CA PHE B 344 6.49 1.60 -26.82
C PHE B 344 7.74 1.22 -27.56
N ILE B 345 8.86 1.10 -26.85
CA ILE B 345 10.10 0.76 -27.54
C ILE B 345 10.81 -0.41 -26.89
N ILE B 346 11.56 -1.17 -27.70
CA ILE B 346 12.57 -2.14 -27.22
C ILE B 346 13.86 -1.94 -28.04
N ASN B 347 14.92 -1.51 -27.37
CA ASN B 347 16.16 -1.24 -28.06
C ASN B 347 17.27 -2.05 -27.43
N VAL B 348 18.14 -2.62 -28.24
CA VAL B 348 19.30 -3.39 -27.76
C VAL B 348 20.49 -2.85 -28.51
N ASP B 349 21.68 -2.98 -27.92
CA ASP B 349 22.88 -2.92 -28.74
C ASP B 349 23.19 -4.32 -29.36
N LEU B 350 24.19 -4.45 -30.20
CA LEU B 350 24.33 -5.71 -30.92
C LEU B 350 25.78 -6.15 -30.95
N THR B 351 26.05 -7.39 -30.57
CA THR B 351 27.37 -7.99 -30.84
C THR B 351 27.48 -8.25 -32.33
N GLU B 352 28.69 -8.51 -32.82
CA GLU B 352 28.86 -8.91 -34.23
C GLU B 352 27.91 -10.01 -34.65
N GLU B 353 27.84 -11.04 -33.81
CA GLU B 353 26.92 -12.16 -33.97
C GLU B 353 25.44 -11.66 -33.99
N GLY B 354 25.09 -10.79 -33.03
CA GLY B 354 23.76 -10.20 -32.94
C GLY B 354 23.39 -9.54 -34.24
N LEU B 355 24.31 -8.83 -34.85
CA LEU B 355 24.00 -8.16 -36.10
C LEU B 355 23.58 -9.17 -37.17
N LEU B 356 24.21 -10.34 -37.17
CA LEU B 356 23.79 -11.41 -38.08
C LEU B 356 22.51 -12.12 -37.61
N HIS B 357 22.13 -12.01 -36.35
CA HIS B 357 20.91 -12.68 -35.90
C HIS B 357 19.78 -11.72 -35.53
N VAL B 358 19.51 -10.71 -36.37
CA VAL B 358 18.44 -9.70 -36.02
C VAL B 358 17.02 -10.29 -36.04
N GLU B 359 16.71 -10.97 -37.14
CA GLU B 359 15.46 -11.65 -37.17
C GLU B 359 15.27 -12.49 -35.89
N ASP B 360 16.28 -13.25 -35.43
CA ASP B 360 16.12 -14.10 -34.23
C ASP B 360 15.89 -13.29 -32.98
N ILE B 361 16.70 -12.23 -32.81
CA ILE B 361 16.58 -11.31 -31.67
C ILE B 361 15.15 -10.85 -31.54
N ILE B 362 14.57 -10.43 -32.67
CA ILE B 362 13.20 -9.94 -32.71
C ILE B 362 12.18 -11.03 -32.36
N LEU B 363 12.35 -12.23 -32.93
CA LEU B 363 11.52 -13.41 -32.56
C LEU B 363 11.50 -13.65 -31.04
N HIS B 364 12.68 -13.75 -30.46
CA HIS B 364 12.78 -13.75 -29.04
C HIS B 364 12.03 -12.61 -28.36
N MET B 365 12.04 -11.41 -28.92
CA MET B 365 11.27 -10.32 -28.32
C MET B 365 9.78 -10.71 -28.24
N PHE B 366 9.25 -11.25 -29.33
CA PHE B 366 7.83 -11.53 -29.35
C PHE B 366 7.49 -12.73 -28.48
N GLN B 367 8.40 -13.68 -28.42
CA GLN B 367 8.24 -14.78 -27.51
C GLN B 367 8.06 -14.30 -26.09
N TYR B 368 8.91 -13.37 -25.65
CA TYR B 368 8.78 -12.94 -24.28
C TYR B 368 7.43 -12.22 -24.17
N ILE B 369 7.10 -11.38 -25.14
CA ILE B 369 5.81 -10.75 -25.13
C ILE B 369 4.72 -11.82 -25.05
N GLN B 370 4.84 -12.88 -25.87
CA GLN B 370 3.89 -14.03 -25.83
C GLN B 370 3.78 -14.62 -24.43
N LYS B 371 4.89 -14.82 -23.73
CA LYS B 371 4.81 -15.35 -22.38
C LYS B 371 3.92 -14.46 -21.52
N LEU B 372 4.16 -13.16 -21.57
CA LEU B 372 3.36 -12.24 -20.78
C LEU B 372 1.89 -12.45 -21.10
N ARG B 373 1.54 -12.47 -22.40
CA ARG B 373 0.16 -12.63 -22.83
C ARG B 373 -0.41 -13.87 -22.18
N ALA B 374 0.32 -14.97 -22.32
CA ALA B 374 -0.07 -16.31 -21.84
C ALA B 374 -0.30 -16.41 -20.35
N GLU B 375 0.38 -15.58 -19.57
CA GLU B 375 0.42 -15.68 -18.11
C GLU B 375 -0.55 -14.75 -17.41
N GLY B 376 -1.11 -13.81 -18.18
CA GLY B 376 -1.94 -12.73 -17.63
C GLY B 376 -1.10 -11.69 -16.90
N PRO B 377 -1.75 -10.60 -16.50
CA PRO B 377 -1.27 -9.55 -15.62
C PRO B 377 -0.93 -10.07 -14.22
N GLN B 378 0.31 -9.93 -13.79
CA GLN B 378 0.67 -10.32 -12.44
C GLN B 378 0.44 -9.21 -11.42
N GLU B 379 -0.58 -9.40 -10.57
CA GLU B 379 -0.88 -8.42 -9.51
C GLU B 379 0.20 -8.30 -8.46
N TRP B 380 0.89 -9.39 -8.14
CA TRP B 380 1.92 -9.26 -7.10
C TRP B 380 3.02 -8.32 -7.59
N VAL B 381 3.30 -8.38 -8.88
CA VAL B 381 4.33 -7.54 -9.48
C VAL B 381 3.95 -6.07 -9.36
N PHE B 382 2.71 -5.74 -9.74
CA PHE B 382 2.16 -4.41 -9.53
C PHE B 382 2.23 -3.92 -8.07
N GLN B 383 1.82 -4.77 -7.10
CA GLN B 383 2.00 -4.44 -5.67
C GLN B 383 3.46 -4.18 -5.37
N GLU B 384 4.33 -5.02 -5.89
CA GLU B 384 5.71 -4.90 -5.56
C GLU B 384 6.18 -3.50 -6.00
N LEU B 385 5.85 -3.13 -7.24
CA LEU B 385 6.15 -1.80 -7.76
C LEU B 385 5.47 -0.71 -6.93
N LYS B 386 4.15 -0.85 -6.69
CA LYS B 386 3.44 0.14 -5.85
C LYS B 386 4.17 0.48 -4.55
N ASP B 387 4.61 -0.56 -3.83
CA ASP B 387 5.28 -0.45 -2.57
C ASP B 387 6.67 0.09 -2.64
N LEU B 388 7.38 -0.25 -3.71
CA LEU B 388 8.70 0.31 -3.91
C LEU B 388 8.58 1.82 -4.10
N ASN B 389 7.66 2.21 -4.98
CA ASN B 389 7.36 3.59 -5.21
C ASN B 389 7.04 4.26 -3.92
N ALA B 390 6.24 3.62 -3.08
CA ALA B 390 5.83 4.22 -1.81
C ALA B 390 7.03 4.56 -0.92
N VAL B 391 7.93 3.60 -0.73
CA VAL B 391 9.19 3.82 0.00
C VAL B 391 10.05 4.83 -0.69
N ALA B 392 10.22 4.71 -2.02
CA ALA B 392 11.07 5.65 -2.74
C ALA B 392 10.67 7.06 -2.36
N PHE B 393 9.38 7.36 -2.52
CA PHE B 393 8.80 8.67 -2.24
C PHE B 393 8.84 9.07 -0.76
N ARG B 394 8.80 8.10 0.16
CA ARG B 394 8.83 8.41 1.59
C ARG B 394 10.20 8.93 1.88
N PHE B 395 11.23 8.25 1.41
CA PHE B 395 12.56 8.57 1.84
C PHE B 395 13.33 9.20 0.68
N LYS B 396 12.77 10.23 0.10
CA LYS B 396 13.26 10.75 -1.18
C LYS B 396 14.26 11.80 -0.79
N ASP B 397 15.33 12.00 -1.57
CA ASP B 397 16.30 13.04 -1.19
C ASP B 397 15.70 14.42 -1.44
N LYS B 398 16.16 15.45 -0.71
CA LYS B 398 15.71 16.82 -1.02
C LYS B 398 16.35 17.27 -2.32
N GLU B 399 15.53 17.68 -3.27
CA GLU B 399 15.96 18.10 -4.61
C GLU B 399 16.67 19.44 -4.51
N ARG B 400 17.58 19.70 -5.44
CA ARG B 400 18.09 21.06 -5.63
C ARG B 400 16.98 21.95 -6.19
N PRO B 401 16.82 23.16 -5.62
CA PRO B 401 15.70 24.03 -5.98
C PRO B 401 15.52 24.29 -7.48
N ARG B 402 16.61 24.62 -8.16
CA ARG B 402 16.49 25.01 -9.56
C ARG B 402 15.80 23.94 -10.42
N GLY B 403 16.28 22.68 -10.35
CA GLY B 403 15.73 21.60 -11.13
C GLY B 403 14.36 21.21 -10.62
N TYR B 404 14.11 21.52 -9.34
CA TYR B 404 12.87 21.10 -8.70
C TYR B 404 11.76 21.98 -9.21
N THR B 405 11.98 23.30 -9.25
CA THR B 405 10.95 24.23 -9.73
C THR B 405 10.64 23.99 -11.21
N SER B 406 11.70 23.83 -12.01
CA SER B 406 11.59 23.51 -13.43
C SER B 406 10.78 22.25 -13.69
N LYS B 407 11.13 21.18 -13.00
CA LYS B 407 10.44 19.91 -13.13
C LYS B 407 8.93 20.10 -12.83
N ILE B 408 8.66 20.82 -11.75
CA ILE B 408 7.32 20.92 -11.21
C ILE B 408 6.50 21.84 -12.07
N ALA B 409 7.07 22.97 -12.53
CA ALA B 409 6.37 23.81 -13.51
C ALA B 409 5.87 22.97 -14.72
N GLY B 410 6.65 21.99 -15.14
CA GLY B 410 6.25 21.19 -16.25
C GLY B 410 5.07 20.30 -15.93
N ILE B 411 4.99 19.75 -14.71
CA ILE B 411 3.97 18.73 -14.50
C ILE B 411 2.64 19.22 -13.95
N LEU B 412 2.60 20.51 -13.61
CA LEU B 412 1.42 21.18 -13.13
C LEU B 412 0.36 21.25 -14.25
N HIS B 413 0.82 21.00 -15.46
CA HIS B 413 -0.03 20.91 -16.65
C HIS B 413 -0.74 19.59 -16.77
N TYR B 414 -0.48 18.66 -15.86
CA TYR B 414 -0.92 17.29 -16.06
C TYR B 414 -1.67 16.72 -14.89
N TYR B 415 -1.66 17.46 -13.78
CA TYR B 415 -2.15 17.00 -12.47
C TYR B 415 -2.80 18.13 -11.70
N PRO B 416 -3.89 17.84 -10.99
CA PRO B 416 -4.48 18.86 -10.14
C PRO B 416 -3.47 19.32 -9.07
N LEU B 417 -3.55 20.56 -8.63
CA LEU B 417 -2.50 21.14 -7.79
C LEU B 417 -2.15 20.22 -6.64
N GLU B 418 -3.18 19.63 -6.03
CA GLU B 418 -3.04 18.84 -4.81
C GLU B 418 -2.16 17.60 -5.08
N GLU B 419 -2.09 17.14 -6.32
CA GLU B 419 -1.37 15.90 -6.62
C GLU B 419 0.00 16.00 -7.31
N VAL B 420 0.59 17.19 -7.48
CA VAL B 420 1.81 17.34 -8.30
C VAL B 420 3.04 16.64 -7.74
N LEU B 421 3.15 16.65 -6.42
CA LEU B 421 4.29 16.06 -5.75
C LEU B 421 4.27 14.56 -5.83
N THR B 422 3.07 13.99 -5.83
CA THR B 422 2.94 12.55 -5.74
C THR B 422 2.83 11.91 -7.08
N ALA B 423 2.35 12.69 -8.03
CA ALA B 423 1.84 12.11 -9.26
C ALA B 423 2.91 11.32 -10.02
N GLU B 424 4.13 11.83 -10.12
CA GLU B 424 5.05 11.05 -10.89
C GLU B 424 5.74 9.94 -10.09
N TYR B 425 5.35 9.79 -8.84
CA TYR B 425 5.83 8.68 -8.01
C TYR B 425 4.87 7.55 -7.82
N LEU B 426 3.60 7.87 -7.74
CA LEU B 426 2.70 6.93 -7.08
C LEU B 426 1.68 6.39 -8.07
N LEU B 427 1.95 5.15 -8.49
CA LEU B 427 0.99 4.13 -8.86
C LEU B 427 -0.05 3.81 -7.79
N GLU B 428 -1.27 3.49 -8.25
CA GLU B 428 -2.45 3.44 -7.39
C GLU B 428 -3.45 2.26 -7.58
N GLU B 429 -4.09 2.10 -8.74
CA GLU B 429 -4.92 0.90 -8.98
C GLU B 429 -4.31 -0.05 -10.01
N PHE B 430 -4.42 -1.36 -9.73
CA PHE B 430 -3.98 -2.38 -10.69
C PHE B 430 -5.03 -2.46 -11.76
N ARG B 431 -4.67 -2.34 -13.03
CA ARG B 431 -5.73 -2.38 -13.99
C ARG B 431 -5.52 -3.39 -15.07
N PRO B 432 -5.73 -4.69 -14.76
CA PRO B 432 -5.39 -5.77 -15.68
C PRO B 432 -5.80 -5.45 -17.09
N ASP B 433 -6.95 -4.80 -17.23
CA ASP B 433 -7.57 -4.59 -18.56
C ASP B 433 -6.78 -3.64 -19.46
N LEU B 434 -6.15 -2.61 -18.89
CA LEU B 434 -5.35 -1.64 -19.66
C LEU B 434 -4.02 -2.27 -19.99
N ILE B 435 -3.46 -2.96 -19.02
CA ILE B 435 -2.27 -3.71 -19.28
C ILE B 435 -2.52 -4.49 -20.56
N GLU B 436 -3.62 -5.23 -20.67
CA GLU B 436 -3.77 -5.98 -21.92
C GLU B 436 -4.26 -5.18 -23.11
N MET B 437 -4.83 -4.03 -22.85
CA MET B 437 -5.10 -3.06 -23.91
C MET B 437 -3.82 -2.68 -24.69
N VAL B 438 -2.72 -2.58 -23.94
CA VAL B 438 -1.41 -2.11 -24.42
C VAL B 438 -0.61 -3.26 -25.01
N LEU B 439 -0.57 -4.36 -24.29
CA LEU B 439 0.16 -5.56 -24.70
C LEU B 439 -0.34 -5.97 -26.05
N ASP B 440 -1.65 -5.79 -26.21
CA ASP B 440 -2.33 -5.99 -27.46
C ASP B 440 -1.77 -5.18 -28.63
N LYS B 441 -1.16 -4.02 -28.39
CA LYS B 441 -0.56 -3.22 -29.46
C LYS B 441 0.87 -3.71 -29.83
N LEU B 442 1.47 -4.51 -28.96
CA LEU B 442 2.80 -5.06 -29.25
C LEU B 442 2.70 -6.34 -30.08
N ARG B 443 2.51 -6.15 -31.38
CA ARG B 443 2.33 -7.23 -32.36
C ARG B 443 3.13 -6.91 -33.62
N PRO B 444 3.63 -7.96 -34.31
CA PRO B 444 4.43 -7.80 -35.51
C PRO B 444 3.74 -6.92 -36.56
N GLU B 445 2.46 -7.06 -36.74
CA GLU B 445 1.81 -6.29 -37.77
C GLU B 445 1.92 -4.77 -37.55
N ASN B 446 2.27 -4.34 -36.34
CA ASN B 446 2.48 -2.89 -36.17
C ASN B 446 3.85 -2.47 -35.59
N VAL B 447 4.87 -3.05 -36.18
CA VAL B 447 6.22 -2.88 -35.67
C VAL B 447 7.06 -2.12 -36.68
N ARG B 448 7.95 -1.28 -36.15
CA ARG B 448 8.99 -0.64 -36.94
C ARG B 448 10.31 -1.17 -36.47
N VAL B 449 11.21 -1.49 -37.39
CA VAL B 449 12.49 -2.01 -36.97
C VAL B 449 13.59 -1.12 -37.50
N ALA B 450 14.53 -0.72 -36.66
CA ALA B 450 15.64 0.04 -37.21
C ALA B 450 16.96 -0.57 -36.73
N ILE B 451 17.87 -0.77 -37.68
CA ILE B 451 19.19 -1.32 -37.45
C ILE B 451 20.26 -0.26 -37.80
N VAL B 452 21.18 -0.04 -36.88
CA VAL B 452 22.18 0.97 -37.12
C VAL B 452 23.53 0.25 -37.06
N SER B 453 24.38 0.46 -38.09
CA SER B 453 25.61 -0.30 -38.27
C SER B 453 26.45 0.25 -39.41
N LYS B 454 27.76 0.28 -39.23
CA LYS B 454 28.66 0.71 -40.32
C LYS B 454 28.65 -0.19 -41.57
N SER B 455 28.21 -1.43 -41.40
CA SER B 455 28.16 -2.33 -42.52
C SER B 455 27.11 -1.93 -43.54
N PHE B 456 26.38 -0.86 -43.28
CA PHE B 456 25.46 -0.39 -44.33
C PHE B 456 26.10 0.73 -45.10
N GLU B 457 27.32 1.08 -44.67
CA GLU B 457 28.15 2.07 -45.32
C GLU B 457 28.22 1.71 -46.81
N GLY B 458 27.84 2.67 -47.66
CA GLY B 458 27.79 2.44 -49.11
C GLY B 458 26.62 1.66 -49.70
N LYS B 459 25.63 1.28 -48.90
CA LYS B 459 24.54 0.47 -49.46
C LYS B 459 23.19 1.14 -49.24
N THR B 460 23.23 2.44 -49.01
CA THR B 460 22.03 3.19 -48.76
C THR B 460 21.71 4.10 -49.95
N ASP B 461 20.42 4.36 -50.15
CA ASP B 461 19.95 5.16 -51.26
C ASP B 461 19.28 6.44 -50.83
N ARG B 462 19.17 6.69 -49.52
CA ARG B 462 18.38 7.82 -48.98
C ARG B 462 19.19 8.71 -48.06
N THR B 463 18.85 10.00 -47.96
CA THR B 463 19.57 10.98 -47.15
C THR B 463 18.59 11.87 -46.43
N GLU B 464 18.60 11.88 -45.10
CA GLU B 464 17.76 12.79 -44.30
C GLU B 464 18.16 14.25 -44.49
N GLU B 465 17.15 15.09 -44.65
CA GLU B 465 17.33 16.45 -45.12
C GLU B 465 18.24 17.22 -44.16
N TRP B 466 18.02 17.07 -42.85
CA TRP B 466 18.62 17.98 -41.85
C TRP B 466 19.94 17.59 -41.21
N TYR B 467 20.25 16.31 -41.16
CA TYR B 467 21.51 15.83 -40.60
C TYR B 467 22.30 15.13 -41.70
N GLY B 468 21.61 14.85 -42.82
CA GLY B 468 22.16 14.11 -43.93
C GLY B 468 22.47 12.66 -43.64
N THR B 469 21.81 12.11 -42.62
CA THR B 469 21.88 10.70 -42.27
C THR B 469 21.66 9.79 -43.48
N GLN B 470 22.67 9.00 -43.84
CA GLN B 470 22.57 7.97 -44.90
C GLN B 470 21.65 6.81 -44.47
N TYR B 471 20.61 6.48 -45.22
CA TYR B 471 19.79 5.33 -44.83
C TYR B 471 18.98 4.62 -45.94
N LYS B 472 18.30 3.55 -45.57
CA LYS B 472 17.53 2.80 -46.55
C LYS B 472 16.29 2.17 -45.89
N GLN B 473 15.20 2.13 -46.62
CA GLN B 473 13.94 1.69 -46.06
C GLN B 473 13.36 0.60 -46.93
N GLU B 474 12.98 -0.52 -46.31
CA GLU B 474 12.33 -1.61 -47.04
C GLU B 474 11.15 -2.04 -46.23
N ALA B 475 10.19 -2.74 -46.86
CA ALA B 475 9.08 -3.33 -46.12
C ALA B 475 9.54 -4.65 -45.55
N ILE B 476 9.24 -4.91 -44.30
CA ILE B 476 9.58 -6.18 -43.71
C ILE B 476 8.74 -7.23 -44.47
N PRO B 477 9.38 -8.30 -44.98
CA PRO B 477 8.66 -9.29 -45.81
C PRO B 477 7.54 -9.97 -45.02
N ASP B 478 6.42 -10.27 -45.69
CA ASP B 478 5.26 -10.82 -45.04
C ASP B 478 5.60 -12.06 -44.27
N GLU B 479 6.48 -12.81 -44.90
CA GLU B 479 6.89 -14.07 -44.39
C GLU B 479 7.57 -13.93 -43.01
N VAL B 480 8.32 -12.86 -42.83
CA VAL B 480 9.03 -12.59 -41.59
C VAL B 480 8.03 -12.18 -40.50
N ILE B 481 7.00 -11.44 -40.91
CA ILE B 481 6.01 -10.98 -39.97
C ILE B 481 5.17 -12.15 -39.50
N LYS B 482 4.79 -13.02 -40.45
CA LYS B 482 3.96 -14.21 -40.17
C LYS B 482 4.72 -15.12 -39.22
N LYS B 483 6.01 -15.27 -39.49
CA LYS B 483 6.89 -16.02 -38.64
C LYS B 483 6.93 -15.50 -37.15
N TRP B 484 7.00 -14.17 -36.97
CA TRP B 484 7.01 -13.54 -35.63
C TRP B 484 5.65 -13.65 -34.88
N GLN B 485 4.57 -13.55 -35.64
CA GLN B 485 3.22 -13.75 -35.12
C GLN B 485 3.02 -15.12 -34.47
N ASN B 486 3.71 -16.16 -34.99
CA ASN B 486 3.63 -17.52 -34.39
C ASN B 486 4.62 -17.73 -33.27
N ALA B 487 5.21 -16.63 -32.79
CA ALA B 487 6.10 -16.71 -31.66
C ALA B 487 5.55 -17.64 -30.59
N ASP B 488 6.47 -18.34 -29.95
CA ASP B 488 6.14 -19.46 -29.12
C ASP B 488 6.45 -19.28 -27.66
N LEU B 489 6.19 -20.32 -26.89
CA LEU B 489 6.69 -20.34 -25.52
C LEU B 489 8.10 -20.89 -25.50
N ASN B 490 8.99 -20.21 -24.76
CA ASN B 490 10.41 -20.53 -24.73
C ASN B 490 10.82 -20.67 -23.24
N GLY B 491 11.13 -21.90 -22.82
CA GLY B 491 11.37 -22.17 -21.40
C GLY B 491 12.52 -21.41 -20.75
N LYS B 492 13.12 -20.46 -21.48
CA LYS B 492 14.19 -19.61 -20.93
C LYS B 492 13.60 -18.31 -20.31
N PHE B 493 12.40 -17.97 -20.74
CA PHE B 493 11.69 -16.82 -20.19
C PHE B 493 10.79 -17.15 -19.02
N LYS B 494 11.14 -16.65 -17.84
CA LYS B 494 10.27 -16.71 -16.68
C LYS B 494 9.93 -15.30 -16.23
N LEU B 495 8.91 -15.18 -15.39
CA LEU B 495 8.65 -13.90 -14.79
C LEU B 495 9.75 -13.65 -13.77
N PRO B 496 9.87 -12.40 -13.28
CA PRO B 496 10.90 -12.22 -12.25
C PRO B 496 10.47 -12.90 -10.99
N THR B 497 11.38 -13.18 -10.10
CA THR B 497 10.97 -13.79 -8.86
C THR B 497 10.75 -12.63 -7.88
N LYS B 498 10.12 -12.88 -6.74
CA LYS B 498 9.87 -11.81 -5.74
C LYS B 498 11.21 -11.19 -5.39
N ASN B 499 11.27 -9.89 -5.23
CA ASN B 499 12.54 -9.19 -5.09
C ASN B 499 13.05 -9.29 -3.66
N GLU B 500 14.08 -10.09 -3.41
CA GLU B 500 14.60 -10.25 -2.04
C GLU B 500 15.18 -8.92 -1.48
N PHE B 501 15.51 -7.93 -2.30
CA PHE B 501 16.26 -6.74 -1.82
C PHE B 501 15.46 -5.59 -1.28
N ILE B 502 14.15 -5.76 -1.32
CA ILE B 502 13.25 -4.77 -0.74
C ILE B 502 13.71 -4.50 0.70
N PRO B 503 13.94 -3.22 1.02
CA PRO B 503 14.34 -2.80 2.37
C PRO B 503 13.15 -2.81 3.32
N THR B 504 13.24 -3.62 4.37
CA THR B 504 12.18 -3.65 5.38
C THR B 504 12.58 -2.71 6.54
N ASN B 505 13.83 -2.68 6.93
CA ASN B 505 14.18 -2.00 8.20
C ASN B 505 14.79 -0.55 8.10
N PHE B 506 13.97 0.48 8.36
CA PHE B 506 14.36 1.89 8.15
C PHE B 506 14.58 2.61 9.43
N GLU B 507 14.93 1.88 10.48
CA GLU B 507 15.20 2.53 11.74
C GLU B 507 16.35 3.53 11.61
N ILE B 508 16.09 4.83 11.73
CA ILE B 508 17.21 5.77 11.87
C ILE B 508 17.88 5.55 13.23
N LEU B 509 19.14 5.08 13.27
CA LEU B 509 19.85 4.81 14.57
C LEU B 509 20.20 6.11 15.28
N PRO B 510 20.04 6.15 16.61
CA PRO B 510 20.19 7.44 17.30
C PRO B 510 21.66 7.89 17.33
N LEU B 511 21.88 9.20 17.19
CA LEU B 511 23.21 9.80 17.17
C LEU B 511 24.07 9.45 18.42
N GLU B 512 25.30 9.00 18.19
CA GLU B 512 26.16 8.51 19.26
C GLU B 512 26.82 9.64 20.04
N LYS B 513 27.29 9.37 21.28
CA LYS B 513 27.91 10.43 22.15
C LYS B 513 29.17 10.96 21.46
N GLU B 514 30.00 10.04 20.99
CA GLU B 514 31.24 10.39 20.28
C GLU B 514 31.00 10.64 18.74
N ALA B 515 29.84 11.17 18.35
CA ALA B 515 29.60 11.49 16.92
C ALA B 515 30.30 12.80 16.56
N THR B 516 30.66 12.96 15.29
CA THR B 516 31.48 14.11 14.80
C THR B 516 30.81 14.91 13.66
N PRO B 517 31.16 16.20 13.54
CA PRO B 517 30.63 17.05 12.47
C PRO B 517 31.18 16.69 11.10
N TYR B 518 32.49 16.40 11.07
CA TYR B 518 33.20 15.97 9.87
C TYR B 518 33.55 14.53 10.05
N PRO B 519 33.99 13.87 8.97
CA PRO B 519 34.35 12.46 9.06
C PRO B 519 35.61 12.33 9.88
N ALA B 520 35.59 11.41 10.82
CA ALA B 520 36.73 11.14 11.63
C ALA B 520 37.43 9.90 11.09
N LEU B 521 38.76 9.91 11.21
CA LEU B 521 39.55 8.77 10.80
C LEU B 521 39.50 7.75 11.92
N ILE B 522 38.75 6.68 11.77
CA ILE B 522 38.56 5.80 12.90
C ILE B 522 39.35 4.51 12.79
N LYS B 523 40.13 4.35 11.72
CA LYS B 523 41.00 3.16 11.54
C LYS B 523 42.12 3.50 10.57
N ASP B 524 43.37 3.34 11.02
CA ASP B 524 44.57 3.79 10.29
C ASP B 524 45.60 2.67 10.25
N THR B 525 45.24 1.54 9.66
CA THR B 525 46.19 0.47 9.58
C THR B 525 46.94 0.56 8.24
N ALA B 526 47.78 -0.45 8.00
CA ALA B 526 48.63 -0.43 6.84
C ALA B 526 47.78 -0.91 5.69
N MET B 527 46.82 -1.75 6.02
CA MET B 527 45.90 -2.35 5.03
C MET B 527 44.77 -1.41 4.59
N SER B 528 44.31 -0.54 5.50
CA SER B 528 43.24 0.36 5.20
C SER B 528 43.11 1.58 6.11
N LYS B 529 42.76 2.71 5.49
CA LYS B 529 42.32 3.94 6.17
C LYS B 529 40.79 4.13 6.11
N LEU B 530 40.16 4.38 7.26
CA LEU B 530 38.73 4.50 7.33
C LEU B 530 38.21 5.81 7.89
N TRP B 531 37.53 6.56 7.03
CA TRP B 531 36.86 7.78 7.44
C TRP B 531 35.42 7.42 7.68
N PHE B 532 34.87 7.87 8.81
CA PHE B 532 33.48 7.61 9.17
C PHE B 532 32.75 8.86 9.63
N LYS B 533 31.53 9.04 9.18
CA LYS B 533 30.71 10.08 9.73
C LYS B 533 29.29 9.57 9.82
N GLN B 534 28.71 9.61 11.02
CA GLN B 534 27.30 9.26 11.16
C GLN B 534 26.46 10.48 10.73
N ASP B 535 25.51 10.26 9.81
CA ASP B 535 24.73 11.34 9.19
C ASP B 535 24.09 12.12 10.28
N ASP B 536 24.38 13.42 10.37
CA ASP B 536 23.75 14.27 11.39
C ASP B 536 22.91 15.36 10.77
N LYS B 537 22.57 15.23 9.48
CA LYS B 537 21.78 16.26 8.83
C LYS B 537 20.45 15.77 8.29
N PHE B 538 20.41 14.60 7.64
CA PHE B 538 19.27 14.28 6.81
C PHE B 538 18.31 13.32 7.42
N PHE B 539 18.83 12.37 8.20
CA PHE B 539 18.00 11.38 8.93
C PHE B 539 17.08 10.53 8.07
N LEU B 540 17.64 10.07 6.94
CA LEU B 540 16.95 9.09 6.09
C LEU B 540 17.65 7.75 6.20
N PRO B 541 16.93 6.63 6.07
CA PRO B 541 17.64 5.36 6.29
C PRO B 541 18.57 4.91 5.08
N LYS B 542 19.72 5.57 4.94
CA LYS B 542 20.56 5.37 3.77
C LYS B 542 21.99 5.64 4.18
N ALA B 543 22.94 4.96 3.54
CA ALA B 543 24.33 5.27 3.76
C ALA B 543 25.05 5.31 2.42
N ASN B 544 26.21 5.98 2.40
CA ASN B 544 27.10 5.99 1.25
C ASN B 544 28.40 5.29 1.66
N LEU B 545 28.76 4.24 0.92
CA LEU B 545 29.96 3.47 1.21
C LEU B 545 31.00 3.58 0.09
N ASN B 546 32.06 4.38 0.28
CA ASN B 546 33.02 4.62 -0.81
C ASN B 546 34.37 4.14 -0.40
N PHE B 547 35.08 3.55 -1.35
CA PHE B 547 36.37 2.89 -1.16
C PHE B 547 37.24 3.13 -2.39
N GLU B 548 38.42 3.77 -2.25
CA GLU B 548 39.51 3.57 -3.24
C GLU B 548 40.30 2.32 -2.80
N PHE B 549 40.57 1.41 -3.74
CA PHE B 549 41.52 0.30 -3.61
C PHE B 549 42.72 0.65 -4.46
N PHE B 550 43.88 1.03 -3.87
CA PHE B 550 45.09 1.32 -4.67
C PHE B 550 45.88 0.06 -4.92
N SER B 551 46.23 -0.12 -6.19
CA SER B 551 47.34 -0.94 -6.62
C SER B 551 47.95 -0.22 -7.78
N PRO B 552 49.28 -0.18 -7.80
CA PRO B 552 50.06 0.34 -8.93
C PRO B 552 49.81 -0.47 -10.22
N PHE B 553 49.25 -1.68 -10.08
CA PHE B 553 49.03 -2.55 -11.22
C PHE B 553 47.85 -2.22 -12.04
N ALA B 554 47.06 -1.26 -11.56
CA ALA B 554 45.83 -0.89 -12.21
C ALA B 554 46.16 -0.04 -13.42
N TYR B 555 47.34 0.59 -13.39
CA TYR B 555 47.66 1.56 -14.38
C TYR B 555 49.17 1.60 -14.75
N VAL B 556 49.90 0.56 -14.33
CA VAL B 556 51.33 0.49 -14.56
C VAL B 556 51.65 0.58 -16.05
N ASP B 557 50.73 0.16 -16.90
CA ASP B 557 50.92 0.36 -18.32
C ASP B 557 49.66 0.14 -19.16
N PRO B 558 49.64 0.65 -20.39
CA PRO B 558 48.51 0.48 -21.26
C PRO B 558 47.78 -0.86 -21.11
N LEU B 559 48.49 -1.95 -21.38
CA LEU B 559 47.93 -3.29 -21.21
C LEU B 559 47.36 -3.55 -19.80
N HIS B 560 48.02 -3.01 -18.79
CA HIS B 560 47.51 -3.18 -17.46
C HIS B 560 46.32 -2.34 -17.13
N SER B 561 46.22 -1.15 -17.70
CA SER B 561 45.05 -0.38 -17.39
C SER B 561 43.90 -0.98 -18.16
N ASN B 562 44.23 -1.55 -19.31
CA ASN B 562 43.25 -2.24 -20.14
C ASN B 562 42.64 -3.41 -19.46
N MET B 563 43.44 -4.06 -18.64
CA MET B 563 43.02 -5.30 -18.03
C MET B 563 42.23 -4.93 -16.80
N ALA B 564 42.68 -3.88 -16.12
CA ALA B 564 41.93 -3.31 -15.02
C ALA B 564 40.48 -3.07 -15.48
N TYR B 565 40.34 -2.44 -16.64
CA TYR B 565 39.04 -1.96 -17.11
C TYR B 565 38.21 -3.16 -17.44
N LEU B 566 38.78 -4.02 -18.25
CA LEU B 566 38.12 -5.18 -18.72
C LEU B 566 37.70 -6.03 -17.56
N TYR B 567 38.58 -6.15 -16.59
CA TYR B 567 38.31 -6.94 -15.40
C TYR B 567 36.97 -6.50 -14.78
N LEU B 568 36.91 -5.22 -14.37
CA LEU B 568 35.71 -4.59 -13.80
C LEU B 568 34.45 -4.69 -14.64
N GLU B 569 34.56 -4.52 -15.96
CA GLU B 569 33.39 -4.63 -16.83
C GLU B 569 32.83 -6.01 -16.77
N LEU B 570 33.71 -6.98 -16.77
CA LEU B 570 33.30 -8.36 -16.85
C LEU B 570 32.68 -8.73 -15.54
N LEU B 571 33.26 -8.21 -14.46
CA LEU B 571 32.75 -8.51 -13.13
C LEU B 571 31.34 -7.91 -13.01
N LYS B 572 31.22 -6.62 -13.37
CA LYS B 572 29.92 -5.92 -13.40
C LYS B 572 28.94 -6.69 -14.27
N ASP B 573 29.42 -7.18 -15.39
CA ASP B 573 28.53 -7.84 -16.28
C ASP B 573 28.02 -9.08 -15.60
N SER B 574 28.88 -9.94 -15.08
CA SER B 574 28.41 -11.21 -14.51
C SER B 574 27.61 -11.04 -13.22
N LEU B 575 27.78 -9.90 -12.59
CA LEU B 575 27.18 -9.63 -11.31
C LEU B 575 25.81 -8.99 -11.50
N ASN B 576 25.42 -8.77 -12.75
CA ASN B 576 24.37 -7.82 -13.07
C ASN B 576 22.92 -8.36 -12.82
N GLU B 577 22.62 -9.59 -13.25
CA GLU B 577 21.35 -10.20 -12.85
C GLU B 577 21.13 -10.03 -11.35
N TYR B 578 22.17 -10.31 -10.56
CA TYR B 578 21.98 -10.18 -9.15
C TYR B 578 21.75 -8.73 -8.69
N ALA B 579 22.46 -7.75 -9.24
CA ALA B 579 22.43 -6.40 -8.67
C ALA B 579 21.30 -5.59 -9.21
N TYR B 580 20.65 -6.13 -10.23
CA TYR B 580 19.55 -5.43 -10.86
C TYR B 580 18.40 -5.27 -9.86
N ALA B 581 17.92 -6.42 -9.36
CA ALA B 581 17.01 -6.49 -8.22
C ALA B 581 17.39 -5.46 -7.16
N ALA B 582 18.64 -5.49 -6.69
CA ALA B 582 19.02 -4.63 -5.59
C ALA B 582 18.73 -3.22 -5.97
N GLU B 583 19.11 -2.85 -7.18
CA GLU B 583 18.98 -1.47 -7.58
C GLU B 583 17.52 -1.04 -7.82
N LEU B 584 16.68 -1.93 -8.33
CA LEU B 584 15.23 -1.65 -8.34
C LEU B 584 14.76 -1.28 -6.96
N ALA B 585 15.42 -1.82 -5.93
CA ALA B 585 15.01 -1.68 -4.56
C ALA B 585 15.83 -0.61 -3.93
N GLY B 586 16.30 0.32 -4.77
CA GLY B 586 16.99 1.54 -4.32
C GLY B 586 18.28 1.28 -3.57
N LEU B 587 18.98 0.21 -3.94
CA LEU B 587 20.26 -0.14 -3.35
C LEU B 587 21.24 -0.26 -4.48
N SER B 588 21.93 0.80 -4.84
CA SER B 588 22.74 0.67 -6.03
C SER B 588 24.26 0.62 -5.79
N TYR B 589 25.03 0.33 -6.84
CA TYR B 589 26.48 0.34 -6.72
C TYR B 589 27.19 0.71 -7.99
N ASP B 590 28.35 1.29 -7.79
CA ASP B 590 29.13 1.74 -8.90
C ASP B 590 30.63 1.37 -8.71
N LEU B 591 31.26 0.91 -9.78
CA LEU B 591 32.55 0.25 -9.69
C LEU B 591 33.34 0.49 -10.96
N GLN B 592 34.44 1.26 -10.87
CA GLN B 592 35.35 1.39 -12.00
C GLN B 592 36.82 1.42 -11.69
N ASN B 593 37.65 1.14 -12.72
CA ASN B 593 39.12 1.38 -12.69
C ASN B 593 39.44 2.84 -12.65
N THR B 594 40.40 3.21 -11.82
CA THR B 594 40.89 4.59 -11.79
C THR B 594 42.38 4.55 -12.16
N ILE B 595 43.05 5.69 -12.09
CA ILE B 595 44.48 5.71 -12.40
C ILE B 595 45.33 5.13 -11.26
N TYR B 596 44.68 4.86 -10.12
CA TYR B 596 45.38 4.41 -8.92
C TYR B 596 45.08 2.97 -8.50
N GLY B 597 44.10 2.38 -9.17
CA GLY B 597 43.46 1.12 -8.75
C GLY B 597 41.98 1.45 -8.88
N MET B 598 41.14 0.73 -8.13
CA MET B 598 39.68 0.63 -8.26
C MET B 598 38.89 1.51 -7.33
N TYR B 599 37.69 1.85 -7.77
CA TYR B 599 36.76 2.66 -6.98
C TYR B 599 35.50 1.87 -6.80
N LEU B 600 34.93 1.91 -5.60
CA LEU B 600 33.67 1.21 -5.44
C LEU B 600 32.77 1.97 -4.53
N SER B 601 31.52 2.07 -4.93
CA SER B 601 30.61 2.83 -4.15
C SER B 601 29.30 2.13 -4.10
N VAL B 602 28.78 1.98 -2.88
CA VAL B 602 27.50 1.36 -2.60
C VAL B 602 26.68 2.43 -1.93
N LYS B 603 25.70 2.95 -2.66
CA LYS B 603 24.81 4.00 -2.17
C LYS B 603 23.39 3.41 -2.05
N GLY B 604 22.60 3.86 -1.08
CA GLY B 604 21.18 3.47 -1.04
C GLY B 604 20.65 3.22 0.35
N TYR B 605 19.50 2.54 0.46
CA TYR B 605 18.98 2.22 1.78
C TYR B 605 19.94 1.33 2.52
N ASN B 606 20.26 1.75 3.74
CA ASN B 606 21.36 1.14 4.44
C ASN B 606 21.10 -0.30 4.82
N ASP B 607 19.82 -0.65 5.00
CA ASP B 607 19.38 -2.03 5.37
C ASP B 607 20.09 -3.24 4.70
N LYS B 608 20.00 -3.42 3.39
CA LYS B 608 20.63 -4.62 2.79
C LYS B 608 22.05 -4.35 2.26
N GLN B 609 22.58 -3.16 2.54
CA GLN B 609 23.92 -2.79 2.07
C GLN B 609 25.01 -3.84 2.37
N PRO B 610 25.12 -4.31 3.63
CA PRO B 610 26.11 -5.35 3.82
C PRO B 610 26.00 -6.52 2.85
N ILE B 611 24.79 -7.02 2.59
CA ILE B 611 24.70 -8.21 1.76
C ILE B 611 25.31 -7.98 0.40
N LEU B 612 24.86 -6.93 -0.30
CA LEU B 612 25.40 -6.62 -1.64
C LEU B 612 26.92 -6.35 -1.63
N LEU B 613 27.36 -5.55 -0.66
CA LEU B 613 28.77 -5.33 -0.45
C LEU B 613 29.55 -6.66 -0.33
N LYS B 614 29.15 -7.55 0.59
CA LYS B 614 29.89 -8.80 0.78
C LYS B 614 29.87 -9.56 -0.53
N LYS B 615 28.76 -9.46 -1.26
CA LYS B 615 28.63 -10.18 -2.51
C LYS B 615 29.58 -9.62 -3.57
N ILE B 616 29.72 -8.29 -3.61
CA ILE B 616 30.63 -7.70 -4.58
C ILE B 616 32.08 -8.09 -4.29
N ILE B 617 32.56 -7.83 -3.07
CA ILE B 617 33.94 -8.14 -2.72
C ILE B 617 34.20 -9.61 -2.93
N GLU B 618 33.24 -10.45 -2.58
CA GLU B 618 33.40 -11.89 -2.73
C GLU B 618 33.64 -12.31 -4.17
N LYS B 619 32.76 -11.85 -5.10
CA LYS B 619 32.91 -12.10 -6.56
C LYS B 619 34.23 -11.57 -7.14
N MET B 620 34.52 -10.31 -6.82
CA MET B 620 35.82 -9.69 -7.07
C MET B 620 37.01 -10.66 -6.85
N ALA B 621 37.06 -11.26 -5.66
CA ALA B 621 38.16 -12.12 -5.27
C ALA B 621 38.14 -13.59 -5.76
N THR B 622 37.11 -14.03 -6.48
CA THR B 622 36.90 -15.46 -6.82
C THR B 622 36.30 -15.57 -8.20
N PHE B 623 36.64 -14.60 -9.02
CA PHE B 623 36.01 -14.41 -10.32
C PHE B 623 36.31 -15.54 -11.33
N GLU B 624 35.25 -16.15 -11.88
CA GLU B 624 35.36 -17.11 -12.97
C GLU B 624 35.06 -16.34 -14.22
N ILE B 625 36.03 -16.11 -15.09
CA ILE B 625 35.78 -15.33 -16.32
C ILE B 625 35.13 -16.19 -17.41
N ASP B 626 34.13 -15.68 -18.10
CA ASP B 626 33.54 -16.45 -19.18
C ASP B 626 34.19 -16.10 -20.53
N GLU B 627 34.73 -17.08 -21.24
CA GLU B 627 35.39 -16.74 -22.50
C GLU B 627 34.53 -15.88 -23.46
N LYS B 628 33.34 -16.32 -23.84
CA LYS B 628 32.46 -15.55 -24.72
C LYS B 628 32.27 -14.12 -24.22
N ARG B 629 31.97 -13.98 -22.93
CA ARG B 629 31.73 -12.66 -22.30
C ARG B 629 32.96 -11.75 -22.51
N PHE B 630 34.12 -12.32 -22.19
CA PHE B 630 35.41 -11.74 -22.45
C PHE B 630 35.55 -11.25 -23.88
N GLU B 631 35.31 -12.14 -24.84
CA GLU B 631 35.62 -11.80 -26.21
C GLU B 631 34.68 -10.65 -26.71
N ILE B 632 33.48 -10.60 -26.14
CA ILE B 632 32.47 -9.64 -26.57
C ILE B 632 32.75 -8.23 -26.04
N ILE B 633 33.10 -8.18 -24.76
CA ILE B 633 33.32 -6.94 -24.09
C ILE B 633 34.57 -6.31 -24.66
N LYS B 634 35.59 -7.12 -24.88
CA LYS B 634 36.84 -6.70 -25.52
C LYS B 634 36.52 -5.97 -26.81
N GLU B 635 35.63 -6.55 -27.60
CA GLU B 635 35.32 -5.96 -28.89
C GLU B 635 34.57 -4.61 -28.75
N ALA B 636 33.60 -4.54 -27.84
CA ALA B 636 32.87 -3.30 -27.54
C ALA B 636 33.83 -2.19 -27.09
N TYR B 637 34.85 -2.62 -26.38
CA TYR B 637 35.81 -1.73 -25.81
C TYR B 637 36.80 -1.22 -26.85
N MET B 638 37.19 -2.12 -27.76
CA MET B 638 37.97 -1.76 -28.95
C MET B 638 37.19 -0.60 -29.57
N ARG B 639 35.94 -0.88 -29.94
CA ARG B 639 35.09 0.14 -30.52
C ARG B 639 34.98 1.42 -29.76
N SER B 640 34.75 1.37 -28.45
CA SER B 640 34.51 2.63 -27.78
C SER B 640 35.80 3.47 -27.73
N LEU B 641 36.94 2.81 -27.52
CA LEU B 641 38.22 3.51 -27.69
C LEU B 641 38.32 4.23 -29.04
N ASN B 642 38.03 3.54 -30.15
CA ASN B 642 38.06 4.15 -31.50
C ASN B 642 37.05 5.26 -31.63
N ASN B 643 35.91 5.13 -30.94
CA ASN B 643 34.81 6.06 -31.14
C ASN B 643 35.09 7.41 -30.61
N PHE B 644 36.22 7.56 -29.93
CA PHE B 644 36.59 8.87 -29.50
C PHE B 644 36.83 9.87 -30.67
N ARG B 645 37.19 9.35 -31.86
CA ARG B 645 37.45 10.21 -33.02
C ARG B 645 36.18 10.99 -33.42
N ALA B 646 35.03 10.43 -33.04
CA ALA B 646 33.70 11.04 -33.29
C ALA B 646 33.17 11.91 -32.17
N GLU B 647 33.92 12.05 -31.07
CA GLU B 647 33.59 13.06 -30.08
C GLU B 647 33.72 14.46 -30.62
N GLN B 648 33.27 15.42 -29.85
CA GLN B 648 33.24 16.80 -30.27
C GLN B 648 34.59 17.49 -30.12
N PRO B 649 34.87 18.55 -30.87
CA PRO B 649 36.16 19.23 -30.77
C PRO B 649 36.54 19.74 -29.39
N HIS B 650 35.63 20.41 -28.70
CA HIS B 650 35.99 20.93 -27.41
C HIS B 650 36.23 19.75 -26.44
N GLN B 651 35.81 18.56 -26.83
CA GLN B 651 36.07 17.46 -26.00
C GLN B 651 37.47 16.93 -26.26
N HIS B 652 37.86 16.87 -27.54
CA HIS B 652 39.24 16.62 -27.85
C HIS B 652 40.19 17.63 -27.18
N ALA B 653 39.84 18.91 -27.14
CA ALA B 653 40.71 19.89 -26.49
C ALA B 653 40.99 19.50 -25.06
N MET B 654 39.92 19.26 -24.32
CA MET B 654 40.06 18.95 -22.90
C MET B 654 40.93 17.72 -22.70
N TYR B 655 40.87 16.81 -23.65
CA TYR B 655 41.52 15.54 -23.51
C TYR B 655 43.03 15.68 -23.65
N TYR B 656 43.42 16.30 -24.75
CA TYR B 656 44.81 16.55 -24.98
C TYR B 656 45.47 17.35 -23.84
N LEU B 657 44.69 18.21 -23.17
CA LEU B 657 45.23 18.97 -22.07
C LEU B 657 45.49 18.01 -20.93
N ARG B 658 44.56 17.08 -20.66
CA ARG B 658 44.76 16.11 -19.59
C ARG B 658 46.09 15.38 -19.88
N LEU B 659 46.26 14.89 -21.11
CA LEU B 659 47.45 14.17 -21.49
C LEU B 659 48.71 15.00 -21.33
N LEU B 660 48.68 16.23 -21.81
CA LEU B 660 49.84 17.09 -21.75
C LEU B 660 50.17 17.50 -20.33
N MET B 661 49.21 17.54 -19.43
CA MET B 661 49.51 18.20 -18.18
C MET B 661 49.81 17.28 -17.02
N THR B 662 49.62 15.96 -17.23
CA THR B 662 49.68 14.97 -16.14
C THR B 662 50.86 14.05 -16.32
N GLU B 663 51.62 13.92 -15.25
CA GLU B 663 52.84 13.14 -15.26
C GLU B 663 52.71 11.89 -16.06
N VAL B 664 51.72 11.06 -15.73
CA VAL B 664 51.51 9.80 -16.44
C VAL B 664 50.07 9.67 -16.88
N ALA B 665 49.88 9.38 -18.16
CA ALA B 665 48.56 9.29 -18.75
C ALA B 665 48.66 8.57 -20.10
N TRP B 666 47.95 7.43 -20.21
CA TRP B 666 47.95 6.64 -21.43
C TRP B 666 46.94 7.17 -22.39
N THR B 667 47.29 7.25 -23.65
CA THR B 667 46.38 7.81 -24.62
C THR B 667 45.46 6.70 -25.14
N LYS B 668 44.35 7.09 -25.79
CA LYS B 668 43.40 6.12 -26.32
C LYS B 668 44.12 5.23 -27.35
N ASP B 669 45.00 5.84 -28.16
CA ASP B 669 45.74 5.10 -29.19
C ASP B 669 46.66 4.09 -28.58
N GLU B 670 47.29 4.48 -27.47
CA GLU B 670 48.21 3.58 -26.74
C GLU B 670 47.44 2.34 -26.24
N LEU B 671 46.30 2.58 -25.55
CA LEU B 671 45.37 1.53 -25.08
C LEU B 671 44.87 0.59 -26.20
N LYS B 672 44.42 1.18 -27.30
CA LYS B 672 43.80 0.45 -28.41
C LYS B 672 44.77 -0.48 -29.15
N GLU B 673 46.02 -0.03 -29.24
CA GLU B 673 47.18 -0.82 -29.68
C GLU B 673 47.36 -2.04 -28.79
N ALA B 674 47.60 -1.78 -27.49
CA ALA B 674 47.77 -2.76 -26.41
C ALA B 674 46.59 -3.71 -26.14
N LEU B 675 45.44 -3.38 -26.66
CA LEU B 675 44.28 -4.18 -26.36
C LEU B 675 44.40 -5.51 -27.04
N ASP B 676 45.02 -5.54 -28.23
CA ASP B 676 45.17 -6.79 -29.02
C ASP B 676 45.91 -7.84 -28.24
N ASP B 677 46.86 -7.40 -27.43
CA ASP B 677 47.64 -8.25 -26.57
C ASP B 677 46.96 -8.86 -25.34
N VAL B 678 45.80 -8.36 -24.94
CA VAL B 678 45.08 -8.88 -23.75
C VAL B 678 44.38 -10.16 -24.11
N THR B 679 44.94 -11.30 -23.69
CA THR B 679 44.36 -12.61 -23.99
C THR B 679 43.59 -13.10 -22.79
N LEU B 680 42.74 -14.11 -22.97
CA LEU B 680 42.08 -14.70 -21.80
C LEU B 680 43.05 -15.05 -20.63
N PRO B 681 44.03 -15.97 -20.86
CA PRO B 681 44.95 -16.40 -19.78
C PRO B 681 45.65 -15.22 -19.13
N ARG B 682 46.11 -14.31 -19.98
CA ARG B 682 46.80 -13.13 -19.50
C ARG B 682 46.00 -12.31 -18.48
N LEU B 683 44.66 -12.33 -18.61
CA LEU B 683 43.70 -11.66 -17.71
C LEU B 683 43.46 -12.43 -16.43
N LYS B 684 43.17 -13.72 -16.56
CA LYS B 684 43.15 -14.70 -15.46
C LYS B 684 44.37 -14.50 -14.54
N ALA B 685 45.55 -14.45 -15.14
CA ALA B 685 46.77 -14.11 -14.40
C ALA B 685 46.81 -12.71 -13.78
N PHE B 686 46.25 -11.72 -14.48
CA PHE B 686 46.24 -10.35 -14.01
C PHE B 686 45.48 -10.13 -12.70
N ILE B 687 44.36 -10.83 -12.53
CA ILE B 687 43.50 -10.56 -11.39
C ILE B 687 44.10 -10.86 -10.02
N PRO B 688 44.53 -12.10 -9.78
CA PRO B 688 45.09 -12.31 -8.40
C PRO B 688 46.34 -11.46 -8.16
N GLN B 689 47.02 -11.12 -9.24
CA GLN B 689 48.18 -10.28 -9.19
C GLN B 689 47.75 -8.85 -8.82
N LEU B 690 46.56 -8.42 -9.23
CA LEU B 690 46.05 -7.10 -8.85
C LEU B 690 45.63 -7.05 -7.38
N LEU B 691 44.92 -8.06 -6.94
CA LEU B 691 44.35 -8.07 -5.61
C LEU B 691 45.32 -8.41 -4.47
N SER B 692 46.48 -9.00 -4.81
CA SER B 692 47.41 -9.54 -3.79
C SER B 692 47.97 -8.46 -2.87
N ARG B 693 48.21 -7.29 -3.44
CA ARG B 693 48.69 -6.19 -2.64
C ARG B 693 47.92 -4.89 -2.90
N LEU B 694 47.33 -4.38 -1.81
CA LEU B 694 46.40 -3.22 -1.81
C LEU B 694 46.44 -2.34 -0.55
N HIS B 695 46.14 -1.05 -0.72
CA HIS B 695 45.66 -0.21 0.39
C HIS B 695 44.19 0.11 0.09
N ILE B 696 43.42 0.35 1.13
CA ILE B 696 42.04 0.64 0.94
C ILE B 696 41.78 1.89 1.71
N GLU B 697 41.34 2.95 1.05
CA GLU B 697 40.92 4.16 1.78
C GLU B 697 39.45 4.29 1.53
N ALA B 698 38.71 4.44 2.64
CA ALA B 698 37.26 4.45 2.60
C ALA B 698 36.67 5.64 3.33
N LEU B 699 35.49 6.02 2.89
CA LEU B 699 34.64 7.02 3.59
C LEU B 699 33.28 6.39 3.69
N LEU B 700 32.87 6.05 4.90
CA LEU B 700 31.58 5.46 5.09
C LEU B 700 30.77 6.41 5.90
N HIS B 701 29.65 6.82 5.32
CA HIS B 701 28.93 8.02 5.76
C HIS B 701 27.46 7.81 5.57
N GLY B 702 26.67 7.99 6.62
CA GLY B 702 25.23 7.82 6.52
C GLY B 702 24.65 7.34 7.84
N ASN B 703 23.54 6.62 7.74
CA ASN B 703 22.84 6.06 8.88
C ASN B 703 23.58 4.77 9.30
N ILE B 704 24.78 4.95 9.85
CA ILE B 704 25.58 3.85 10.38
C ILE B 704 26.25 4.31 11.65
N THR B 705 26.58 3.34 12.49
CA THR B 705 27.32 3.60 13.72
C THR B 705 28.80 3.28 13.52
N LYS B 706 29.64 3.94 14.34
CA LYS B 706 31.09 3.69 14.38
C LYS B 706 31.43 2.19 14.40
N GLN B 707 30.74 1.44 15.26
CA GLN B 707 31.11 0.05 15.40
C GLN B 707 30.62 -0.71 14.17
N ALA B 708 29.45 -0.32 13.62
CA ALA B 708 28.92 -0.91 12.36
C ALA B 708 29.91 -0.68 11.24
N ALA B 709 30.47 0.53 11.24
CA ALA B 709 31.48 0.97 10.27
C ALA B 709 32.69 0.08 10.29
N LEU B 710 33.32 0.01 11.46
CA LEU B 710 34.45 -0.87 11.71
C LEU B 710 34.11 -2.30 11.29
N GLY B 711 32.91 -2.74 11.64
CA GLY B 711 32.40 -4.05 11.23
C GLY B 711 32.37 -4.21 9.72
N ILE B 712 31.91 -3.16 9.02
CA ILE B 712 31.90 -3.16 7.55
C ILE B 712 33.32 -3.20 6.95
N MET B 713 34.17 -2.27 7.35
CA MET B 713 35.55 -2.33 6.90
C MET B 713 36.15 -3.70 7.10
N GLN B 714 36.01 -4.23 8.32
CA GLN B 714 36.59 -5.54 8.67
C GLN B 714 36.17 -6.66 7.72
N MET B 715 34.90 -6.71 7.33
CA MET B 715 34.45 -7.77 6.43
C MET B 715 35.02 -7.61 5.02
N VAL B 716 35.27 -6.38 4.61
CA VAL B 716 35.86 -6.11 3.29
C VAL B 716 37.31 -6.60 3.26
N GLU B 717 38.06 -6.14 4.26
CA GLU B 717 39.37 -6.66 4.62
C GLU B 717 39.33 -8.20 4.65
N ASP B 718 38.49 -8.77 5.52
CA ASP B 718 38.42 -10.20 5.70
C ASP B 718 38.25 -10.97 4.43
N THR B 719 37.19 -10.70 3.71
CA THR B 719 36.94 -11.34 2.43
C THR B 719 38.18 -11.31 1.53
N LEU B 720 38.89 -10.17 1.52
CA LEU B 720 40.00 -10.04 0.59
C LEU B 720 41.15 -10.96 0.96
N ILE B 721 41.59 -10.83 2.21
CA ILE B 721 42.59 -11.73 2.82
C ILE B 721 42.24 -13.22 2.60
N GLU B 722 40.98 -13.57 2.82
CA GLU B 722 40.51 -14.95 2.72
C GLU B 722 40.54 -15.52 1.30
N HIS B 723 40.08 -14.77 0.32
CA HIS B 723 39.92 -15.35 -1.01
C HIS B 723 41.02 -14.92 -1.94
N ALA B 724 41.63 -13.77 -1.66
CA ALA B 724 42.62 -13.23 -2.58
C ALA B 724 44.01 -13.16 -1.95
N HIS B 725 44.07 -13.39 -0.65
CA HIS B 725 45.34 -13.44 0.08
C HIS B 725 45.98 -12.07 0.10
N THR B 726 45.14 -11.07 0.05
CA THR B 726 45.60 -9.70 0.04
C THR B 726 46.45 -9.40 1.26
N LYS B 727 47.66 -8.83 1.04
CA LYS B 727 48.49 -8.25 2.13
C LYS B 727 48.74 -6.76 1.80
N PRO B 728 49.13 -5.97 2.82
CA PRO B 728 49.19 -4.52 2.63
C PRO B 728 50.29 -4.05 1.69
N LEU B 729 50.13 -2.83 1.18
CA LEU B 729 51.10 -2.14 0.32
C LEU B 729 52.08 -1.35 1.19
N LEU B 730 53.22 -0.97 0.62
CA LEU B 730 54.19 -0.15 1.38
C LEU B 730 53.85 1.31 1.27
N PRO B 731 54.08 2.08 2.34
CA PRO B 731 53.65 3.47 2.20
C PRO B 731 54.36 4.17 1.02
N SER B 732 55.59 3.78 0.74
CA SER B 732 56.39 4.35 -0.37
C SER B 732 55.83 4.03 -1.78
N GLN B 733 54.87 3.14 -1.82
CA GLN B 733 54.35 2.59 -3.04
C GLN B 733 53.07 3.30 -3.41
N LEU B 734 52.51 4.08 -2.47
CA LEU B 734 51.28 4.86 -2.70
C LEU B 734 51.47 6.20 -3.43
N VAL B 735 51.94 6.17 -4.68
CA VAL B 735 52.25 7.41 -5.42
C VAL B 735 50.99 8.11 -5.97
N ARG B 736 50.77 9.37 -5.58
CA ARG B 736 49.84 10.29 -6.26
C ARG B 736 50.62 10.91 -7.49
N TYR B 737 49.93 11.25 -8.58
CA TYR B 737 50.55 11.87 -9.77
C TYR B 737 50.70 13.39 -9.76
N ARG B 738 51.66 13.87 -10.56
CA ARG B 738 52.05 15.28 -10.55
C ARG B 738 51.64 15.99 -11.82
N GLU B 739 51.47 17.30 -11.70
CA GLU B 739 51.27 18.11 -12.86
C GLU B 739 52.60 18.66 -13.40
N VAL B 740 52.68 18.73 -14.73
CA VAL B 740 53.78 19.37 -15.47
C VAL B 740 53.90 20.80 -14.97
N GLN B 741 55.12 21.31 -14.85
CA GLN B 741 55.31 22.67 -14.34
C GLN B 741 55.73 23.62 -15.47
N LEU B 742 54.84 24.48 -15.93
CA LEU B 742 55.15 25.36 -17.06
C LEU B 742 56.17 26.42 -16.68
N PRO B 743 57.08 26.84 -17.60
CA PRO B 743 58.06 27.89 -17.31
C PRO B 743 57.46 29.30 -17.37
N ASP B 744 57.97 30.21 -16.52
CA ASP B 744 57.61 31.64 -16.57
C ASP B 744 57.74 32.25 -17.98
N ARG B 745 56.68 32.90 -18.46
CA ARG B 745 56.60 33.48 -19.82
C ARG B 745 56.46 32.41 -20.89
N GLY B 746 56.17 31.17 -20.52
CA GLY B 746 56.10 30.14 -21.54
C GLY B 746 54.84 30.26 -22.36
N TRP B 747 54.87 29.91 -23.64
CA TRP B 747 53.62 29.64 -24.34
C TRP B 747 53.70 28.43 -25.28
N PHE B 748 52.96 27.37 -24.99
CA PHE B 748 52.99 26.18 -25.81
C PHE B 748 51.64 25.97 -26.50
N VAL B 749 51.67 25.40 -27.69
CA VAL B 749 50.46 25.14 -28.45
C VAL B 749 50.57 23.71 -28.92
N TYR B 750 49.46 22.98 -28.85
CA TYR B 750 49.40 21.64 -29.40
C TYR B 750 48.22 21.59 -30.40
N GLN B 751 48.44 21.02 -31.58
CA GLN B 751 47.43 20.96 -32.66
C GLN B 751 47.02 19.52 -33.03
N GLN B 752 45.73 19.28 -33.13
CA GLN B 752 45.24 18.09 -33.79
C GLN B 752 44.12 18.55 -34.70
N ARG B 753 43.64 17.65 -35.53
CA ARG B 753 42.39 17.94 -36.19
C ARG B 753 41.36 16.88 -35.80
N ASN B 754 40.10 17.30 -35.72
CA ASN B 754 38.96 16.43 -35.52
C ASN B 754 38.50 15.95 -36.88
N GLU B 755 38.42 14.66 -37.11
CA GLU B 755 38.13 14.21 -38.47
C GLU B 755 36.63 14.08 -38.78
N VAL B 756 35.79 14.44 -37.83
CA VAL B 756 34.36 14.21 -37.95
C VAL B 756 33.56 15.53 -37.97
N HIS B 757 33.85 16.40 -37.01
CA HIS B 757 33.10 17.63 -36.82
C HIS B 757 33.75 18.72 -37.59
N ASN B 758 32.93 19.48 -38.29
CA ASN B 758 33.49 20.53 -39.08
C ASN B 758 33.44 21.83 -38.34
N ASN B 759 33.76 21.76 -37.06
CA ASN B 759 33.86 22.91 -36.19
C ASN B 759 35.17 22.73 -35.45
N SER B 760 35.76 23.78 -34.93
CA SER B 760 36.99 23.62 -34.24
C SER B 760 36.71 23.79 -32.75
N GLY B 761 37.66 23.44 -31.89
CA GLY B 761 37.57 23.69 -30.44
C GLY B 761 38.93 24.13 -29.97
N ILE B 762 39.02 24.63 -28.74
CA ILE B 762 40.27 25.11 -28.16
C ILE B 762 40.18 25.06 -26.62
N GLU B 763 41.24 24.68 -25.91
CA GLU B 763 41.33 25.05 -24.50
C GLU B 763 42.55 25.93 -24.32
N ILE B 764 42.40 26.93 -23.43
CA ILE B 764 43.49 27.83 -23.10
C ILE B 764 43.71 27.67 -21.62
N TYR B 765 44.92 27.35 -21.22
CA TYR B 765 45.15 27.14 -19.82
C TYR B 765 46.22 28.11 -19.28
N TYR B 766 45.81 28.96 -18.37
CA TYR B 766 46.73 29.84 -17.67
C TYR B 766 47.03 29.21 -16.29
N GLN B 767 48.13 28.46 -16.22
CA GLN B 767 48.49 27.82 -15.00
C GLN B 767 48.92 28.88 -14.00
N THR B 768 48.44 28.82 -12.77
CA THR B 768 48.92 29.72 -11.71
C THR B 768 49.85 29.02 -10.73
N ASP B 769 49.35 28.32 -9.72
CA ASP B 769 50.25 27.66 -8.77
C ASP B 769 49.61 26.47 -8.12
N MET B 770 50.29 25.92 -7.10
CA MET B 770 49.72 24.87 -6.29
C MET B 770 48.55 25.48 -5.58
N GLN B 771 47.57 24.63 -5.28
CA GLN B 771 46.42 25.06 -4.50
C GLN B 771 46.89 25.37 -3.11
N SER B 772 46.26 26.39 -2.53
CA SER B 772 46.43 26.83 -1.13
C SER B 772 45.25 27.78 -0.86
N THR B 773 44.85 27.92 0.40
CA THR B 773 43.78 28.87 0.72
C THR B 773 43.77 30.15 -0.16
N SER B 774 44.88 30.88 -0.17
CA SER B 774 44.90 32.18 -0.87
C SER B 774 44.95 32.06 -2.41
N GLU B 775 45.88 31.24 -2.91
CA GLU B 775 46.06 31.09 -4.32
C GLU B 775 44.74 30.59 -4.93
N ASN B 776 44.04 29.73 -4.20
CA ASN B 776 42.71 29.27 -4.60
C ASN B 776 41.77 30.44 -4.74
N MET B 777 41.70 31.25 -3.69
CA MET B 777 40.74 32.33 -3.61
C MET B 777 40.97 33.51 -4.58
N PHE B 778 42.22 33.86 -4.86
CA PHE B 778 42.46 34.75 -5.97
C PHE B 778 41.77 34.19 -7.22
N LEU B 779 42.20 33.00 -7.62
CA LEU B 779 41.72 32.41 -8.86
C LEU B 779 40.22 32.30 -8.91
N GLU B 780 39.64 31.69 -7.88
CA GLU B 780 38.21 31.50 -7.70
C GLU B 780 37.44 32.83 -7.78
N LEU B 781 38.00 33.91 -7.21
CA LEU B 781 37.39 35.25 -7.25
C LEU B 781 37.50 35.92 -8.62
N PHE B 782 38.69 35.93 -9.21
CA PHE B 782 38.83 36.43 -10.56
C PHE B 782 37.82 35.71 -11.46
N ALA B 783 37.80 34.39 -11.34
CA ALA B 783 36.90 33.54 -12.10
C ALA B 783 35.47 34.08 -12.03
N GLN B 784 35.02 34.32 -10.80
CA GLN B 784 33.71 34.89 -10.51
C GLN B 784 33.50 36.16 -11.30
N ILE B 785 34.47 37.07 -11.19
CA ILE B 785 34.38 38.39 -11.79
C ILE B 785 34.24 38.33 -13.30
N ILE B 786 35.09 37.54 -13.93
CA ILE B 786 35.17 37.53 -15.39
C ILE B 786 34.07 36.67 -15.99
N SER B 787 33.43 35.89 -15.12
CA SER B 787 32.49 34.84 -15.55
C SER B 787 31.42 35.23 -16.59
N GLU B 788 30.49 36.13 -16.26
CA GLU B 788 29.48 36.37 -17.27
C GLU B 788 29.96 37.32 -18.39
N PRO B 789 30.80 38.32 -18.04
CA PRO B 789 31.43 39.11 -19.11
C PRO B 789 31.98 38.19 -20.21
N ALA B 790 32.68 37.14 -19.80
CA ALA B 790 33.21 36.15 -20.72
C ALA B 790 32.12 35.59 -21.65
N PHE B 791 31.00 35.18 -21.07
CA PHE B 791 29.95 34.57 -21.85
C PHE B 791 29.34 35.66 -22.77
N ASN B 792 29.04 36.79 -22.16
CA ASN B 792 28.35 37.86 -22.86
C ASN B 792 29.18 38.47 -23.99
N THR B 793 30.51 38.55 -23.81
CA THR B 793 31.39 39.08 -24.85
C THR B 793 31.66 38.05 -25.96
N LEU B 794 32.21 36.92 -25.56
CA LEU B 794 32.63 35.89 -26.50
C LEU B 794 31.46 35.17 -27.17
N ARG B 795 30.37 34.93 -26.42
CA ARG B 795 29.17 34.35 -27.04
C ARG B 795 28.15 35.40 -27.51
N THR B 796 27.51 36.10 -26.57
CA THR B 796 26.35 36.95 -26.87
C THR B 796 26.69 38.03 -27.90
N LYS B 797 27.74 38.80 -27.62
CA LYS B 797 28.24 39.83 -28.51
C LYS B 797 28.90 39.25 -29.76
N GLU B 798 30.00 38.52 -29.59
CA GLU B 798 30.85 38.14 -30.72
C GLU B 798 30.42 36.88 -31.47
N GLN B 799 29.42 36.18 -30.95
CA GLN B 799 28.92 34.95 -31.57
C GLN B 799 29.97 33.90 -32.09
N LEU B 800 31.04 33.67 -31.31
CA LEU B 800 32.07 32.71 -31.66
C LEU B 800 31.55 31.25 -31.76
N GLY B 801 30.64 30.89 -30.86
CA GLY B 801 30.01 29.60 -30.95
C GLY B 801 29.07 29.40 -29.80
N TYR B 802 28.31 28.32 -29.88
CA TYR B 802 27.39 27.95 -28.83
C TYR B 802 28.10 27.78 -27.51
N ILE B 803 29.15 26.98 -27.53
CA ILE B 803 29.86 26.62 -26.31
C ILE B 803 30.99 27.58 -26.01
N VAL B 804 30.99 28.12 -24.78
CA VAL B 804 31.99 29.10 -24.34
C VAL B 804 32.02 29.00 -22.83
N PHE B 805 33.10 28.43 -22.30
CA PHE B 805 33.21 28.17 -20.86
C PHE B 805 34.41 28.96 -20.36
N SER B 806 34.47 29.26 -19.07
CA SER B 806 35.69 29.78 -18.44
C SER B 806 35.55 29.52 -16.96
N GLY B 807 36.64 29.34 -16.26
CA GLY B 807 36.59 29.20 -14.82
C GLY B 807 37.83 28.46 -14.44
N PRO B 808 37.95 28.08 -13.14
CA PRO B 808 39.09 27.31 -12.61
C PRO B 808 39.33 25.95 -13.29
N ARG B 809 40.59 25.52 -13.29
CA ARG B 809 40.97 24.16 -13.59
C ARG B 809 41.75 23.69 -12.40
N ARG B 810 41.30 22.63 -11.74
CA ARG B 810 42.11 21.97 -10.68
C ARG B 810 42.46 20.55 -11.08
N ALA B 811 43.72 20.16 -10.85
CA ALA B 811 44.21 18.80 -11.13
C ALA B 811 45.51 18.53 -10.38
N ASN B 812 45.67 17.30 -9.88
CA ASN B 812 46.87 16.87 -9.22
C ASN B 812 47.40 17.92 -8.24
N GLY B 813 46.54 18.81 -7.74
CA GLY B 813 46.92 19.78 -6.71
C GLY B 813 47.38 21.12 -7.23
N ILE B 814 47.40 21.26 -8.56
CA ILE B 814 47.77 22.50 -9.21
C ILE B 814 46.55 23.15 -9.78
N GLN B 815 46.63 24.42 -10.15
CA GLN B 815 45.43 25.06 -10.68
C GLN B 815 45.71 26.22 -11.63
N GLY B 816 44.67 26.62 -12.36
CA GLY B 816 44.77 27.76 -13.25
C GLY B 816 43.47 28.19 -13.85
N LEU B 817 43.52 29.18 -14.73
CA LEU B 817 42.31 29.63 -15.39
C LEU B 817 42.17 28.92 -16.72
N ARG B 818 40.95 28.52 -17.08
CA ARG B 818 40.75 27.98 -18.44
C ARG B 818 39.66 28.64 -19.24
N PHE B 819 39.84 28.67 -20.55
CA PHE B 819 38.74 28.97 -21.46
C PHE B 819 38.63 27.78 -22.37
N ILE B 820 37.40 27.28 -22.53
CA ILE B 820 37.06 26.37 -23.62
C ILE B 820 36.13 27.08 -24.62
N ILE B 821 36.41 26.96 -25.92
CA ILE B 821 35.46 27.44 -26.91
C ILE B 821 35.34 26.47 -28.07
N GLN B 822 34.11 26.27 -28.54
CA GLN B 822 33.87 25.56 -29.77
C GLN B 822 33.32 26.55 -30.77
N SER B 823 33.85 26.53 -31.98
CA SER B 823 33.55 27.56 -32.96
C SER B 823 33.75 27.17 -34.41
N GLU B 824 33.08 27.87 -35.30
CA GLU B 824 33.33 27.72 -36.73
C GLU B 824 34.59 28.45 -37.07
N LYS B 825 34.91 29.50 -36.33
CA LYS B 825 36.16 30.24 -36.57
C LYS B 825 37.40 29.37 -36.23
N PRO B 826 38.56 29.64 -36.87
CA PRO B 826 39.78 28.90 -36.55
C PRO B 826 40.41 29.27 -35.17
N PRO B 827 41.20 28.37 -34.57
CA PRO B 827 41.69 28.77 -33.26
C PRO B 827 42.76 29.87 -33.20
N HIS B 828 43.51 30.13 -34.29
CA HIS B 828 44.34 31.39 -34.50
C HIS B 828 43.54 32.60 -33.96
N TYR B 829 42.32 32.68 -34.46
CA TYR B 829 41.40 33.78 -34.20
C TYR B 829 40.87 33.72 -32.77
N LEU B 830 40.31 32.56 -32.42
CA LEU B 830 39.74 32.30 -31.12
C LEU B 830 40.68 32.82 -30.02
N GLU B 831 41.97 32.53 -30.19
CA GLU B 831 43.00 32.95 -29.24
C GLU B 831 43.05 34.46 -29.05
N SER B 832 42.98 35.25 -30.12
CA SER B 832 43.10 36.72 -29.95
C SER B 832 41.88 37.30 -29.25
N ARG B 833 40.69 36.79 -29.60
CA ARG B 833 39.46 37.28 -28.97
C ARG B 833 39.46 37.01 -27.46
N VAL B 834 39.93 35.84 -27.03
CA VAL B 834 40.11 35.61 -25.60
C VAL B 834 41.13 36.59 -25.04
N GLU B 835 42.19 36.88 -25.77
CA GLU B 835 43.19 37.79 -25.29
C GLU B 835 42.64 39.20 -25.34
N ALA B 836 41.72 39.45 -26.27
CA ALA B 836 41.20 40.79 -26.48
C ALA B 836 40.34 41.16 -25.33
N PHE B 837 39.52 40.17 -24.97
CA PHE B 837 38.60 40.21 -23.85
C PHE B 837 39.33 40.49 -22.52
N LEU B 838 40.47 39.83 -22.33
CA LEU B 838 41.18 39.82 -21.04
C LEU B 838 41.66 41.25 -20.75
N ILE B 839 42.01 41.97 -21.82
CA ILE B 839 42.27 43.42 -21.80
C ILE B 839 41.05 44.27 -21.33
N THR B 840 39.92 44.09 -22.02
CA THR B 840 38.62 44.66 -21.69
C THR B 840 38.29 44.37 -20.23
N MET B 841 38.74 43.20 -19.78
CA MET B 841 38.42 42.76 -18.46
C MET B 841 39.30 43.46 -17.46
N GLU B 842 40.54 43.78 -17.85
CA GLU B 842 41.43 44.56 -16.98
C GLU B 842 40.83 45.95 -16.77
N LYS B 843 40.45 46.60 -17.87
CA LYS B 843 39.85 47.94 -17.82
C LYS B 843 38.59 47.90 -16.93
N SER B 844 37.75 46.90 -17.15
CA SER B 844 36.54 46.81 -16.37
C SER B 844 36.77 46.73 -14.84
N ILE B 845 37.84 46.07 -14.40
CA ILE B 845 38.12 45.98 -12.95
C ILE B 845 38.68 47.30 -12.38
N GLU B 846 39.51 48.00 -13.18
CA GLU B 846 39.95 49.37 -12.91
C GLU B 846 38.77 50.32 -12.60
N ASP B 847 37.67 50.14 -13.32
CA ASP B 847 36.58 51.07 -13.22
C ASP B 847 35.52 50.56 -12.26
N MET B 848 35.32 49.25 -12.15
CA MET B 848 34.21 48.75 -11.32
C MET B 848 34.26 49.28 -9.89
N THR B 849 33.08 49.68 -9.42
CA THR B 849 32.89 50.26 -8.07
C THR B 849 33.12 49.28 -6.92
N GLU B 850 33.55 49.80 -5.78
CA GLU B 850 33.66 48.98 -4.56
C GLU B 850 32.38 48.20 -4.26
N GLU B 851 31.26 48.88 -4.42
CA GLU B 851 29.94 48.26 -4.29
C GLU B 851 29.84 47.03 -5.23
N ALA B 852 30.24 47.21 -6.50
CA ALA B 852 30.10 46.13 -7.51
C ALA B 852 30.97 44.96 -7.09
N PHE B 853 32.25 45.26 -6.83
CA PHE B 853 33.19 44.29 -6.31
C PHE B 853 32.68 43.42 -5.14
N GLN B 854 32.04 44.02 -4.14
CA GLN B 854 31.56 43.25 -3.01
C GLN B 854 30.34 42.39 -3.33
N LYS B 855 29.56 42.79 -4.34
CA LYS B 855 28.46 41.95 -4.86
C LYS B 855 29.04 40.58 -5.28
N HIS B 856 30.17 40.66 -6.01
CA HIS B 856 30.98 39.50 -6.44
C HIS B 856 31.52 38.69 -5.28
N ILE B 857 32.39 39.29 -4.46
CA ILE B 857 32.87 38.62 -3.25
C ILE B 857 31.69 37.89 -2.57
N GLN B 858 30.57 38.60 -2.51
CA GLN B 858 29.38 38.07 -1.88
C GLN B 858 28.83 36.86 -2.65
N ALA B 859 28.80 36.91 -3.98
CA ALA B 859 28.24 35.81 -4.76
C ALA B 859 29.11 34.58 -4.65
N LEU B 860 30.42 34.75 -4.82
CA LEU B 860 31.34 33.65 -4.63
C LEU B 860 31.09 32.98 -3.27
N ALA B 861 31.12 33.84 -2.23
CA ALA B 861 30.73 33.51 -0.88
C ALA B 861 29.52 32.59 -0.85
N ILE B 862 28.35 33.06 -1.32
CA ILE B 862 27.11 32.26 -1.20
C ILE B 862 27.22 30.92 -1.93
N ARG B 863 27.90 30.96 -3.08
CA ARG B 863 28.14 29.79 -3.92
C ARG B 863 28.96 28.71 -3.15
N ARG B 864 30.08 29.10 -2.54
CA ARG B 864 31.00 28.17 -1.91
C ARG B 864 30.43 27.55 -0.64
N LEU B 865 29.54 28.31 -0.01
CA LEU B 865 29.05 28.02 1.32
C LEU B 865 27.68 27.39 1.32
N ASP B 866 27.04 27.34 0.17
CA ASP B 866 25.73 26.72 -0.02
C ASP B 866 25.61 25.28 0.50
N LYS B 867 24.71 25.07 1.46
CA LYS B 867 24.61 23.80 2.19
C LYS B 867 24.22 22.59 1.30
N PRO B 868 24.85 21.42 1.54
CA PRO B 868 24.42 20.18 0.87
C PRO B 868 22.96 19.80 1.18
N LYS B 869 22.08 19.58 0.18
CA LYS B 869 20.66 19.24 0.50
C LYS B 869 20.40 17.73 0.54
N LYS B 870 21.24 16.93 -0.12
CA LYS B 870 21.14 15.47 0.03
C LYS B 870 22.37 14.82 0.57
N LEU B 871 22.21 13.67 1.22
CA LEU B 871 23.36 12.94 1.78
C LEU B 871 24.53 12.78 0.78
N SER B 872 24.30 12.30 -0.42
CA SER B 872 25.45 12.12 -1.29
C SER B 872 26.10 13.43 -1.82
N ALA B 873 25.42 14.56 -1.71
CA ALA B 873 26.07 15.83 -2.04
C ALA B 873 27.12 16.14 -0.97
N GLU B 874 26.74 15.98 0.29
CA GLU B 874 27.69 15.97 1.40
C GLU B 874 28.80 14.95 1.19
N SER B 875 28.50 13.70 0.84
CA SER B 875 29.57 12.73 0.67
C SER B 875 30.59 13.08 -0.40
N ALA B 876 30.11 13.62 -1.52
CA ALA B 876 30.99 14.05 -2.62
C ALA B 876 31.98 15.12 -2.13
N LYS B 877 31.48 16.05 -1.34
CA LYS B 877 32.29 17.04 -0.66
C LYS B 877 33.40 16.36 0.15
N TYR B 878 33.10 15.43 1.04
CA TYR B 878 34.16 14.70 1.76
C TYR B 878 35.04 13.82 0.88
N TRP B 879 34.42 13.03 0.00
CA TRP B 879 35.20 12.24 -0.93
C TRP B 879 36.22 13.11 -1.72
N GLY B 880 35.79 14.35 -2.08
CA GLY B 880 36.64 15.33 -2.77
C GLY B 880 37.92 15.57 -2.01
N GLU B 881 37.82 16.05 -0.78
CA GLU B 881 38.92 16.14 0.16
C GLU B 881 39.73 14.84 0.35
N ILE B 882 39.06 13.68 0.39
CA ILE B 882 39.79 12.42 0.60
C ILE B 882 40.59 11.96 -0.62
N ILE B 883 39.99 11.73 -1.75
CA ILE B 883 40.81 11.30 -2.85
C ILE B 883 41.81 12.39 -3.21
N SER B 884 41.47 13.67 -3.07
CA SER B 884 42.44 14.69 -3.49
C SER B 884 43.60 14.72 -2.50
N GLN B 885 43.47 13.92 -1.47
CA GLN B 885 44.43 13.87 -0.37
C GLN B 885 44.73 15.20 0.28
N GLN B 886 43.77 16.11 0.31
CA GLN B 886 43.96 17.37 1.04
C GLN B 886 43.27 17.35 2.39
N TYR B 887 42.18 16.60 2.52
CA TYR B 887 41.54 16.29 3.81
C TYR B 887 41.06 17.52 4.59
N ASN B 888 40.79 18.60 3.87
CA ASN B 888 40.50 19.90 4.44
C ASN B 888 38.99 20.05 4.54
N PHE B 889 38.40 19.32 5.50
CA PHE B 889 36.95 19.18 5.58
C PHE B 889 36.22 20.43 5.92
N ASP B 890 36.89 21.42 6.55
CA ASP B 890 36.27 22.71 6.95
C ASP B 890 36.60 23.80 5.92
N ARG B 891 36.96 23.34 4.71
CA ARG B 891 37.56 24.17 3.66
C ARG B 891 36.75 25.43 3.39
N ASP B 892 35.43 25.25 3.23
CA ASP B 892 34.53 26.31 2.82
C ASP B 892 34.53 27.47 3.79
N ASN B 893 34.51 27.17 5.10
CA ASN B 893 34.56 28.24 6.10
C ASN B 893 35.88 29.02 6.05
N THR B 894 37.01 28.30 6.05
CA THR B 894 38.32 28.93 5.96
C THR B 894 38.42 29.82 4.72
N GLU B 895 38.10 29.25 3.55
CA GLU B 895 38.33 29.97 2.29
C GLU B 895 37.37 31.13 2.10
N VAL B 896 36.12 30.96 2.50
CA VAL B 896 35.21 32.10 2.40
C VAL B 896 35.70 33.24 3.37
N ALA B 897 36.06 32.88 4.61
CA ALA B 897 36.56 33.86 5.61
C ALA B 897 37.71 34.63 5.00
N TYR B 898 38.67 33.91 4.44
CA TYR B 898 39.73 34.59 3.71
C TYR B 898 39.24 35.40 2.47
N LEU B 899 38.30 34.84 1.71
CA LEU B 899 37.78 35.51 0.52
C LEU B 899 37.43 36.96 0.84
N LYS B 900 36.71 37.14 1.94
CA LYS B 900 36.21 38.45 2.32
C LYS B 900 37.33 39.50 2.58
N THR B 901 38.52 39.02 2.96
CA THR B 901 39.74 39.83 3.11
C THR B 901 40.28 40.40 1.82
N LEU B 902 39.89 39.83 0.69
CA LEU B 902 40.51 40.20 -0.58
C LEU B 902 40.05 41.55 -1.13
N THR B 903 40.98 42.44 -1.47
CA THR B 903 40.61 43.76 -2.04
C THR B 903 40.66 43.79 -3.57
N LYS B 904 40.06 44.81 -4.18
CA LYS B 904 40.10 45.02 -5.63
C LYS B 904 41.56 45.15 -6.08
N GLU B 905 42.39 45.53 -5.12
CA GLU B 905 43.82 45.68 -5.27
C GLU B 905 44.55 44.34 -5.41
N ASP B 906 44.13 43.40 -4.57
CA ASP B 906 44.74 42.09 -4.52
C ASP B 906 44.52 41.40 -5.85
N ILE B 907 43.29 41.49 -6.34
CA ILE B 907 42.93 40.87 -7.62
C ILE B 907 43.69 41.44 -8.80
N ILE B 908 43.81 42.76 -8.86
CA ILE B 908 44.67 43.38 -9.89
C ILE B 908 46.13 42.86 -9.82
N LYS B 909 46.79 43.00 -8.67
CA LYS B 909 48.18 42.49 -8.55
C LYS B 909 48.28 41.08 -9.08
N PHE B 910 47.38 40.22 -8.60
CA PHE B 910 47.29 38.85 -9.09
C PHE B 910 47.11 38.71 -10.61
N TYR B 911 46.16 39.44 -11.21
CA TYR B 911 46.04 39.49 -12.66
C TYR B 911 47.35 39.92 -13.32
N LYS B 912 47.80 41.11 -12.91
CA LYS B 912 49.01 41.74 -13.42
C LYS B 912 50.21 40.78 -13.38
N GLU B 913 50.33 40.00 -12.31
CA GLU B 913 51.48 39.09 -12.09
C GLU B 913 51.41 37.69 -12.71
N MET B 914 50.20 37.17 -12.87
CA MET B 914 49.94 35.79 -13.30
C MET B 914 49.28 35.64 -14.66
N LEU B 915 48.29 36.46 -14.97
CA LEU B 915 47.41 36.24 -16.14
C LEU B 915 47.59 37.19 -17.31
N ALA B 916 47.88 38.46 -17.06
CA ALA B 916 48.01 39.45 -18.13
C ALA B 916 49.04 39.05 -19.16
N VAL B 917 48.78 39.39 -20.42
CA VAL B 917 49.65 39.08 -21.56
C VAL B 917 51.18 39.20 -21.29
N ASP B 918 51.56 40.15 -20.42
CA ASP B 918 52.97 40.45 -20.15
C ASP B 918 53.29 40.24 -18.66
N ALA B 919 52.60 39.28 -18.07
CA ALA B 919 52.81 38.96 -16.68
C ALA B 919 54.18 38.32 -16.59
N PRO B 920 54.94 38.60 -15.53
CA PRO B 920 56.22 37.90 -15.42
C PRO B 920 56.01 36.39 -15.22
N ARG B 921 54.93 36.02 -14.57
CA ARG B 921 54.73 34.61 -14.26
C ARG B 921 53.72 33.89 -15.21
N ARG B 922 53.42 34.48 -16.37
CA ARG B 922 52.37 33.91 -17.20
C ARG B 922 52.81 32.54 -17.68
N HIS B 923 51.99 31.52 -17.42
CA HIS B 923 52.25 30.17 -17.88
C HIS B 923 51.12 29.71 -18.75
N LYS B 924 51.33 29.65 -20.05
CA LYS B 924 50.23 29.45 -20.94
C LYS B 924 50.35 28.21 -21.85
N VAL B 925 49.36 27.31 -21.78
CA VAL B 925 49.28 26.19 -22.75
C VAL B 925 47.96 26.29 -23.45
N SER B 926 47.95 25.87 -24.71
CA SER B 926 46.79 25.99 -25.57
C SER B 926 46.68 24.77 -26.46
N VAL B 927 45.52 24.13 -26.43
CA VAL B 927 45.27 23.01 -27.32
C VAL B 927 44.33 23.50 -28.41
N HIS B 928 44.64 23.23 -29.67
CA HIS B 928 43.84 23.75 -30.78
C HIS B 928 43.29 22.55 -31.51
N VAL B 929 41.98 22.35 -31.54
CA VAL B 929 41.51 21.26 -32.36
C VAL B 929 40.86 21.85 -33.60
N LEU B 930 41.50 21.67 -34.76
CA LEU B 930 41.02 22.17 -36.05
C LEU B 930 39.86 21.37 -36.55
N ALA B 931 38.90 22.08 -37.12
CA ALA B 931 37.77 21.48 -37.82
C ALA B 931 38.17 20.47 -38.89
N ARG B 932 37.22 19.60 -39.25
CA ARG B 932 37.47 18.65 -40.30
C ARG B 932 38.12 19.33 -41.52
N GLU B 933 37.60 20.50 -41.96
CA GLU B 933 38.01 21.19 -43.22
C GLU B 933 39.20 22.15 -43.23
N MET B 934 39.74 22.58 -42.09
CA MET B 934 40.71 23.72 -42.03
C MET B 934 42.15 23.66 -42.63
N ASP B 935 42.95 24.72 -42.41
CA ASP B 935 44.37 24.80 -42.88
C ASP B 935 45.50 24.48 -41.81
N SER B 936 45.64 25.32 -40.76
CA SER B 936 46.86 25.39 -39.88
C SER B 936 47.93 26.37 -40.43
N ASN B 950 32.27 46.92 -35.09
CA ASN B 950 33.33 45.93 -34.86
C ASN B 950 34.09 46.14 -33.52
N LEU B 951 35.09 45.28 -33.28
CA LEU B 951 35.44 44.77 -31.94
C LEU B 951 36.62 45.41 -31.21
N SER B 952 36.65 45.17 -29.90
CA SER B 952 37.78 45.50 -29.05
C SER B 952 39.08 44.99 -29.64
N GLN B 953 40.12 45.81 -29.48
CA GLN B 953 41.48 45.55 -29.92
C GLN B 953 42.17 44.34 -29.27
N ALA B 954 42.74 43.48 -30.11
CA ALA B 954 43.51 42.33 -29.62
C ALA B 954 45.00 42.69 -29.42
N PRO B 955 45.64 42.15 -28.35
CA PRO B 955 47.09 42.41 -28.12
C PRO B 955 47.97 41.55 -29.01
N ALA B 956 49.11 42.07 -29.46
CA ALA B 956 50.01 41.23 -30.26
C ALA B 956 50.67 40.21 -29.34
N LEU B 957 50.80 38.98 -29.82
CA LEU B 957 51.29 37.88 -28.98
C LEU B 957 52.65 37.32 -29.46
N PRO B 958 53.35 36.56 -28.58
CA PRO B 958 54.62 35.93 -28.99
C PRO B 958 54.45 34.72 -29.92
N GLN B 959 55.55 34.24 -30.51
CA GLN B 959 55.50 32.99 -31.26
C GLN B 959 55.47 31.96 -30.15
N PRO B 960 54.54 31.00 -30.20
CA PRO B 960 54.54 29.88 -29.25
C PRO B 960 55.45 28.75 -29.69
N GLU B 961 56.04 28.04 -28.74
CA GLU B 961 56.76 26.79 -28.97
C GLU B 961 55.67 25.77 -29.31
N VAL B 962 55.76 25.15 -30.49
CA VAL B 962 54.71 24.28 -31.01
C VAL B 962 55.08 22.84 -30.65
N ILE B 963 54.42 22.28 -29.63
CA ILE B 963 54.64 20.91 -29.16
C ILE B 963 54.49 19.90 -30.28
N GLN B 964 55.57 19.20 -30.62
CA GLN B 964 55.49 18.11 -31.61
C GLN B 964 55.16 16.80 -30.98
N ASN B 965 55.60 16.58 -29.75
CA ASN B 965 55.45 15.28 -29.15
C ASN B 965 55.08 15.45 -27.71
N MET B 966 54.02 14.76 -27.27
CA MET B 966 53.54 14.86 -25.87
C MET B 966 54.50 14.28 -24.87
N THR B 967 55.16 13.20 -25.23
CA THR B 967 56.09 12.63 -24.31
C THR B 967 57.31 13.54 -24.19
N GLU B 968 57.79 14.03 -25.33
CA GLU B 968 58.91 14.98 -25.37
C GLU B 968 58.66 16.27 -24.56
N PHE B 969 57.43 16.73 -24.63
CA PHE B 969 57.04 17.97 -24.01
C PHE B 969 57.19 17.79 -22.51
N LYS B 970 56.55 16.76 -22.00
CA LYS B 970 56.63 16.38 -20.60
C LYS B 970 58.06 16.11 -20.11
N ARG B 971 58.80 15.28 -20.84
CA ARG B 971 60.17 14.98 -20.45
C ARG B 971 60.95 16.31 -20.24
N GLY B 972 60.90 17.24 -21.22
CA GLY B 972 61.62 18.51 -21.12
C GLY B 972 61.12 19.58 -20.15
N LEU B 973 60.26 19.22 -19.20
CA LEU B 973 59.76 20.15 -18.20
C LEU B 973 59.79 19.54 -16.80
N PRO B 974 59.84 20.38 -15.74
CA PRO B 974 59.79 19.91 -14.37
C PRO B 974 58.36 19.52 -13.96
N LEU B 975 58.20 18.85 -12.82
CA LEU B 975 56.88 18.44 -12.33
C LEU B 975 56.69 19.07 -10.98
N PHE B 976 55.50 19.62 -10.72
CA PHE B 976 55.26 20.27 -9.44
C PHE B 976 55.50 19.31 -8.26
N PRO B 977 55.52 19.84 -7.02
CA PRO B 977 55.39 18.95 -5.85
C PRO B 977 53.97 18.43 -5.79
N LEU B 978 53.71 17.43 -4.95
CA LEU B 978 52.37 17.01 -4.53
C LEU B 978 51.93 17.81 -3.31
N VAL B 979 50.68 18.28 -3.30
CA VAL B 979 50.13 19.13 -2.19
C VAL B 979 50.21 18.45 -0.80
N LYS B 980 50.32 19.21 0.30
CA LYS B 980 50.37 18.57 1.66
C LYS B 980 48.97 18.41 2.33
N PRO B 981 48.74 17.26 3.03
CA PRO B 981 47.58 17.01 3.94
C PRO B 981 47.37 17.99 5.17
N HIS B 982 46.41 17.67 6.07
CA HIS B 982 45.89 18.58 7.10
C HIS B 982 45.56 17.76 8.39
C10 MGK C . -35.38 -27.82 22.80
N12 MGK C . -31.99 -29.27 19.49
C13 MGK C . -30.64 -29.29 19.46
C15 MGK C . -29.82 -30.52 19.86
C17 MGK C . -27.61 -29.42 20.26
C20 MGK C . -24.23 -28.41 21.48
C21 MGK C . -23.09 -27.68 21.08
C22 MGK C . -22.30 -27.01 22.04
C24 MGK C . -23.77 -27.78 23.81
C26 MGK C . -28.06 -30.54 18.06
O29 MGK C . -27.99 -28.38 16.88
C27 MGK C . -28.59 -29.48 17.06
O28 MGK C . -29.62 -29.77 16.39
N16 MGK C . -28.37 -30.48 19.54
C18 MGK C . -26.29 -29.91 20.88
C19 MGK C . -25.07 -29.11 20.39
C25 MGK C . -24.56 -28.45 22.86
C23 MGK C . -22.64 -27.06 23.40
O14 MGK C . -30.05 -28.30 19.09
C05 MGK C . -32.82 -30.46 19.60
C03 MGK C . -33.54 -30.81 18.31
O04 MGK C . -34.51 -30.13 18.03
O02 MGK C . -33.12 -31.93 17.43
C01 MGK C . -33.06 -31.89 16.00
C06 MGK C . -33.76 -30.44 20.82
C07 MGK C . -34.29 -29.15 21.43
N11 MGK C . -35.07 -29.10 22.53
N09 MGK C . -34.77 -27.03 21.89
C08 MGK C . -34.10 -27.84 21.02
ZN ZN D . -8.06 -17.58 16.89
C10 MGK E . 16.14 -1.66 -19.32
N12 MGK E . 12.92 1.29 -19.29
C13 MGK E . 13.06 2.61 -19.46
C15 MGK E . 12.60 3.18 -20.79
C17 MGK E . 11.93 5.27 -21.94
C20 MGK E . 14.96 6.58 -24.00
C21 MGK E . 16.22 6.02 -23.58
C22 MGK E . 17.31 5.92 -24.49
C24 MGK E . 15.91 6.93 -26.23
C26 MGK E . 11.98 5.21 -19.37
O29 MGK E . 12.69 7.54 -19.22
C27 MGK E . 13.03 6.32 -19.22
O28 MGK E . 14.23 6.05 -19.06
N16 MGK E . 11.83 4.44 -20.68
C18 MGK E . 13.28 5.27 -22.67
C19 MGK E . 13.78 6.67 -23.04
C25 MGK E . 14.83 7.03 -25.34
C23 MGK E . 17.14 6.38 -25.80
O14 MGK E . 13.57 3.35 -18.64
C05 MGK E . 12.77 0.51 -18.06
C03 MGK E . 11.57 0.81 -17.18
O04 MGK E . 11.63 0.55 -15.98
O02 MGK E . 10.29 1.33 -17.72
C01 MGK E . 9.58 2.50 -17.23
C06 MGK E . 14.08 0.54 -17.25
C07 MGK E . 15.12 -0.32 -17.95
N11 MGK E . 14.96 -1.05 -19.07
N09 MGK E . 17.05 -1.31 -18.39
C08 MGK E . 16.45 -0.47 -17.52
ZN ZN F . 18.82 26.42 -26.92
#